data_6PLM
#
_entry.id   6PLM
#
_cell.length_a   105.351
_cell.length_b   103.792
_cell.length_c   110.194
_cell.angle_alpha   90.00
_cell.angle_beta   104.69
_cell.angle_gamma   90.00
#
_symmetry.space_group_name_H-M   'P 1 21 1'
#
loop_
_entity.id
_entity.type
_entity.pdbx_description
1 polymer 'SidJ protein'
2 polymer Calmodulin-2
3 non-polymer 'CALCIUM ION'
4 non-polymer 'PYROPHOSPHATE 2-'
5 non-polymer 'ADENOSINE MONOPHOSPHATE'
6 water water
#
loop_
_entity_poly.entity_id
_entity_poly.type
_entity_poly.pdbx_seq_one_letter_code
_entity_poly.pdbx_strand_id
1 'polypeptide(L)'
;GHVKQYYFARRGETSTHDTSLPPPVKVLSGRSIPLKEIPFEATRNELVQIYLTSIDKLIKSNKLNSIPSQQIASHYLFLR
SLANSETDGIKKNQILSLAKPLGTYLASKEPHVWKMINELIEKSEYPIIHYLKNNRAHSNFMLALIHEYHKEPLTKNQSA
FVQKFRDSSVFLFPNPIYTAWLAHSYDEDSSFNPMFRERLSTNFYHSTLTDNLLLRTEPKEVTLSSEHHYKKEKGPIDSS
FRYQMSSDRLLRIQGRTLLFSTPQNDVVAVKVQKKGEPKSTLEEEFEMADYLLKHQRRLDVHSKLPQPLGQYSVKKSEIL
EISRGSLDFERFKTLIDDSKDLEVYVYKAPQSYFTYLHDKNQDLEDLTASVKTNVHDLFVLLREGIVFPQLADIFHTHFG
EDEREDKGRYQALVQLLNVLQFQLGRIDKWQKAVEYVNLRSSGLADLGDSLPITSLFTSSDFTKHYFSELLTGGYHPTFF
DKSSGTANSLFTGKRRLFGNYLYLNTIAEYLLVIQLTLGSYGDKVTRDMMDKPKKEAVWRELANVMFTSCAEAIHIMTGI
PQSRALTLLKQRANIEKHFRQTQFWMTPDYSKLDEDTLQMEQYSIYSGEPEYEFTDKLVSGVGLSVDGVHQDLGGYNRES
PLRELEKLLYATVTLIEGTMQLDKEFFKQLEQVEKILSGEIKTDANSCFEAVAQLLDLARPGCHFQKRLVLSYYEEAKLK
YPSAPTDAYDSRFQVVARTNAAITIQRFWREARKNLS
;
A,B
2 'polypeptide(L)'
;ADQLTEEQIAEFKEAFSLFDKDGDGTITTKELGTVMRSLGQNPTEAELQDMINEVDADGNGTIDFPEFLTMMARKMKDTD
SEEEIAEAFRVFDKDGNGYISAAELRHVMTNLGEKLTDEEVDEMIREADIDGDGQVNYEEFVQMMTA
;
C,D
#
loop_
_chem_comp.id
_chem_comp.type
_chem_comp.name
_chem_comp.formula
AMP non-polymer 'ADENOSINE MONOPHOSPHATE' 'C10 H14 N5 O7 P'
CA non-polymer 'CALCIUM ION' 'Ca 2'
POP non-polymer 'PYROPHOSPHATE 2-' 'H2 O7 P2 -2'
#
# COMPACT_ATOMS: atom_id res chain seq x y z
N HIS A 2 55.71 27.92 -11.12
CA HIS A 2 54.45 27.49 -10.43
C HIS A 2 54.81 26.70 -9.17
N VAL A 3 53.79 26.40 -8.34
CA VAL A 3 53.76 25.18 -7.48
C VAL A 3 52.69 24.21 -8.00
N LYS A 4 53.11 23.04 -8.47
CA LYS A 4 52.18 22.07 -9.08
C LYS A 4 51.08 21.68 -8.06
N GLN A 5 49.79 21.78 -8.47
CA GLN A 5 48.57 21.35 -7.71
C GLN A 5 48.11 19.95 -8.14
N TYR A 6 48.13 18.99 -7.22
CA TYR A 6 47.73 17.65 -7.56
C TYR A 6 47.85 16.78 -6.31
N TYR A 7 47.27 15.57 -6.40
CA TYR A 7 47.07 14.66 -5.26
C TYR A 7 48.10 13.52 -5.38
N PHE A 8 48.42 12.92 -4.25
CA PHE A 8 49.39 11.81 -4.18
C PHE A 8 48.62 10.50 -4.16
N ALA A 9 47.40 10.54 -4.65
CA ALA A 9 46.57 9.33 -4.71
C ALA A 9 45.95 9.24 -6.11
N ARG A 10 45.90 8.04 -6.66
CA ARG A 10 45.26 7.83 -7.98
C ARG A 10 44.15 6.79 -7.76
N ARG A 11 42.96 7.04 -8.28
CA ARG A 11 41.86 6.08 -8.05
C ARG A 11 41.66 5.23 -9.30
N GLY A 12 41.57 3.92 -9.11
CA GLY A 12 41.30 2.95 -10.16
C GLY A 12 40.22 1.97 -9.75
N GLU A 13 40.32 0.71 -10.20
CA GLU A 13 39.29 -0.35 -10.02
C GLU A 13 39.98 -1.68 -9.71
N THR A 14 39.29 -2.63 -9.12
CA THR A 14 39.92 -3.93 -8.88
C THR A 14 38.86 -5.04 -8.95
N SER A 15 39.35 -6.26 -8.87
CA SER A 15 38.51 -7.42 -9.09
C SER A 15 37.44 -7.52 -7.98
N THR A 16 37.86 -7.35 -6.71
CA THR A 16 37.02 -7.60 -5.52
C THR A 16 37.65 -6.96 -4.27
N HIS A 17 36.82 -6.54 -3.29
CA HIS A 17 37.35 -6.14 -2.00
C HIS A 17 37.38 -7.37 -1.07
N ASP A 18 36.85 -8.49 -1.55
CA ASP A 18 36.69 -9.70 -0.69
C ASP A 18 38.01 -10.47 -0.57
N THR A 19 38.97 -9.89 0.16
CA THR A 19 40.29 -10.52 0.43
C THR A 19 40.57 -10.43 1.94
N SER A 20 40.98 -11.54 2.55
CA SER A 20 41.32 -11.58 4.00
C SER A 20 40.15 -11.07 4.85
N LEU A 21 38.92 -11.50 4.55
CA LEU A 21 37.73 -11.05 5.33
C LEU A 21 37.26 -12.20 6.23
N PRO A 22 36.57 -11.92 7.35
CA PRO A 22 36.03 -12.98 8.20
C PRO A 22 35.31 -13.98 7.27
N PRO A 23 35.36 -15.31 7.50
CA PRO A 23 34.49 -16.22 6.76
C PRO A 23 33.04 -15.77 6.77
N PRO A 24 32.30 -15.96 5.64
CA PRO A 24 30.86 -15.68 5.58
C PRO A 24 30.04 -16.75 6.34
N VAL A 25 29.90 -16.57 7.65
CA VAL A 25 29.31 -17.53 8.50
C VAL A 25 28.69 -16.81 9.70
N LYS A 26 27.64 -17.39 10.25
CA LYS A 26 26.98 -16.95 11.43
C LYS A 26 26.79 -18.12 12.38
N VAL A 27 27.11 -17.89 13.66
CA VAL A 27 27.08 -18.98 14.66
C VAL A 27 25.90 -18.83 15.64
N LEU A 28 25.03 -19.84 15.66
CA LEU A 28 23.78 -19.83 16.39
C LEU A 28 23.58 -21.14 17.12
N SER A 29 23.60 -21.10 18.45
CA SER A 29 23.61 -22.31 19.24
C SER A 29 24.85 -23.14 18.87
N GLY A 30 26.00 -22.45 18.70
CA GLY A 30 27.24 -23.07 18.20
C GLY A 30 27.12 -23.89 16.89
N ARG A 31 26.10 -23.61 16.06
CA ARG A 31 26.01 -24.19 14.74
C ARG A 31 26.44 -23.10 13.74
N SER A 32 27.17 -23.52 12.71
CA SER A 32 27.79 -22.63 11.73
C SER A 32 26.89 -22.61 10.50
N ILE A 33 26.33 -21.45 10.20
CA ILE A 33 25.38 -21.32 9.12
C ILE A 33 26.07 -20.51 8.02
N PRO A 34 26.24 -21.04 6.78
CA PRO A 34 26.91 -20.30 5.71
C PRO A 34 26.03 -19.21 5.09
N LEU A 35 26.62 -18.05 4.83
CA LEU A 35 25.90 -16.90 4.22
C LEU A 35 26.24 -16.84 2.74
N LYS A 36 25.22 -16.86 1.88
CA LYS A 36 25.44 -16.83 0.42
C LYS A 36 24.90 -15.53 -0.16
N GLU A 37 25.57 -15.02 -1.19
CA GLU A 37 25.19 -13.75 -1.87
C GLU A 37 24.17 -14.03 -2.97
N ILE A 38 23.11 -13.23 -3.03
CA ILE A 38 22.14 -13.33 -4.16
C ILE A 38 22.70 -12.33 -5.18
N PRO A 39 23.20 -12.77 -6.36
CA PRO A 39 23.81 -11.85 -7.32
C PRO A 39 22.84 -10.79 -7.81
N PHE A 40 23.27 -9.52 -7.80
CA PHE A 40 22.37 -8.44 -8.12
C PHE A 40 22.05 -8.43 -9.61
N GLU A 41 23.08 -8.53 -10.45
CA GLU A 41 22.93 -8.32 -11.92
C GLU A 41 22.22 -9.53 -12.56
N ALA A 42 22.68 -10.72 -12.22
CA ALA A 42 22.04 -11.90 -12.79
C ALA A 42 20.57 -11.87 -12.40
N THR A 43 20.24 -11.44 -11.17
CA THR A 43 18.87 -11.60 -10.75
C THR A 43 18.01 -10.51 -11.40
N ARG A 44 18.51 -9.27 -11.46
CA ARG A 44 17.82 -8.16 -12.13
C ARG A 44 17.39 -8.60 -13.55
N ASN A 45 18.36 -9.18 -14.27
CA ASN A 45 18.16 -9.57 -15.67
C ASN A 45 17.12 -10.69 -15.82
N GLU A 46 17.13 -11.69 -14.93
CA GLU A 46 16.17 -12.76 -14.98
C GLU A 46 14.77 -12.15 -14.89
N LEU A 47 14.61 -11.10 -14.07
CA LEU A 47 13.30 -10.47 -13.92
C LEU A 47 12.91 -9.65 -15.15
N VAL A 48 13.86 -9.00 -15.83
CA VAL A 48 13.52 -8.28 -17.09
C VAL A 48 13.09 -9.30 -18.18
N GLN A 49 13.74 -10.48 -18.23
CA GLN A 49 13.28 -11.56 -19.10
C GLN A 49 11.85 -11.97 -18.74
N ILE A 50 11.56 -12.02 -17.44
CA ILE A 50 10.25 -12.46 -17.08
C ILE A 50 9.23 -11.38 -17.47
N TYR A 51 9.56 -10.12 -17.19
CA TYR A 51 8.80 -8.96 -17.67
C TYR A 51 8.55 -9.02 -19.18
N LEU A 52 9.57 -9.37 -19.97
CA LEU A 52 9.37 -9.40 -21.46
C LEU A 52 8.41 -10.52 -21.84
N THR A 53 8.56 -11.70 -21.27
CA THR A 53 7.61 -12.76 -21.48
C THR A 53 6.17 -12.30 -21.14
N SER A 54 6.00 -11.59 -20.01
CA SER A 54 4.70 -11.13 -19.55
C SER A 54 4.07 -10.10 -20.52
N ILE A 55 4.86 -9.20 -21.12
CA ILE A 55 4.38 -8.31 -22.17
C ILE A 55 3.86 -9.14 -23.37
N ASP A 56 4.65 -10.15 -23.73
CA ASP A 56 4.28 -11.05 -24.77
C ASP A 56 2.89 -11.59 -24.44
N LYS A 57 2.65 -11.97 -23.17
CA LYS A 57 1.36 -12.61 -22.79
C LYS A 57 0.24 -11.55 -22.74
N LEU A 58 0.57 -10.32 -22.32
CA LEU A 58 -0.35 -9.18 -22.38
C LEU A 58 -0.90 -9.03 -23.80
N ILE A 59 0.00 -8.94 -24.78
CA ILE A 59 -0.34 -8.73 -26.21
C ILE A 59 -1.35 -9.81 -26.63
N LYS A 60 -1.04 -11.07 -26.34
CA LYS A 60 -1.81 -12.21 -26.83
C LYS A 60 -3.20 -12.27 -26.18
N SER A 61 -3.48 -11.48 -25.14
CA SER A 61 -4.76 -11.56 -24.46
C SER A 61 -5.77 -10.50 -24.99
N ASN A 62 -5.38 -9.66 -25.95
CA ASN A 62 -6.10 -8.44 -26.39
C ASN A 62 -6.71 -7.70 -25.20
N LYS A 63 -6.02 -7.78 -24.05
CA LYS A 63 -6.42 -7.13 -22.81
C LYS A 63 -5.71 -5.78 -22.64
N LEU A 64 -5.04 -5.24 -23.67
CA LEU A 64 -4.39 -3.89 -23.64
C LEU A 64 -5.38 -2.83 -23.19
N ASN A 65 -6.60 -3.04 -23.64
CA ASN A 65 -7.76 -2.24 -23.39
C ASN A 65 -7.98 -2.06 -21.87
N SER A 66 -7.50 -3.01 -21.04
CA SER A 66 -7.91 -3.11 -19.63
C SER A 66 -6.87 -2.56 -18.65
N ILE A 67 -5.66 -2.20 -19.13
CA ILE A 67 -4.65 -1.50 -18.28
C ILE A 67 -4.73 0.00 -18.62
N PRO A 68 -4.61 0.90 -17.61
CA PRO A 68 -4.61 2.35 -17.86
C PRO A 68 -3.49 2.87 -18.77
N SER A 69 -3.70 4.07 -19.32
CA SER A 69 -2.89 4.60 -20.42
C SER A 69 -1.45 4.88 -19.93
N GLN A 70 -1.31 5.60 -18.81
CA GLN A 70 0.01 6.01 -18.26
C GLN A 70 0.87 4.75 -18.07
N GLN A 71 0.26 3.59 -17.82
CA GLN A 71 1.05 2.33 -17.74
C GLN A 71 1.48 1.86 -19.13
N ILE A 72 0.57 1.92 -20.10
CA ILE A 72 0.92 1.45 -21.44
C ILE A 72 2.08 2.30 -21.98
N ALA A 73 2.05 3.61 -21.67
CA ALA A 73 3.16 4.49 -22.00
C ALA A 73 4.45 3.99 -21.33
N SER A 74 4.37 3.69 -20.05
CA SER A 74 5.52 3.25 -19.34
C SER A 74 6.09 2.00 -19.98
N HIS A 75 5.20 1.08 -20.38
CA HIS A 75 5.67 -0.16 -20.99
C HIS A 75 6.34 0.17 -22.34
N TYR A 76 5.66 0.96 -23.18
CA TYR A 76 6.19 1.29 -24.50
C TYR A 76 7.57 1.97 -24.39
N LEU A 77 7.62 3.05 -23.62
CA LEU A 77 8.83 3.84 -23.44
C LEU A 77 9.93 3.00 -22.81
N PHE A 78 9.59 2.15 -21.84
CA PHE A 78 10.60 1.29 -21.30
C PHE A 78 11.15 0.35 -22.39
N LEU A 79 10.29 -0.19 -23.26
CA LEU A 79 10.77 -1.16 -24.24
C LEU A 79 11.62 -0.50 -25.34
N ARG A 80 11.31 0.73 -25.74
CA ARG A 80 12.16 1.56 -26.67
C ARG A 80 13.55 1.84 -26.08
N SER A 81 13.58 2.16 -24.79
CA SER A 81 14.82 2.50 -24.10
C SER A 81 15.69 1.24 -23.96
N LEU A 82 15.05 0.13 -23.60
CA LEU A 82 15.78 -1.08 -23.45
C LEU A 82 16.33 -1.50 -24.82
N ALA A 83 15.51 -1.39 -25.86
CA ALA A 83 15.93 -1.79 -27.24
C ALA A 83 17.20 -1.01 -27.63
N ASN A 84 17.17 0.32 -27.42
CA ASN A 84 18.29 1.23 -27.63
C ASN A 84 19.52 0.82 -26.79
N SER A 85 19.37 0.25 -25.59
CA SER A 85 20.51 -0.21 -24.78
C SER A 85 21.08 -1.58 -25.21
N GLU A 86 20.42 -2.27 -26.15
CA GLU A 86 20.74 -3.63 -26.51
C GLU A 86 21.55 -3.68 -27.80
N THR A 87 22.77 -4.19 -27.72
CA THR A 87 23.68 -4.17 -28.87
C THR A 87 23.45 -5.44 -29.74
N ASP A 88 22.95 -6.53 -29.16
CA ASP A 88 22.55 -7.69 -29.95
C ASP A 88 21.32 -7.33 -30.80
N GLY A 89 21.45 -7.45 -32.13
CA GLY A 89 20.39 -7.12 -33.09
C GLY A 89 19.16 -8.03 -32.98
N ILE A 90 19.39 -9.32 -32.67
CA ILE A 90 18.30 -10.33 -32.56
C ILE A 90 17.40 -10.02 -31.34
N LYS A 91 18.05 -9.64 -30.22
CA LYS A 91 17.34 -9.28 -28.98
C LYS A 91 16.71 -7.88 -29.12
N LYS A 92 17.49 -6.93 -29.61
CA LYS A 92 17.02 -5.61 -29.97
C LYS A 92 15.72 -5.73 -30.77
N ASN A 93 15.69 -6.75 -31.64
CA ASN A 93 14.59 -6.93 -32.55
C ASN A 93 13.44 -7.65 -31.86
N GLN A 94 13.73 -8.64 -31.01
CA GLN A 94 12.69 -9.25 -30.17
C GLN A 94 11.95 -8.12 -29.37
N ILE A 95 12.70 -7.13 -28.86
CA ILE A 95 12.18 -6.11 -27.93
C ILE A 95 11.22 -5.14 -28.65
N LEU A 96 11.56 -4.78 -29.88
CA LEU A 96 10.75 -3.85 -30.69
C LEU A 96 9.50 -4.51 -31.28
N SER A 97 9.55 -5.81 -31.59
CA SER A 97 8.33 -6.60 -31.93
C SER A 97 7.26 -6.41 -30.85
N LEU A 98 7.70 -6.48 -29.59
CA LEU A 98 6.83 -6.38 -28.41
C LEU A 98 6.36 -4.94 -28.26
N ALA A 99 7.22 -3.96 -28.56
CA ALA A 99 6.83 -2.55 -28.38
C ALA A 99 5.70 -2.19 -29.36
N LYS A 100 5.81 -2.74 -30.58
CA LYS A 100 5.09 -2.28 -31.77
C LYS A 100 3.58 -2.40 -31.59
N PRO A 101 2.99 -3.53 -31.11
CA PRO A 101 1.56 -3.60 -30.80
C PRO A 101 1.05 -2.56 -29.80
N LEU A 102 1.90 -2.16 -28.85
CA LEU A 102 1.54 -1.13 -27.88
C LEU A 102 1.46 0.22 -28.59
N GLY A 103 2.43 0.43 -29.50
CA GLY A 103 2.51 1.62 -30.34
C GLY A 103 1.34 1.71 -31.29
N THR A 104 0.97 0.58 -31.93
CA THR A 104 -0.19 0.51 -32.80
C THR A 104 -1.40 1.02 -32.00
N TYR A 105 -1.54 0.55 -30.75
CA TYR A 105 -2.74 0.80 -29.93
C TYR A 105 -2.80 2.29 -29.55
N LEU A 106 -1.72 2.82 -28.98
CA LEU A 106 -1.75 4.14 -28.39
C LEU A 106 -2.11 5.19 -29.46
N ALA A 107 -1.53 5.01 -30.65
CA ALA A 107 -1.74 5.85 -31.82
C ALA A 107 -3.25 5.98 -32.12
N SER A 108 -3.92 4.82 -32.14
CA SER A 108 -5.24 4.61 -32.64
C SER A 108 -6.32 4.97 -31.60
N LYS A 109 -6.03 4.87 -30.30
CA LYS A 109 -7.06 4.85 -29.21
C LYS A 109 -6.76 5.84 -28.06
N GLU A 110 -5.50 6.28 -27.91
CA GLU A 110 -5.13 7.24 -26.88
C GLU A 110 -4.06 8.17 -27.41
N PRO A 111 -4.41 9.12 -28.32
CA PRO A 111 -3.45 9.80 -29.17
C PRO A 111 -2.88 11.11 -28.62
N HIS A 112 -3.53 11.76 -27.65
CA HIS A 112 -2.85 12.86 -26.93
C HIS A 112 -1.59 12.28 -26.23
N VAL A 113 -1.73 11.02 -25.80
CA VAL A 113 -0.71 10.32 -25.08
C VAL A 113 0.41 9.89 -26.04
N TRP A 114 0.04 9.41 -27.25
CA TRP A 114 1.02 8.95 -28.28
C TRP A 114 1.91 10.10 -28.77
N LYS A 115 1.28 11.28 -28.89
CA LYS A 115 1.89 12.60 -29.13
C LYS A 115 2.86 13.02 -28.00
N MET A 116 2.50 12.80 -26.71
CA MET A 116 3.40 13.06 -25.51
C MET A 116 4.62 12.14 -25.58
N ILE A 117 4.39 10.86 -25.89
CA ILE A 117 5.45 9.84 -26.07
C ILE A 117 6.47 10.31 -27.13
N ASN A 118 5.99 10.62 -28.35
CA ASN A 118 6.92 10.85 -29.47
C ASN A 118 7.78 12.10 -29.21
N GLU A 119 7.34 13.02 -28.35
CA GLU A 119 8.15 14.18 -27.96
C GLU A 119 9.43 13.71 -27.23
N LEU A 120 9.23 12.84 -26.23
CA LEU A 120 10.33 12.31 -25.43
C LEU A 120 11.29 11.46 -26.31
N ILE A 121 10.74 10.80 -27.34
CA ILE A 121 11.48 9.88 -28.26
C ILE A 121 12.45 10.66 -29.18
N GLU A 122 12.09 11.91 -29.51
CA GLU A 122 12.90 12.78 -30.37
C GLU A 122 13.94 13.59 -29.58
N LYS A 123 13.83 13.58 -28.25
CA LYS A 123 14.84 14.10 -27.26
C LYS A 123 15.86 13.02 -26.83
N SER A 124 15.42 11.76 -26.78
CA SER A 124 16.23 10.81 -26.08
C SER A 124 16.22 9.40 -26.72
N GLU A 125 17.31 8.67 -26.47
CA GLU A 125 17.39 7.25 -26.73
C GLU A 125 16.84 6.45 -25.54
N TYR A 126 16.89 7.00 -24.32
CA TYR A 126 16.25 6.39 -23.11
C TYR A 126 15.14 7.30 -22.59
N PRO A 127 14.07 7.49 -23.39
CA PRO A 127 12.97 8.40 -23.02
C PRO A 127 12.19 8.05 -21.75
N ILE A 128 12.30 6.81 -21.30
CA ILE A 128 11.63 6.40 -20.06
C ILE A 128 12.12 7.25 -18.87
N ILE A 129 13.41 7.59 -18.82
CA ILE A 129 13.91 8.33 -17.67
C ILE A 129 13.28 9.74 -17.59
N HIS A 130 12.88 10.36 -18.72
CA HIS A 130 12.21 11.66 -18.67
C HIS A 130 10.75 11.47 -18.27
N TYR A 131 10.19 10.32 -18.61
CA TYR A 131 8.79 9.97 -18.29
C TYR A 131 8.58 9.77 -16.78
N LEU A 132 9.61 9.22 -16.12
CA LEU A 132 9.59 8.81 -14.69
C LEU A 132 10.22 9.88 -13.79
N LYS A 133 10.16 11.15 -14.21
CA LYS A 133 10.71 12.28 -13.41
C LYS A 133 9.69 12.77 -12.37
N ASN A 134 8.49 12.18 -12.33
CA ASN A 134 7.44 12.58 -11.35
C ASN A 134 6.91 11.34 -10.60
N ASN A 135 5.66 11.45 -10.15
CA ASN A 135 4.86 10.44 -9.40
C ASN A 135 4.78 9.09 -10.12
N ARG A 136 4.98 9.05 -11.44
CA ARG A 136 4.93 7.81 -12.28
C ARG A 136 6.00 6.79 -11.85
N ALA A 137 7.14 7.27 -11.34
CA ALA A 137 8.24 6.41 -10.85
C ALA A 137 7.69 5.52 -9.72
N HIS A 138 6.77 6.04 -8.91
CA HIS A 138 6.21 5.26 -7.78
C HIS A 138 5.32 4.11 -8.24
N SER A 139 4.77 4.20 -9.46
CA SER A 139 3.91 3.10 -9.95
C SER A 139 4.83 2.01 -10.53
N ASN A 140 4.86 0.84 -9.88
CA ASN A 140 5.74 -0.26 -10.34
C ASN A 140 5.04 -1.02 -11.46
N PHE A 141 5.06 -0.46 -12.66
CA PHE A 141 4.41 -1.06 -13.84
C PHE A 141 5.06 -2.40 -14.18
N MET A 142 6.37 -2.54 -13.96
CA MET A 142 7.04 -3.82 -14.35
C MET A 142 6.66 -4.98 -13.40
N LEU A 143 6.56 -4.70 -12.08
CA LEU A 143 6.15 -5.75 -11.10
C LEU A 143 4.66 -6.04 -11.19
N ALA A 144 3.87 -4.98 -11.37
CA ALA A 144 2.41 -5.14 -11.54
C ALA A 144 2.11 -6.15 -12.67
N LEU A 145 2.83 -6.08 -13.78
CA LEU A 145 2.48 -6.88 -14.93
C LEU A 145 2.99 -8.30 -14.75
N ILE A 146 4.16 -8.49 -14.12
CA ILE A 146 4.67 -9.79 -13.75
C ILE A 146 3.63 -10.44 -12.84
N HIS A 147 3.16 -9.69 -11.83
CA HIS A 147 2.13 -10.26 -11.00
C HIS A 147 0.90 -10.70 -11.82
N GLU A 148 0.43 -9.95 -12.82
CA GLU A 148 -0.76 -10.36 -13.60
C GLU A 148 -0.46 -11.58 -14.48
N TYR A 149 0.62 -11.55 -15.30
CA TYR A 149 0.76 -12.47 -16.43
C TYR A 149 1.75 -13.63 -16.20
N HIS A 150 2.62 -13.59 -15.17
CA HIS A 150 3.58 -14.69 -14.95
C HIS A 150 3.00 -15.63 -13.90
N LYS A 151 2.66 -16.87 -14.27
CA LYS A 151 1.80 -17.73 -13.41
C LYS A 151 2.60 -18.80 -12.65
N GLU A 152 3.90 -18.57 -12.44
CA GLU A 152 4.78 -19.44 -11.65
C GLU A 152 5.20 -18.69 -10.39
N PRO A 153 5.53 -19.37 -9.27
CA PRO A 153 6.19 -18.69 -8.15
C PRO A 153 7.51 -18.10 -8.65
N LEU A 154 7.89 -16.90 -8.15
CA LEU A 154 9.23 -16.38 -8.38
C LEU A 154 10.22 -17.31 -7.66
N THR A 155 11.44 -17.43 -8.13
CA THR A 155 12.48 -18.15 -7.39
C THR A 155 12.77 -17.43 -6.06
N LYS A 156 13.53 -18.08 -5.20
CA LYS A 156 13.94 -17.50 -3.92
C LYS A 156 14.72 -16.20 -4.16
N ASN A 157 15.72 -16.30 -5.04
CA ASN A 157 16.56 -15.15 -5.44
C ASN A 157 15.72 -14.00 -5.97
N GLN A 158 14.80 -14.33 -6.88
CA GLN A 158 13.97 -13.32 -7.54
C GLN A 158 13.06 -12.60 -6.53
N SER A 159 12.48 -13.39 -5.65
CA SER A 159 11.63 -12.94 -4.57
C SER A 159 12.36 -12.00 -3.59
N ALA A 160 13.58 -12.37 -3.21
CA ALA A 160 14.43 -11.54 -2.36
C ALA A 160 14.67 -10.17 -2.99
N PHE A 161 14.92 -10.13 -4.32
CA PHE A 161 15.23 -8.94 -5.09
C PHE A 161 14.01 -8.02 -5.09
N VAL A 162 12.88 -8.59 -5.45
CA VAL A 162 11.66 -7.88 -5.48
C VAL A 162 11.31 -7.33 -4.08
N GLN A 163 11.57 -8.05 -3.01
CA GLN A 163 11.28 -7.59 -1.64
C GLN A 163 12.00 -6.26 -1.35
N LYS A 164 13.30 -6.26 -1.65
CA LYS A 164 14.21 -5.10 -1.46
C LYS A 164 13.88 -3.93 -2.39
N PHE A 165 13.53 -4.18 -3.65
CA PHE A 165 13.30 -3.03 -4.57
C PHE A 165 11.92 -3.12 -5.20
N ARG A 166 10.88 -3.07 -4.36
CA ARG A 166 9.47 -3.14 -4.80
C ARG A 166 8.94 -1.72 -5.04
N ASP A 167 9.70 -0.72 -4.60
CA ASP A 167 9.29 0.70 -4.66
C ASP A 167 9.11 1.21 -6.09
N SER A 168 10.01 0.87 -7.01
CA SER A 168 9.87 1.42 -8.39
C SER A 168 10.41 0.46 -9.45
N SER A 169 9.88 0.54 -10.67
CA SER A 169 10.38 -0.23 -11.81
C SER A 169 11.82 0.16 -12.19
N VAL A 170 12.17 1.39 -11.89
CA VAL A 170 13.51 1.97 -12.05
C VAL A 170 14.60 0.99 -11.58
N PHE A 171 14.33 0.27 -10.50
CA PHE A 171 15.34 -0.63 -9.88
C PHE A 171 15.67 -1.83 -10.78
N LEU A 172 14.79 -2.12 -11.76
CA LEU A 172 14.99 -3.22 -12.68
C LEU A 172 15.77 -2.79 -13.93
N PHE A 173 15.91 -1.46 -14.14
CA PHE A 173 16.53 -0.95 -15.37
C PHE A 173 17.97 -1.44 -15.44
N PRO A 174 18.50 -1.76 -16.64
CA PRO A 174 19.93 -1.98 -16.77
C PRO A 174 20.74 -0.71 -16.48
N ASN A 175 22.04 -0.93 -16.24
CA ASN A 175 22.96 -0.02 -15.52
C ASN A 175 22.87 1.40 -16.10
N PRO A 176 23.04 1.54 -17.45
CA PRO A 176 23.14 2.85 -18.08
C PRO A 176 21.81 3.60 -18.04
N ILE A 177 20.69 2.85 -18.10
CA ILE A 177 19.39 3.47 -17.99
C ILE A 177 19.14 3.83 -16.52
N TYR A 178 19.49 2.97 -15.56
CA TYR A 178 19.26 3.37 -14.16
C TYR A 178 20.07 4.64 -13.79
N THR A 179 21.33 4.68 -14.25
CA THR A 179 22.28 5.68 -13.76
C THR A 179 21.84 7.06 -14.27
N ALA A 180 21.30 7.03 -15.49
CA ALA A 180 20.88 8.17 -16.18
C ALA A 180 19.55 8.63 -15.63
N TRP A 181 18.65 7.70 -15.30
CA TRP A 181 17.43 8.10 -14.59
C TRP A 181 17.81 8.83 -13.28
N LEU A 182 18.70 8.22 -12.52
CA LEU A 182 18.96 8.67 -11.13
C LEU A 182 19.47 10.10 -11.15
N ALA A 183 20.48 10.34 -12.00
CA ALA A 183 21.05 11.67 -12.16
C ALA A 183 20.01 12.67 -12.67
N HIS A 184 19.17 12.28 -13.63
CA HIS A 184 18.28 13.30 -14.20
C HIS A 184 17.09 13.50 -13.27
N SER A 185 16.98 12.68 -12.23
CA SER A 185 15.89 12.79 -11.26
C SER A 185 16.07 14.05 -10.39
N TYR A 186 17.28 14.63 -10.42
CA TYR A 186 17.68 15.78 -9.55
C TYR A 186 17.59 17.10 -10.33
N ASP A 187 17.02 17.08 -11.54
CA ASP A 187 17.14 18.14 -12.52
C ASP A 187 16.05 19.16 -12.27
N GLU A 188 16.13 20.32 -12.92
CA GLU A 188 15.21 21.46 -12.61
C GLU A 188 13.77 21.19 -13.06
N ASP A 189 13.61 20.38 -14.12
CA ASP A 189 12.31 20.00 -14.62
C ASP A 189 11.86 18.67 -14.00
N SER A 190 12.49 18.20 -12.92
CA SER A 190 12.08 16.91 -12.20
C SER A 190 11.37 17.21 -10.88
N SER A 191 10.29 16.49 -10.59
CA SER A 191 9.56 16.64 -9.33
C SER A 191 9.54 15.31 -8.56
N PHE A 192 10.40 14.35 -8.92
CA PHE A 192 10.51 13.12 -8.22
C PHE A 192 11.08 13.33 -6.81
N ASN A 193 10.55 12.50 -5.92
CA ASN A 193 10.80 12.46 -4.50
C ASN A 193 10.71 10.98 -4.12
N PRO A 194 11.77 10.33 -3.57
CA PRO A 194 11.67 8.94 -3.11
C PRO A 194 10.86 8.84 -1.81
N MET A 195 9.57 9.14 -1.95
CA MET A 195 8.60 9.10 -0.84
C MET A 195 7.21 8.76 -1.43
N PHE A 196 6.45 7.83 -0.82
CA PHE A 196 5.06 7.63 -1.28
C PHE A 196 4.14 7.14 -0.15
N ARG A 197 2.90 7.63 -0.19
CA ARG A 197 1.88 7.24 0.81
C ARG A 197 1.14 6.00 0.31
N GLU A 198 1.28 4.90 1.04
CA GLU A 198 0.56 3.67 0.69
C GLU A 198 -0.37 3.39 1.87
N ARG A 199 -1.66 3.19 1.58
CA ARG A 199 -2.71 3.10 2.61
C ARG A 199 -2.60 4.43 3.35
N LEU A 200 -2.48 4.42 4.68
CA LEU A 200 -2.29 5.70 5.40
C LEU A 200 -0.80 5.86 5.69
N SER A 201 -0.05 4.79 5.48
CA SER A 201 1.40 4.72 5.77
C SER A 201 2.24 5.52 4.76
N THR A 202 3.41 5.98 5.18
CA THR A 202 4.33 6.64 4.26
C THR A 202 5.67 5.90 4.23
N ASN A 203 6.17 5.77 2.99
CA ASN A 203 7.32 5.00 2.61
C ASN A 203 8.39 5.96 2.07
N PHE A 204 9.51 6.05 2.78
CA PHE A 204 10.67 6.82 2.43
C PHE A 204 11.67 5.83 1.86
N TYR A 205 12.17 6.03 0.63
CA TYR A 205 13.10 5.08 0.02
C TYR A 205 14.38 5.69 -0.58
N HIS A 206 14.79 6.88 -0.10
CA HIS A 206 16.04 7.49 -0.47
C HIS A 206 17.23 6.52 -0.34
N SER A 207 17.31 5.77 0.78
CA SER A 207 18.51 4.91 0.98
C SER A 207 18.60 3.86 -0.13
N THR A 208 17.44 3.36 -0.56
CA THR A 208 17.37 2.34 -1.58
C THR A 208 17.90 2.82 -2.96
N LEU A 209 17.78 4.12 -3.28
CA LEU A 209 18.37 4.62 -4.52
C LEU A 209 19.90 4.41 -4.48
N THR A 210 20.51 4.56 -3.30
CA THR A 210 21.90 4.52 -3.14
C THR A 210 22.36 3.06 -3.18
N ASP A 211 21.56 2.10 -2.64
CA ASP A 211 21.93 0.69 -2.65
C ASP A 211 21.79 0.10 -4.07
N ASN A 212 20.68 0.37 -4.72
CA ASN A 212 20.52 -0.02 -6.08
C ASN A 212 21.69 0.49 -6.88
N LEU A 213 22.10 1.73 -6.66
CA LEU A 213 23.22 2.27 -7.42
C LEU A 213 24.54 1.55 -7.06
N LEU A 214 24.88 1.53 -5.78
CA LEU A 214 26.15 0.97 -5.38
C LEU A 214 26.32 -0.51 -5.80
N LEU A 215 25.26 -1.27 -5.89
CA LEU A 215 25.39 -2.73 -6.20
C LEU A 215 25.75 -2.94 -7.69
N ARG A 216 25.57 -1.89 -8.50
CA ARG A 216 26.02 -1.90 -9.89
C ARG A 216 27.52 -1.52 -10.09
N THR A 217 28.21 -0.98 -9.08
CA THR A 217 29.51 -0.35 -9.25
C THR A 217 30.61 -1.40 -9.22
N GLU A 218 31.81 -0.99 -9.64
CA GLU A 218 32.96 -1.84 -9.57
C GLU A 218 33.70 -1.55 -8.28
N PRO A 219 34.38 -2.54 -7.71
CA PRO A 219 35.20 -2.27 -6.52
C PRO A 219 36.27 -1.21 -6.84
N LYS A 220 36.24 -0.09 -6.13
CA LYS A 220 37.29 0.90 -6.24
C LYS A 220 38.61 0.46 -5.55
N GLU A 221 39.67 1.17 -5.92
CA GLU A 221 41.02 0.96 -5.46
C GLU A 221 41.70 2.32 -5.48
N VAL A 222 42.39 2.69 -4.41
CA VAL A 222 43.22 3.89 -4.42
C VAL A 222 44.68 3.46 -4.17
N THR A 223 45.59 4.00 -5.01
CA THR A 223 47.08 3.90 -4.97
C THR A 223 47.66 5.25 -4.51
N LEU A 224 48.34 5.21 -3.36
CA LEU A 224 49.09 6.34 -2.81
C LEU A 224 50.49 6.30 -3.41
N SER A 225 51.03 7.45 -3.83
CA SER A 225 52.41 7.56 -4.32
C SER A 225 53.39 7.00 -3.28
N SER A 226 54.56 6.64 -3.80
CA SER A 226 55.77 6.43 -3.03
C SER A 226 56.06 7.61 -2.08
N GLU A 227 55.62 8.83 -2.46
CA GLU A 227 55.88 10.04 -1.68
C GLU A 227 54.76 10.31 -0.67
N HIS A 228 53.65 9.56 -0.72
CA HIS A 228 52.58 9.85 0.20
C HIS A 228 53.09 9.72 1.63
N HIS A 229 52.46 10.49 2.54
CA HIS A 229 52.70 10.47 4.02
C HIS A 229 52.74 9.06 4.59
N TYR A 230 51.93 8.15 4.03
CA TYR A 230 51.67 6.80 4.53
C TYR A 230 52.58 5.79 3.81
N LYS A 231 53.52 6.29 3.00
CA LYS A 231 54.35 5.47 2.11
C LYS A 231 55.84 5.80 2.28
N LYS A 232 56.23 7.07 2.04
CA LYS A 232 57.59 7.55 2.15
C LYS A 232 58.14 7.05 3.48
N GLU A 233 59.34 6.48 3.48
CA GLU A 233 59.96 6.11 4.76
C GLU A 233 60.69 7.34 5.32
N LYS A 234 60.26 7.79 6.50
CA LYS A 234 60.89 8.89 7.22
C LYS A 234 61.81 8.31 8.28
N GLY A 235 62.78 9.13 8.70
CA GLY A 235 63.64 8.79 9.82
C GLY A 235 62.97 9.17 11.13
N PRO A 236 63.67 9.03 12.28
CA PRO A 236 63.16 9.61 13.52
C PRO A 236 62.95 11.12 13.33
N ILE A 237 62.07 11.69 14.16
CA ILE A 237 61.81 13.13 14.30
C ILE A 237 63.01 13.81 14.94
N ASP A 238 63.41 14.97 14.41
CA ASP A 238 64.49 15.73 15.02
C ASP A 238 63.86 16.65 16.08
N SER A 239 64.42 16.67 17.29
CA SER A 239 63.93 17.55 18.33
C SER A 239 65.14 18.21 19.02
N SER A 240 65.76 19.17 18.34
CA SER A 240 66.96 19.77 18.82
C SER A 240 66.67 20.94 19.76
N PHE A 241 65.40 21.25 19.96
CA PHE A 241 65.04 22.38 20.85
C PHE A 241 64.09 21.92 21.94
N ARG A 242 64.26 22.47 23.14
CA ARG A 242 63.38 22.17 24.29
C ARG A 242 62.73 23.49 24.71
N TYR A 243 61.41 23.55 24.76
CA TYR A 243 60.73 24.79 25.16
C TYR A 243 60.87 24.95 26.68
N GLN A 244 61.30 26.12 27.15
CA GLN A 244 61.37 26.31 28.60
C GLN A 244 60.03 26.82 29.12
N MET A 245 59.36 25.99 29.94
CA MET A 245 58.01 26.32 30.41
C MET A 245 58.09 27.24 31.63
N SER A 246 57.40 28.38 31.52
CA SER A 246 57.18 29.29 32.58
C SER A 246 55.69 29.37 32.91
N SER A 247 55.39 29.25 34.20
CA SER A 247 54.02 29.39 34.73
C SER A 247 53.57 30.84 34.46
N ASP A 248 54.54 31.74 34.28
CA ASP A 248 54.28 33.17 34.00
C ASP A 248 53.54 33.31 32.66
N ARG A 249 53.91 32.49 31.67
CA ARG A 249 53.31 32.57 30.31
C ARG A 249 52.19 31.54 30.11
N LEU A 250 51.75 30.85 31.17
CA LEU A 250 50.69 29.82 30.99
C LEU A 250 49.31 30.50 30.95
N LEU A 251 48.69 30.54 29.77
CA LEU A 251 47.35 31.16 29.59
C LEU A 251 46.25 30.37 30.29
N ARG A 252 46.25 29.05 30.10
CA ARG A 252 45.22 28.16 30.70
C ARG A 252 45.53 26.70 30.35
N ILE A 253 44.77 25.78 30.93
CA ILE A 253 44.94 24.33 30.61
C ILE A 253 43.70 23.89 29.83
N GLN A 254 43.89 23.34 28.63
CA GLN A 254 42.75 22.81 27.85
C GLN A 254 42.98 21.30 27.71
N GLY A 255 42.10 20.49 28.28
CA GLY A 255 42.31 19.03 28.22
C GLY A 255 43.65 18.67 28.83
N ARG A 256 44.46 17.94 28.09
CA ARG A 256 45.81 17.50 28.54
C ARG A 256 46.86 18.43 27.92
N THR A 257 46.44 19.52 27.29
CA THR A 257 47.38 20.46 26.62
C THR A 257 47.52 21.72 27.47
N LEU A 258 48.77 22.12 27.74
CA LEU A 258 49.13 23.34 28.51
C LEU A 258 49.36 24.46 27.49
N LEU A 259 48.67 25.60 27.64
CA LEU A 259 48.76 26.69 26.63
C LEU A 259 49.56 27.88 27.18
N PHE A 260 50.58 28.29 26.44
CA PHE A 260 51.46 29.36 26.86
C PHE A 260 51.51 30.48 25.83
N SER A 261 51.56 31.72 26.31
CA SER A 261 51.58 32.91 25.44
C SER A 261 52.99 33.14 24.91
N THR A 262 53.08 33.93 23.85
CA THR A 262 54.35 34.28 23.29
C THR A 262 54.37 35.79 23.11
N PRO A 263 55.55 36.38 22.88
CA PRO A 263 55.63 37.77 22.42
C PRO A 263 54.86 38.08 21.12
N GLN A 264 54.63 37.09 20.27
CA GLN A 264 53.97 37.28 18.97
C GLN A 264 52.45 37.09 19.06
N ASN A 265 51.86 36.94 20.24
CA ASN A 265 50.39 36.89 20.26
C ASN A 265 49.79 35.61 19.62
N ASP A 266 50.61 34.67 19.12
CA ASP A 266 50.14 33.25 18.94
C ASP A 266 50.42 32.43 20.22
N VAL A 267 50.35 31.10 20.14
CA VAL A 267 50.36 30.22 21.35
C VAL A 267 51.32 29.05 21.15
N VAL A 268 52.12 28.74 22.18
CA VAL A 268 52.85 27.45 22.29
C VAL A 268 52.06 26.52 23.20
N ALA A 269 51.70 25.38 22.61
CA ALA A 269 51.04 24.24 23.23
C ALA A 269 52.05 23.12 23.56
N VAL A 270 51.96 22.60 24.79
CA VAL A 270 52.58 21.38 25.29
C VAL A 270 51.47 20.37 25.62
N LYS A 271 51.29 19.44 24.69
CA LYS A 271 50.30 18.39 24.74
C LYS A 271 50.94 17.23 25.46
N VAL A 272 50.35 16.85 26.60
CA VAL A 272 50.93 15.91 27.53
C VAL A 272 50.19 14.56 27.41
N GLN A 273 51.01 13.50 27.48
CA GLN A 273 50.63 12.11 27.28
C GLN A 273 49.57 11.67 28.31
N LYS A 274 48.48 11.06 27.77
CA LYS A 274 47.36 10.42 28.54
C LYS A 274 47.82 9.07 29.10
N LYS A 275 47.06 8.53 30.07
CA LYS A 275 47.16 7.12 30.52
C LYS A 275 46.89 6.22 29.33
N GLY A 276 47.81 5.28 29.04
CA GLY A 276 47.58 4.24 28.01
C GLY A 276 47.76 4.71 26.57
N GLU A 277 48.18 5.95 26.38
CA GLU A 277 48.48 6.51 25.06
C GLU A 277 49.92 6.16 24.74
N PRO A 278 50.20 5.45 23.62
CA PRO A 278 51.57 5.11 23.27
C PRO A 278 52.24 6.37 22.71
N LYS A 279 53.55 6.40 22.83
CA LYS A 279 54.39 7.44 22.32
C LYS A 279 54.04 7.76 20.86
N SER A 280 53.75 6.72 20.06
CA SER A 280 53.59 6.85 18.60
C SER A 280 52.42 7.76 18.19
N THR A 281 51.46 8.03 19.08
CA THR A 281 50.22 8.80 18.79
C THR A 281 50.51 10.31 18.67
N LEU A 282 51.33 10.77 19.63
CA LEU A 282 52.05 12.04 19.63
C LEU A 282 53.05 12.13 18.43
N GLU A 283 53.82 11.07 18.14
CA GLU A 283 54.73 11.11 17.00
C GLU A 283 53.95 11.38 15.68
N GLU A 284 52.82 10.70 15.48
CA GLU A 284 52.08 10.77 14.20
C GLU A 284 51.43 12.14 14.04
N GLU A 285 51.11 12.81 15.15
CA GLU A 285 50.52 14.18 15.09
C GLU A 285 51.65 15.12 14.62
N PHE A 286 52.86 14.94 15.16
CA PHE A 286 54.02 15.70 14.66
C PHE A 286 54.19 15.46 13.16
N GLU A 287 54.26 14.20 12.75
CA GLU A 287 54.60 13.87 11.37
C GLU A 287 53.52 14.34 10.36
N MET A 288 52.25 14.37 10.79
CA MET A 288 51.17 14.74 9.90
C MET A 288 51.07 16.27 9.84
N ALA A 289 51.43 16.98 10.92
CA ALA A 289 51.40 18.50 10.88
C ALA A 289 52.44 19.01 9.86
N ASP A 290 53.61 18.37 9.88
CA ASP A 290 54.77 18.66 9.06
C ASP A 290 54.49 18.39 7.57
N TYR A 291 53.94 17.21 7.26
CA TYR A 291 53.57 16.84 5.92
C TYR A 291 52.58 17.86 5.34
N LEU A 292 51.60 18.28 6.14
CA LEU A 292 50.61 19.14 5.63
C LEU A 292 51.21 20.54 5.52
N LEU A 293 52.12 20.92 6.42
CA LEU A 293 52.78 22.23 6.24
C LEU A 293 53.58 22.26 4.94
N LYS A 294 54.28 21.17 4.61
CA LYS A 294 55.13 21.11 3.43
C LYS A 294 54.30 21.09 2.14
N HIS A 295 53.22 20.32 2.11
CA HIS A 295 52.40 20.19 0.92
C HIS A 295 51.25 21.22 0.93
N GLN A 296 51.30 22.21 1.81
CA GLN A 296 50.16 23.08 1.96
C GLN A 296 49.79 23.71 0.62
N ARG A 297 50.79 24.17 -0.14
CA ARG A 297 50.54 24.91 -1.35
C ARG A 297 49.97 23.99 -2.44
N ARG A 298 50.58 22.80 -2.59
CA ARG A 298 50.16 21.71 -3.48
C ARG A 298 48.69 21.36 -3.31
N LEU A 299 48.21 21.35 -2.08
CA LEU A 299 46.86 20.87 -1.77
C LEU A 299 45.85 22.03 -1.65
N ASP A 300 46.32 23.27 -1.67
CA ASP A 300 45.45 24.37 -1.34
C ASP A 300 44.73 24.03 -0.05
N VAL A 301 45.48 23.65 1.01
CA VAL A 301 44.95 23.56 2.43
C VAL A 301 44.63 24.96 2.92
N HIS A 302 43.39 25.25 3.33
CA HIS A 302 43.01 26.58 3.82
C HIS A 302 43.25 26.72 5.34
N SER A 303 43.36 25.60 6.06
CA SER A 303 43.52 25.68 7.52
C SER A 303 44.77 26.48 7.90
N LYS A 304 44.73 27.09 9.07
CA LYS A 304 45.94 27.70 9.64
C LYS A 304 46.56 26.59 10.46
N LEU A 305 47.52 25.90 9.87
CA LEU A 305 48.14 24.69 10.44
C LEU A 305 49.00 24.96 11.66
N PRO A 306 49.04 24.02 12.61
CA PRO A 306 49.92 24.12 13.75
C PRO A 306 51.36 23.89 13.27
N GLN A 307 52.33 24.52 13.91
CA GLN A 307 53.73 24.31 13.49
C GLN A 307 54.41 23.43 14.53
N PRO A 308 54.82 22.20 14.18
CA PRO A 308 55.47 21.31 15.12
C PRO A 308 56.81 21.81 15.67
N LEU A 309 57.08 21.65 16.96
CA LEU A 309 58.34 22.15 17.57
C LEU A 309 59.18 21.03 18.20
N GLY A 310 58.57 19.99 18.76
CA GLY A 310 59.31 18.84 19.24
C GLY A 310 58.41 17.74 19.76
N GLN A 311 59.02 16.58 20.02
CA GLN A 311 58.39 15.40 20.58
C GLN A 311 59.42 14.71 21.49
N TYR A 312 59.24 14.87 22.81
CA TYR A 312 60.23 14.42 23.75
C TYR A 312 59.61 14.20 25.15
N SER A 313 60.42 13.65 26.05
CA SER A 313 60.02 13.28 27.39
C SER A 313 60.38 14.39 28.39
N VAL A 314 59.47 14.62 29.34
CA VAL A 314 59.54 15.68 30.34
C VAL A 314 59.17 15.06 31.69
N LYS A 315 59.90 15.41 32.76
CA LYS A 315 59.55 15.06 34.15
C LYS A 315 58.09 15.49 34.45
N LYS A 316 57.33 14.57 35.06
CA LYS A 316 56.06 14.90 35.66
C LYS A 316 56.25 15.93 36.77
N SER A 317 57.29 15.83 37.60
CA SER A 317 57.44 16.87 38.62
C SER A 317 57.39 18.26 37.97
N GLU A 318 57.92 18.39 36.74
CA GLU A 318 58.04 19.69 36.11
C GLU A 318 56.68 20.14 35.57
N ILE A 319 56.00 19.21 34.89
CA ILE A 319 54.64 19.43 34.38
C ILE A 319 53.71 19.83 35.55
N LEU A 320 53.83 19.13 36.69
CA LEU A 320 53.03 19.44 37.89
C LEU A 320 53.41 20.82 38.43
N GLU A 321 54.71 21.14 38.47
CA GLU A 321 55.14 22.37 39.09
C GLU A 321 54.64 23.58 38.31
N ILE A 322 54.47 23.45 36.99
CA ILE A 322 54.01 24.52 36.09
C ILE A 322 52.48 24.69 36.21
N SER A 323 51.75 23.57 36.13
CA SER A 323 50.28 23.58 36.04
C SER A 323 49.62 23.94 37.39
N ARG A 324 50.29 23.60 38.51
CA ARG A 324 49.76 23.63 39.91
C ARG A 324 48.73 24.75 40.15
N GLY A 325 49.07 25.98 39.76
CA GLY A 325 48.25 27.16 40.05
C GLY A 325 46.91 27.19 39.31
N SER A 326 46.86 26.71 38.07
CA SER A 326 45.77 27.13 37.17
C SER A 326 44.49 26.38 37.53
N LEU A 327 43.36 26.86 37.00
CA LEU A 327 42.06 26.18 37.17
C LEU A 327 42.02 25.05 36.14
N ASP A 328 41.39 23.96 36.53
CA ASP A 328 41.50 22.66 35.83
C ASP A 328 42.76 21.92 36.31
N PHE A 329 43.47 22.39 37.32
CA PHE A 329 44.71 21.64 37.64
C PHE A 329 44.40 20.17 37.97
N GLU A 330 43.36 19.92 38.77
CA GLU A 330 43.00 18.54 39.20
C GLU A 330 42.57 17.65 38.03
N ARG A 331 41.74 18.19 37.12
CA ARG A 331 41.26 17.39 35.97
C ARG A 331 42.46 16.98 35.11
N PHE A 332 43.37 17.92 34.88
CA PHE A 332 44.59 17.69 34.07
C PHE A 332 45.44 16.62 34.75
N LYS A 333 45.54 16.71 36.08
CA LYS A 333 46.35 15.75 36.88
C LYS A 333 45.80 14.34 36.66
N THR A 334 44.47 14.18 36.70
CA THR A 334 43.87 12.82 36.49
C THR A 334 44.03 12.33 35.05
N LEU A 335 43.90 13.24 34.08
CA LEU A 335 43.91 12.97 32.62
C LEU A 335 45.24 12.40 32.10
N ILE A 336 46.37 12.88 32.62
CA ILE A 336 47.75 12.60 32.12
C ILE A 336 48.27 11.29 32.73
N ASP A 337 49.16 10.63 31.99
CA ASP A 337 49.73 9.31 32.36
C ASP A 337 50.38 9.39 33.74
N ASP A 338 50.44 8.22 34.39
CA ASP A 338 51.01 8.01 35.70
C ASP A 338 52.35 7.30 35.50
N SER A 339 53.41 8.11 35.53
CA SER A 339 54.75 7.72 35.13
C SER A 339 55.60 8.95 35.47
N LYS A 340 56.88 8.78 35.74
CA LYS A 340 57.72 9.92 36.18
C LYS A 340 58.10 10.82 34.99
N ASP A 341 58.24 10.14 33.83
CA ASP A 341 58.59 10.68 32.50
C ASP A 341 57.36 10.55 31.59
N LEU A 342 56.86 11.70 31.12
CA LEU A 342 55.78 11.79 30.15
C LEU A 342 56.31 12.32 28.81
N GLU A 343 55.83 11.74 27.72
CA GLU A 343 56.07 12.28 26.38
C GLU A 343 55.18 13.51 26.19
N VAL A 344 55.73 14.57 25.58
CA VAL A 344 54.91 15.70 25.16
C VAL A 344 55.07 15.90 23.65
N TYR A 345 54.09 16.57 23.06
CA TYR A 345 54.25 17.12 21.71
C TYR A 345 54.07 18.63 21.83
N VAL A 346 55.04 19.37 21.30
CA VAL A 346 55.10 20.80 21.43
C VAL A 346 54.87 21.41 20.06
N TYR A 347 53.96 22.38 19.97
CA TYR A 347 53.70 23.02 18.69
C TYR A 347 53.25 24.46 18.92
N LYS A 348 53.16 25.23 17.83
CA LYS A 348 52.72 26.59 17.90
C LYS A 348 51.55 26.78 16.94
N ALA A 349 50.60 27.62 17.35
CA ALA A 349 49.34 27.73 16.66
C ALA A 349 48.70 29.08 16.94
N PRO A 350 47.84 29.63 16.06
CA PRO A 350 47.13 30.86 16.40
C PRO A 350 46.14 30.53 17.52
N GLN A 351 45.58 31.57 18.15
CA GLN A 351 44.57 31.46 19.24
C GLN A 351 43.31 30.77 18.72
N SER A 352 42.96 31.08 17.46
CA SER A 352 41.80 30.55 16.79
C SER A 352 41.81 29.01 16.72
N TYR A 353 42.98 28.39 16.82
CA TYR A 353 43.14 26.92 16.86
C TYR A 353 42.51 26.34 18.11
N PHE A 354 42.51 27.08 19.23
CA PHE A 354 42.02 26.51 20.50
C PHE A 354 40.53 26.84 20.71
N THR A 355 39.91 27.43 19.68
CA THR A 355 38.49 27.70 19.62
C THR A 355 37.73 26.62 18.82
N TYR A 356 36.74 26.01 19.48
CA TYR A 356 35.92 24.96 18.91
C TYR A 356 34.89 25.65 18.02
N LEU A 357 34.61 24.99 16.89
CA LEU A 357 33.89 25.55 15.76
C LEU A 357 32.43 25.89 16.14
N HIS A 358 31.99 25.43 17.31
CA HIS A 358 30.66 25.70 17.78
C HIS A 358 30.62 26.84 18.81
N ASP A 359 31.72 27.57 18.98
CA ASP A 359 31.88 28.54 20.09
C ASP A 359 30.89 29.70 19.94
N LYS A 360 30.08 29.99 20.97
CA LYS A 360 29.00 30.98 20.81
C LYS A 360 29.52 32.42 20.70
N ASN A 361 30.84 32.65 20.78
CA ASN A 361 31.37 34.02 20.70
C ASN A 361 31.63 34.45 19.25
N GLN A 362 31.68 33.49 18.31
CA GLN A 362 31.81 33.77 16.89
C GLN A 362 30.47 34.36 16.40
N ASP A 363 30.53 35.41 15.59
CA ASP A 363 29.28 35.80 14.93
C ASP A 363 29.14 34.99 13.62
N LEU A 364 27.96 35.07 13.00
CA LEU A 364 27.62 34.18 11.92
C LEU A 364 28.61 34.30 10.75
N GLU A 365 29.13 35.50 10.47
CA GLU A 365 30.06 35.69 9.34
C GLU A 365 31.32 34.86 9.59
N ASP A 366 31.95 35.00 10.78
CA ASP A 366 33.20 34.26 11.08
C ASP A 366 32.96 32.75 11.18
N LEU A 367 31.79 32.36 11.69
CA LEU A 367 31.50 30.96 11.82
C LEU A 367 31.43 30.38 10.41
N THR A 368 30.69 31.04 9.53
CA THR A 368 30.55 30.60 8.12
C THR A 368 31.91 30.43 7.43
N ALA A 369 32.80 31.40 7.65
CA ALA A 369 34.15 31.45 7.05
C ALA A 369 34.98 30.27 7.55
N SER A 370 34.84 29.98 8.84
CA SER A 370 35.47 28.89 9.49
C SER A 370 34.91 27.53 9.03
N VAL A 371 33.59 27.39 8.99
CA VAL A 371 32.99 26.14 8.54
C VAL A 371 33.52 25.87 7.12
N LYS A 372 33.51 26.92 6.26
CA LYS A 372 33.91 26.71 4.87
C LYS A 372 35.34 26.15 4.80
N THR A 373 36.25 26.68 5.65
CA THR A 373 37.64 26.23 5.72
C THR A 373 37.71 24.75 6.12
N ASN A 374 37.00 24.38 7.18
CA ASN A 374 36.99 23.02 7.69
C ASN A 374 36.49 22.05 6.62
N VAL A 375 35.36 22.39 6.01
CA VAL A 375 34.73 21.53 5.02
C VAL A 375 35.67 21.35 3.83
N HIS A 376 36.25 22.44 3.37
CA HIS A 376 37.22 22.43 2.24
C HIS A 376 38.34 21.41 2.53
N ASP A 377 38.99 21.51 3.70
CA ASP A 377 40.21 20.74 3.97
C ASP A 377 39.87 19.25 4.16
N LEU A 378 38.72 18.94 4.75
CA LEU A 378 38.28 17.56 4.97
C LEU A 378 38.20 16.83 3.61
N PHE A 379 37.57 17.44 2.60
CA PHE A 379 37.33 16.80 1.26
C PHE A 379 38.57 16.89 0.37
N VAL A 380 39.32 18.00 0.46
CA VAL A 380 40.59 18.06 -0.23
C VAL A 380 41.53 16.99 0.32
N LEU A 381 41.57 16.84 1.65
CA LEU A 381 42.44 15.79 2.26
C LEU A 381 41.95 14.40 1.89
N LEU A 382 40.62 14.23 1.75
CA LEU A 382 40.02 12.92 1.35
C LEU A 382 40.53 12.55 -0.05
N ARG A 383 40.62 13.53 -0.94
CA ARG A 383 41.12 13.35 -2.33
C ARG A 383 42.60 12.94 -2.30
N GLU A 384 43.35 13.48 -1.32
CA GLU A 384 44.79 13.17 -1.08
C GLU A 384 44.98 11.78 -0.45
N GLY A 385 43.90 11.15 0.03
CA GLY A 385 44.00 9.80 0.63
C GLY A 385 43.99 9.83 2.13
N ILE A 386 43.64 10.95 2.75
CA ILE A 386 43.71 11.01 4.25
C ILE A 386 42.28 11.08 4.83
N VAL A 387 41.97 10.18 5.75
CA VAL A 387 40.67 10.14 6.46
C VAL A 387 40.86 10.47 7.94
N PHE A 388 39.94 11.27 8.50
CA PHE A 388 39.94 11.49 9.96
C PHE A 388 38.69 10.88 10.54
N PRO A 389 38.80 9.68 11.12
CA PRO A 389 37.68 8.98 11.70
C PRO A 389 37.22 9.39 13.11
N GLN A 390 37.89 10.32 13.80
CA GLN A 390 37.38 10.73 15.12
C GLN A 390 37.45 12.25 15.25
N LEU A 391 36.76 12.94 14.34
CA LEU A 391 36.44 14.37 14.49
C LEU A 391 35.57 14.66 15.73
N ALA A 392 34.71 13.71 16.16
CA ALA A 392 33.69 13.86 17.25
C ALA A 392 33.42 12.49 17.87
N ASP A 393 32.75 12.46 19.01
CA ASP A 393 32.45 11.19 19.68
C ASP A 393 30.94 10.92 19.53
N ILE A 394 30.47 10.59 18.32
CA ILE A 394 29.02 10.30 18.07
C ILE A 394 28.72 8.81 18.26
N PHE A 395 27.71 8.55 19.10
CA PHE A 395 27.32 7.20 19.48
C PHE A 395 25.79 7.02 19.39
N HIS A 396 25.45 5.76 19.14
CA HIS A 396 24.11 5.28 19.14
C HIS A 396 23.90 4.42 20.40
N THR A 397 22.65 4.19 20.80
CA THR A 397 22.39 3.14 21.81
C THR A 397 21.00 2.50 21.58
N HIS A 398 21.09 1.17 21.33
CA HIS A 398 20.02 0.15 21.42
C HIS A 398 20.15 -0.52 22.79
N PHE A 399 18.99 -0.86 23.42
CA PHE A 399 18.91 -1.55 24.74
C PHE A 399 18.29 -2.93 24.53
N GLU A 405 22.58 -2.79 27.26
CA GLU A 405 22.92 -1.51 26.62
C GLU A 405 24.13 -1.69 25.70
N ASP A 406 23.99 -1.33 24.43
CA ASP A 406 25.10 -1.43 23.44
C ASP A 406 25.46 -0.03 22.95
N LYS A 407 26.64 0.48 23.35
CA LYS A 407 27.05 1.83 22.89
C LYS A 407 27.92 1.56 21.66
N GLY A 408 27.49 2.06 20.49
CA GLY A 408 28.24 1.78 19.25
C GLY A 408 28.53 3.05 18.49
N ARG A 409 29.58 3.02 17.67
CA ARG A 409 29.98 4.18 16.88
C ARG A 409 28.85 4.45 15.89
N TYR A 410 28.51 5.74 15.72
CA TYR A 410 27.38 6.16 14.88
C TYR A 410 27.75 5.88 13.41
N GLN A 411 26.82 5.28 12.67
CA GLN A 411 26.88 5.04 11.22
C GLN A 411 25.94 6.00 10.48
N ALA A 412 26.53 7.03 9.86
CA ALA A 412 25.75 8.00 9.11
C ALA A 412 24.81 7.37 8.06
N LEU A 413 25.21 6.28 7.37
CA LEU A 413 24.35 5.56 6.34
C LEU A 413 24.09 4.15 6.86
N VAL A 414 23.57 4.09 8.07
CA VAL A 414 23.33 2.83 8.76
C VAL A 414 22.56 1.84 7.88
N GLN A 415 21.57 2.29 7.10
CA GLN A 415 20.73 1.35 6.32
C GLN A 415 21.57 0.62 5.27
N LEU A 416 22.66 1.23 4.78
CA LEU A 416 23.39 0.58 3.71
C LEU A 416 24.31 -0.49 4.29
N LEU A 417 24.68 -0.36 5.58
CA LEU A 417 25.83 -1.10 6.13
C LEU A 417 25.39 -2.25 7.03
N ASN A 418 24.08 -2.37 7.25
CA ASN A 418 23.54 -3.49 7.96
C ASN A 418 22.31 -4.02 7.24
N VAL A 419 21.83 -5.15 7.75
CA VAL A 419 20.66 -5.89 7.37
C VAL A 419 19.44 -5.25 8.04
N LEU A 420 18.46 -4.91 7.22
CA LEU A 420 17.13 -4.51 7.69
C LEU A 420 17.23 -3.53 8.88
N GLN A 421 17.81 -2.35 8.61
CA GLN A 421 17.68 -1.16 9.43
C GLN A 421 17.25 -0.04 8.49
N PHE A 422 16.25 0.72 8.95
CA PHE A 422 15.39 1.43 8.04
C PHE A 422 15.71 2.94 8.10
N GLN A 423 16.09 3.46 9.28
CA GLN A 423 16.39 4.91 9.39
C GLN A 423 17.57 5.13 10.33
N LEU A 424 18.14 6.34 10.31
CA LEU A 424 19.28 6.70 11.20
C LEU A 424 18.78 6.60 12.64
N GLY A 425 19.60 6.00 13.51
CA GLY A 425 19.28 5.81 14.93
C GLY A 425 19.40 7.07 15.76
N ARG A 426 18.87 7.02 16.98
CA ARG A 426 18.91 8.16 17.93
C ARG A 426 20.37 8.50 18.23
N ILE A 427 20.70 9.80 18.29
CA ILE A 427 22.07 10.23 18.65
C ILE A 427 22.06 10.48 20.15
N ASP A 428 22.98 9.84 20.87
CA ASP A 428 23.06 9.95 22.35
C ASP A 428 23.79 11.23 22.76
N LYS A 429 23.21 12.00 23.67
CA LYS A 429 23.87 13.16 24.21
C LYS A 429 24.57 13.92 23.09
N TRP A 430 23.79 14.54 22.20
CA TRP A 430 24.28 14.94 20.87
C TRP A 430 25.25 16.11 20.93
N GLN A 431 24.98 17.07 21.81
CA GLN A 431 25.71 18.31 21.83
C GLN A 431 27.07 18.05 22.48
N LYS A 432 27.12 17.01 23.33
CA LYS A 432 28.35 16.59 23.98
C LYS A 432 29.25 15.88 22.99
N ALA A 433 28.64 15.21 22.02
CA ALA A 433 29.42 14.47 21.08
C ALA A 433 30.39 15.37 20.36
N VAL A 434 30.04 16.66 20.13
CA VAL A 434 30.88 17.64 19.45
C VAL A 434 31.52 18.65 20.42
N GLU A 435 31.27 18.54 21.73
CA GLU A 435 31.84 19.44 22.76
C GLU A 435 33.32 19.74 22.44
N TYR A 436 34.08 18.71 22.09
CA TYR A 436 35.53 18.78 21.86
C TYR A 436 35.90 18.42 20.43
N VAL A 437 35.05 18.82 19.48
CA VAL A 437 35.20 18.45 18.09
C VAL A 437 36.56 18.91 17.62
N ASN A 438 37.23 18.16 16.74
CA ASN A 438 38.54 18.58 16.22
C ASN A 438 38.38 19.53 15.00
N LEU A 439 37.29 20.26 14.93
CA LEU A 439 37.18 21.21 13.92
C LEU A 439 37.20 22.56 14.64
N ARG A 440 38.15 23.41 14.26
CA ARG A 440 38.38 24.59 15.01
C ARG A 440 38.11 25.81 14.13
N SER A 441 38.12 26.97 14.79
CA SER A 441 37.90 28.23 14.18
C SER A 441 38.97 28.50 13.10
N SER A 442 40.19 27.98 13.31
CA SER A 442 41.36 28.11 12.42
C SER A 442 41.29 27.12 11.24
N GLY A 443 40.49 26.06 11.41
CA GLY A 443 40.58 24.89 10.53
C GLY A 443 40.78 23.61 11.28
N LEU A 444 41.41 22.61 10.63
CA LEU A 444 41.50 21.22 11.21
C LEU A 444 42.47 21.17 12.37
N ALA A 445 42.22 20.26 13.29
CA ALA A 445 43.18 19.96 14.38
C ALA A 445 43.26 18.46 14.59
N ASP A 446 44.07 18.07 15.59
CA ASP A 446 44.24 16.70 16.04
C ASP A 446 44.50 15.80 14.82
N LEU A 447 45.50 16.17 14.03
CA LEU A 447 45.78 15.63 12.70
C LEU A 447 46.39 14.23 12.74
N GLY A 448 46.89 13.80 13.88
CA GLY A 448 47.52 12.48 13.99
C GLY A 448 46.49 11.35 14.02
N ASP A 449 45.30 11.64 14.53
CA ASP A 449 44.17 10.75 14.62
C ASP A 449 43.59 10.54 13.21
N SER A 450 44.36 9.90 12.34
CA SER A 450 44.06 9.88 10.91
C SER A 450 44.37 8.51 10.31
N LEU A 451 43.75 8.21 9.17
CA LEU A 451 43.82 6.91 8.51
C LEU A 451 44.11 7.13 7.04
N PRO A 452 44.90 6.21 6.44
CA PRO A 452 45.05 6.18 5.00
C PRO A 452 43.69 5.69 4.50
N ILE A 453 43.27 6.28 3.39
CA ILE A 453 42.02 5.93 2.75
C ILE A 453 42.00 4.45 2.40
N THR A 454 43.15 3.84 2.09
CA THR A 454 43.26 2.39 1.84
C THR A 454 42.70 1.54 3.00
N SER A 455 42.73 2.07 4.22
CA SER A 455 42.24 1.25 5.38
C SER A 455 40.71 1.04 5.31
N LEU A 456 39.96 1.86 4.52
CA LEU A 456 38.54 1.65 4.27
C LEU A 456 38.30 0.59 3.20
N PHE A 457 39.31 0.22 2.37
CA PHE A 457 39.10 -0.68 1.20
C PHE A 457 39.70 -2.08 1.49
N THR A 458 40.02 -2.35 2.76
CA THR A 458 40.59 -3.66 3.18
C THR A 458 40.19 -4.00 4.62
N SER A 459 40.53 -5.22 5.05
CA SER A 459 40.16 -5.64 6.36
C SER A 459 41.18 -5.14 7.38
N SER A 460 41.28 -3.81 7.51
CA SER A 460 42.11 -3.17 8.55
C SER A 460 41.58 -3.51 9.96
N ASP A 461 42.28 -3.10 11.00
CA ASP A 461 41.86 -3.37 12.37
C ASP A 461 40.56 -2.60 12.65
N PHE A 462 40.49 -1.39 12.07
CA PHE A 462 39.33 -0.46 12.04
C PHE A 462 38.09 -1.07 11.37
N THR A 463 38.16 -1.53 10.11
CA THR A 463 36.96 -2.03 9.45
C THR A 463 36.44 -3.31 10.14
N LYS A 464 37.38 -4.19 10.52
CA LYS A 464 37.00 -5.44 11.13
C LYS A 464 36.27 -5.12 12.42
N HIS A 465 36.69 -4.03 13.09
CA HIS A 465 36.11 -3.60 14.36
C HIS A 465 34.74 -2.93 14.20
N TYR A 466 34.61 -1.91 13.34
CA TYR A 466 33.40 -1.09 13.35
C TYR A 466 32.35 -1.52 12.33
N PHE A 467 32.70 -2.42 11.40
CA PHE A 467 31.81 -2.70 10.30
C PHE A 467 31.83 -4.18 9.94
N SER A 468 31.85 -5.05 10.94
CA SER A 468 32.09 -6.44 10.65
C SER A 468 30.83 -7.12 10.11
N GLU A 469 29.65 -6.51 10.28
CA GLU A 469 28.49 -7.11 9.63
C GLU A 469 28.66 -6.95 8.11
N LEU A 470 29.04 -5.75 7.69
CA LEU A 470 29.20 -5.49 6.31
C LEU A 470 30.33 -6.38 5.74
N LEU A 471 31.44 -6.58 6.46
CA LEU A 471 32.55 -7.47 5.94
C LEU A 471 32.21 -8.99 6.05
N THR A 472 31.35 -9.43 6.97
CA THR A 472 31.05 -10.84 7.12
C THR A 472 29.94 -11.32 6.15
N GLY A 473 28.76 -10.67 6.15
CA GLY A 473 27.58 -11.09 5.36
C GLY A 473 26.30 -10.92 6.19
N GLY A 474 25.14 -11.13 5.57
CA GLY A 474 23.85 -10.91 6.24
C GLY A 474 23.23 -12.20 6.75
N TYR A 475 22.92 -12.22 8.04
CA TYR A 475 22.06 -13.23 8.60
C TYR A 475 20.75 -12.61 9.11
N HIS A 476 19.65 -13.32 8.86
CA HIS A 476 18.39 -13.03 9.45
C HIS A 476 17.53 -14.26 9.20
N PRO A 477 16.62 -14.67 10.11
CA PRO A 477 15.87 -15.92 9.91
C PRO A 477 15.13 -16.03 8.57
N THR A 478 14.62 -14.92 8.02
CA THR A 478 13.85 -14.96 6.74
C THR A 478 14.77 -15.33 5.55
N PHE A 479 16.09 -15.16 5.70
CA PHE A 479 17.08 -15.48 4.67
C PHE A 479 17.37 -16.97 4.54
N PHE A 480 17.01 -17.78 5.53
CA PHE A 480 17.49 -19.14 5.63
C PHE A 480 16.71 -20.01 4.64
N ASP A 481 17.41 -20.61 3.67
CA ASP A 481 16.89 -21.74 2.86
C ASP A 481 17.02 -23.05 3.66
N LYS A 482 16.03 -23.95 3.54
CA LYS A 482 16.09 -25.29 4.19
C LYS A 482 16.70 -26.32 3.21
N SER A 483 16.34 -26.21 1.94
CA SER A 483 17.00 -26.98 0.89
C SER A 483 18.52 -26.72 0.87
N SER A 484 19.03 -25.49 0.65
CA SER A 484 20.53 -25.36 0.45
C SER A 484 21.29 -25.29 1.79
N GLY A 485 20.57 -25.21 2.93
CA GLY A 485 21.16 -25.11 4.28
C GLY A 485 21.85 -23.77 4.58
N THR A 486 21.67 -22.77 3.70
CA THR A 486 22.36 -21.45 3.72
C THR A 486 21.39 -20.28 3.98
N ALA A 487 21.96 -19.14 4.42
CA ALA A 487 21.27 -17.88 4.53
C ALA A 487 21.67 -16.98 3.34
N ASN A 488 20.71 -16.73 2.43
CA ASN A 488 20.96 -16.01 1.17
C ASN A 488 20.44 -14.57 1.29
N SER A 489 21.22 -13.61 0.80
CA SER A 489 20.79 -12.24 0.83
C SER A 489 21.45 -11.42 -0.28
N LEU A 490 20.89 -10.23 -0.56
CA LEU A 490 21.56 -9.25 -1.41
C LEU A 490 22.74 -8.70 -0.62
N PHE A 491 22.59 -8.71 0.70
CA PHE A 491 23.54 -8.04 1.55
C PHE A 491 24.94 -8.65 1.46
N THR A 492 25.00 -9.97 1.42
CA THR A 492 26.26 -10.74 1.40
C THR A 492 27.05 -10.40 0.15
N GLY A 493 26.39 -9.85 -0.86
CA GLY A 493 27.05 -9.41 -2.09
C GLY A 493 27.93 -8.18 -1.92
N LYS A 494 27.78 -7.48 -0.79
CA LYS A 494 28.49 -6.22 -0.46
C LYS A 494 29.95 -6.46 -0.07
N ARG A 495 30.32 -7.73 0.15
CA ARG A 495 31.70 -8.09 0.55
C ARG A 495 32.65 -7.66 -0.57
N ARG A 496 32.23 -7.85 -1.81
CA ARG A 496 32.99 -7.47 -3.04
C ARG A 496 33.14 -5.96 -3.13
N LEU A 497 32.09 -5.21 -2.77
CA LEU A 497 32.04 -3.72 -2.91
C LEU A 497 32.04 -3.01 -1.55
N PHE A 498 32.48 -3.67 -0.47
CA PHE A 498 32.37 -3.06 0.89
C PHE A 498 33.10 -1.72 0.97
N GLY A 499 34.26 -1.60 0.32
CA GLY A 499 35.03 -0.34 0.37
C GLY A 499 34.25 0.83 -0.23
N ASN A 500 33.46 0.59 -1.27
CA ASN A 500 32.75 1.68 -1.93
C ASN A 500 31.71 2.23 -0.93
N TYR A 501 31.23 1.37 -0.02
CA TYR A 501 30.19 1.73 0.96
C TYR A 501 30.82 2.60 2.06
N LEU A 502 31.98 2.18 2.58
CA LEU A 502 32.64 2.92 3.63
C LEU A 502 33.11 4.30 3.16
N TYR A 503 33.35 4.43 1.86
CA TYR A 503 33.80 5.64 1.24
C TYR A 503 32.67 6.68 1.34
N LEU A 504 31.48 6.32 0.87
CA LEU A 504 30.38 7.19 0.89
C LEU A 504 30.03 7.47 2.34
N ASN A 505 30.09 6.45 3.20
CA ASN A 505 29.73 6.64 4.61
C ASN A 505 30.55 7.79 5.20
N THR A 506 31.81 7.88 4.78
CA THR A 506 32.79 8.77 5.33
C THR A 506 32.39 10.20 4.93
N ILE A 507 31.96 10.38 3.67
CA ILE A 507 31.46 11.62 3.15
C ILE A 507 30.26 12.05 3.99
N ALA A 508 29.28 11.17 4.22
CA ALA A 508 28.11 11.59 5.05
C ALA A 508 28.50 11.96 6.47
N GLU A 509 29.41 11.18 7.05
CA GLU A 509 29.85 11.33 8.44
C GLU A 509 30.51 12.71 8.62
N TYR A 510 31.37 13.16 7.69
CA TYR A 510 31.95 14.47 7.82
C TYR A 510 30.81 15.49 7.93
N LEU A 511 29.84 15.43 7.02
CA LEU A 511 28.77 16.42 6.96
C LEU A 511 27.87 16.28 8.19
N LEU A 512 27.78 15.09 8.79
CA LEU A 512 26.99 14.89 10.03
C LEU A 512 27.60 15.65 11.20
N VAL A 513 28.95 15.65 11.28
CA VAL A 513 29.69 16.31 12.35
C VAL A 513 29.48 17.83 12.20
N ILE A 514 29.52 18.28 10.95
CA ILE A 514 29.32 19.72 10.64
C ILE A 514 27.92 20.11 11.10
N GLN A 515 26.93 19.26 10.83
CA GLN A 515 25.53 19.55 11.22
C GLN A 515 25.39 19.63 12.74
N LEU A 516 25.99 18.68 13.46
CA LEU A 516 25.93 18.68 14.94
C LEU A 516 26.64 19.91 15.50
N THR A 517 27.79 20.26 14.91
CA THR A 517 28.54 21.45 15.36
C THR A 517 27.68 22.69 15.15
N LEU A 518 27.02 22.78 14.00
CA LEU A 518 26.17 23.96 13.69
C LEU A 518 25.02 24.00 14.70
N GLY A 519 24.43 22.84 15.00
CA GLY A 519 23.30 22.76 15.95
C GLY A 519 23.74 23.21 17.33
N SER A 520 24.91 22.80 17.77
CA SER A 520 25.41 23.20 19.10
C SER A 520 25.56 24.73 19.12
N TYR A 521 26.13 25.28 18.05
CA TYR A 521 26.33 26.74 18.00
C TYR A 521 24.97 27.43 18.08
N GLY A 522 23.99 26.93 17.32
CA GLY A 522 22.66 27.55 17.30
C GLY A 522 21.99 27.50 18.67
N ASP A 523 22.05 26.35 19.33
CA ASP A 523 21.38 26.27 20.65
C ASP A 523 22.05 27.27 21.60
N LYS A 524 23.38 27.28 21.60
CA LYS A 524 24.08 28.17 22.56
C LYS A 524 23.75 29.63 22.27
N VAL A 525 23.73 30.03 21.00
CA VAL A 525 23.46 31.46 20.65
C VAL A 525 22.01 31.87 20.92
N THR A 526 21.05 30.97 20.68
CA THR A 526 19.63 31.36 20.80
C THR A 526 19.01 31.02 22.16
N ARG A 527 19.75 30.38 23.05
CA ARG A 527 19.13 29.95 24.32
C ARG A 527 18.58 31.17 25.09
N ASP A 528 19.34 32.26 25.15
CA ASP A 528 18.92 33.44 25.93
C ASP A 528 18.26 34.53 25.05
N MET A 529 18.14 34.30 23.75
CA MET A 529 17.51 35.34 22.89
C MET A 529 16.05 35.52 23.32
N MET A 530 15.58 36.77 23.36
CA MET A 530 14.25 37.08 23.77
C MET A 530 13.34 37.12 22.54
N ASP A 531 13.97 37.14 21.36
CA ASP A 531 13.38 37.62 20.11
C ASP A 531 13.11 36.43 19.16
N LYS A 532 11.83 36.02 19.11
CA LYS A 532 11.41 34.79 18.43
C LYS A 532 11.67 34.86 16.92
N PRO A 533 11.57 36.02 16.23
CA PRO A 533 11.95 36.09 14.81
C PRO A 533 13.47 36.07 14.59
N LYS A 534 14.21 36.65 15.54
CA LYS A 534 15.64 36.72 15.51
C LYS A 534 16.24 35.33 15.74
N LYS A 535 15.60 34.50 16.58
CA LYS A 535 16.04 33.11 16.79
C LYS A 535 15.87 32.37 15.48
N GLU A 536 14.67 32.47 14.91
CA GLU A 536 14.34 31.78 13.70
C GLU A 536 15.33 32.14 12.58
N ALA A 537 15.77 33.40 12.55
CA ALA A 537 16.77 33.86 11.63
C ALA A 537 18.04 33.00 11.76
N VAL A 538 18.60 32.90 12.97
CA VAL A 538 19.85 32.14 13.16
C VAL A 538 19.69 30.71 12.58
N TRP A 539 18.62 30.02 12.94
CA TRP A 539 18.38 28.64 12.50
C TRP A 539 18.15 28.57 10.97
N ARG A 540 17.55 29.59 10.34
CA ARG A 540 17.50 29.63 8.84
C ARG A 540 18.91 29.75 8.26
N GLU A 541 19.77 30.58 8.85
CA GLU A 541 21.11 30.73 8.31
C GLU A 541 21.93 29.43 8.51
N LEU A 542 21.76 28.72 9.63
CA LEU A 542 22.54 27.52 9.88
C LEU A 542 22.13 26.43 8.88
N ALA A 543 20.90 26.49 8.39
CA ALA A 543 20.41 25.61 7.34
C ALA A 543 21.08 25.91 6.00
N ASN A 544 21.21 27.20 5.68
CA ASN A 544 21.93 27.66 4.49
C ASN A 544 23.39 27.21 4.54
N VAL A 545 24.06 27.30 5.69
CA VAL A 545 25.47 26.89 5.79
C VAL A 545 25.52 25.39 5.58
N MET A 546 24.57 24.66 6.15
CA MET A 546 24.62 23.22 6.00
C MET A 546 24.40 22.81 4.53
N PHE A 547 23.44 23.44 3.84
CA PHE A 547 23.19 23.09 2.48
C PHE A 547 24.43 23.42 1.66
N THR A 548 25.04 24.59 1.91
CA THR A 548 26.14 25.08 1.16
C THR A 548 27.34 24.15 1.28
N SER A 549 27.65 23.74 2.52
CA SER A 549 28.71 22.74 2.82
C SER A 549 28.46 21.47 2.01
N CYS A 550 27.23 21.02 1.95
CA CYS A 550 27.00 19.79 1.20
C CYS A 550 27.34 20.01 -0.28
N ALA A 551 27.09 21.23 -0.77
CA ALA A 551 27.37 21.57 -2.15
C ALA A 551 28.87 21.71 -2.38
N GLU A 552 29.59 22.22 -1.38
CA GLU A 552 31.05 22.34 -1.51
C GLU A 552 31.64 20.93 -1.66
N ALA A 553 31.13 19.97 -0.87
CA ALA A 553 31.59 18.60 -0.96
C ALA A 553 31.31 18.06 -2.37
N ILE A 554 30.11 18.22 -2.91
CA ILE A 554 29.86 17.83 -4.31
C ILE A 554 30.93 18.45 -5.25
N HIS A 555 31.07 19.78 -5.17
CA HIS A 555 32.05 20.50 -6.01
C HIS A 555 33.43 19.82 -5.94
N ILE A 556 33.96 19.56 -4.74
CA ILE A 556 35.32 19.12 -4.60
C ILE A 556 35.48 17.66 -5.07
N MET A 557 34.45 16.84 -4.86
CA MET A 557 34.55 15.41 -5.25
C MET A 557 34.21 15.18 -6.75
N THR A 558 33.48 16.08 -7.41
CA THR A 558 32.96 15.83 -8.81
C THR A 558 33.30 16.92 -9.82
N GLY A 559 33.34 18.16 -9.35
CA GLY A 559 33.76 19.24 -10.18
C GLY A 559 32.58 19.97 -10.75
N ILE A 560 31.37 19.49 -10.41
CA ILE A 560 30.11 20.19 -10.63
C ILE A 560 30.23 21.55 -9.98
N PRO A 561 29.89 22.64 -10.68
CA PRO A 561 29.93 23.97 -10.10
C PRO A 561 29.02 23.94 -8.85
N GLN A 562 29.43 24.65 -7.81
CA GLN A 562 28.71 24.64 -6.51
C GLN A 562 27.28 25.15 -6.70
N SER A 563 27.08 26.17 -7.53
CA SER A 563 25.72 26.73 -7.73
C SER A 563 24.80 25.64 -8.28
N ARG A 564 25.28 24.85 -9.24
CA ARG A 564 24.46 23.73 -9.81
C ARG A 564 24.23 22.67 -8.74
N ALA A 565 25.27 22.37 -7.95
CA ALA A 565 25.19 21.34 -6.89
C ALA A 565 24.14 21.75 -5.85
N LEU A 566 24.11 23.03 -5.47
CA LEU A 566 23.12 23.54 -4.50
C LEU A 566 21.72 23.39 -5.10
N THR A 567 21.58 23.67 -6.40
CA THR A 567 20.27 23.54 -7.09
C THR A 567 19.84 22.07 -7.13
N LEU A 568 20.78 21.15 -7.40
CA LEU A 568 20.45 19.71 -7.47
C LEU A 568 19.99 19.20 -6.10
N LEU A 569 20.65 19.67 -5.03
CA LEU A 569 20.31 19.27 -3.68
C LEU A 569 18.89 19.73 -3.37
N LYS A 570 18.49 20.92 -3.77
CA LYS A 570 17.21 21.51 -3.31
C LYS A 570 16.01 20.89 -4.03
N GLN A 571 16.26 20.25 -5.16
CA GLN A 571 15.29 19.39 -5.81
C GLN A 571 14.88 18.26 -4.87
N ARG A 572 15.81 17.79 -4.04
CA ARG A 572 15.61 16.54 -3.29
C ARG A 572 15.40 16.82 -1.80
N ALA A 573 16.19 17.72 -1.23
CA ALA A 573 16.10 18.07 0.19
C ALA A 573 15.47 19.47 0.35
N ASN A 574 14.48 19.62 1.24
CA ASN A 574 13.73 20.85 1.46
C ASN A 574 14.36 21.66 2.61
N ILE A 575 14.78 22.88 2.33
CA ILE A 575 15.54 23.65 3.27
C ILE A 575 14.61 24.32 4.29
N GLU A 576 13.35 24.54 3.93
CA GLU A 576 12.35 25.06 4.90
C GLU A 576 12.17 24.02 6.00
N LYS A 577 11.89 22.78 5.61
CA LYS A 577 11.75 21.68 6.57
C LYS A 577 13.04 21.45 7.39
N HIS A 578 14.22 21.50 6.78
CA HIS A 578 15.41 21.20 7.54
C HIS A 578 15.59 22.22 8.68
N PHE A 579 15.36 23.49 8.38
CA PHE A 579 15.56 24.56 9.33
C PHE A 579 14.56 24.38 10.46
N ARG A 580 13.34 24.00 10.12
CA ARG A 580 12.25 23.85 11.12
C ARG A 580 12.55 22.69 12.08
N GLN A 581 13.02 21.58 11.54
CA GLN A 581 13.28 20.37 12.27
C GLN A 581 14.50 20.57 13.17
N THR A 582 15.58 21.09 12.60
CA THR A 582 16.74 21.32 13.41
C THR A 582 16.39 22.22 14.61
N GLN A 583 15.61 23.29 14.34
CA GLN A 583 15.34 24.32 15.35
C GLN A 583 14.47 23.74 16.48
N PHE A 584 13.51 22.89 16.10
CA PHE A 584 12.61 22.26 17.06
C PHE A 584 13.33 21.23 17.98
N TRP A 585 14.08 20.29 17.40
CA TRP A 585 14.62 19.15 18.13
C TRP A 585 15.96 19.46 18.79
N MET A 586 16.64 20.53 18.35
CA MET A 586 17.97 20.86 18.91
C MET A 586 17.86 21.97 19.98
N THR A 587 16.65 22.30 20.43
CA THR A 587 16.42 23.24 21.51
C THR A 587 15.49 22.56 22.53
N PRO A 588 15.41 23.03 23.78
CA PRO A 588 14.61 22.36 24.78
C PRO A 588 13.14 22.77 24.79
N ASP A 589 12.78 23.77 23.99
CA ASP A 589 11.45 24.43 24.01
C ASP A 589 10.30 23.42 23.85
N TYR A 590 10.48 22.39 23.05
CA TYR A 590 9.43 21.40 22.91
C TYR A 590 9.15 20.66 24.22
N SER A 591 10.13 20.57 25.11
CA SER A 591 9.93 19.91 26.40
C SER A 591 8.79 20.55 27.22
N LYS A 592 8.32 21.76 26.88
CA LYS A 592 7.29 22.48 27.67
C LYS A 592 5.90 22.38 27.04
N LEU A 593 5.79 21.79 25.85
CA LEU A 593 4.51 21.73 25.16
C LEU A 593 3.67 20.55 25.68
N ASP A 594 2.36 20.80 25.74
CA ASP A 594 1.30 19.80 26.03
C ASP A 594 1.08 18.97 24.77
N GLU A 595 0.34 17.86 24.84
CA GLU A 595 0.21 16.98 23.66
C GLU A 595 -0.40 17.71 22.45
N ASP A 596 -1.46 18.49 22.65
CA ASP A 596 -2.10 19.15 21.47
C ASP A 596 -1.12 20.14 20.82
N THR A 597 -0.44 20.96 21.61
CA THR A 597 0.51 21.95 21.04
C THR A 597 1.66 21.21 20.35
N LEU A 598 2.13 20.12 20.96
CA LEU A 598 3.26 19.35 20.38
C LEU A 598 2.83 18.80 19.02
N GLN A 599 1.61 18.29 18.92
CA GLN A 599 1.10 17.73 17.64
C GLN A 599 1.02 18.86 16.61
N MET A 600 0.56 20.03 17.02
CA MET A 600 0.42 21.18 16.09
C MET A 600 1.80 21.63 15.59
N GLU A 601 2.79 21.70 16.49
CA GLU A 601 4.16 22.12 16.10
C GLU A 601 4.77 21.09 15.14
N GLN A 602 4.57 19.80 15.42
CA GLN A 602 5.13 18.70 14.58
C GLN A 602 4.56 18.77 13.18
N TYR A 603 3.29 19.11 13.04
CA TYR A 603 2.66 19.19 11.69
C TYR A 603 3.41 20.22 10.85
N SER A 604 3.86 21.31 11.47
CA SER A 604 4.58 22.36 10.75
C SER A 604 5.97 21.94 10.31
N ILE A 605 6.69 21.20 11.14
CA ILE A 605 8.08 20.95 10.79
C ILE A 605 8.17 19.80 9.77
N TYR A 606 7.11 18.97 9.69
CA TYR A 606 7.05 17.85 8.73
C TYR A 606 6.05 18.10 7.60
N SER A 607 5.20 19.14 7.67
CA SER A 607 4.39 19.59 6.49
C SER A 607 3.78 18.40 5.72
N GLY A 608 2.84 17.70 6.36
CA GLY A 608 2.13 16.60 5.68
C GLY A 608 2.78 15.20 5.78
N GLU A 609 4.07 15.13 6.11
CA GLU A 609 4.73 13.82 6.35
C GLU A 609 4.30 13.33 7.73
N PRO A 610 4.48 12.05 8.09
CA PRO A 610 4.09 11.56 9.41
C PRO A 610 4.90 12.28 10.51
N GLU A 611 4.26 12.59 11.63
CA GLU A 611 4.94 13.24 12.77
C GLU A 611 5.85 12.23 13.48
N TYR A 612 6.90 12.71 14.14
CA TYR A 612 7.78 11.76 14.89
C TYR A 612 6.97 11.13 16.01
N GLU A 613 7.06 9.81 16.14
CA GLU A 613 6.33 9.06 17.13
C GLU A 613 7.31 8.64 18.21
N PHE A 614 6.89 8.77 19.47
CA PHE A 614 7.69 8.31 20.58
C PHE A 614 6.79 8.10 21.79
N THR A 615 7.15 7.11 22.60
CA THR A 615 6.43 6.76 23.85
C THR A 615 7.26 7.17 25.06
N ASP A 616 8.39 7.86 24.84
CA ASP A 616 9.29 8.29 25.95
C ASP A 616 8.67 9.44 26.74
N LYS A 617 9.11 9.61 27.99
CA LYS A 617 8.63 10.75 28.81
C LYS A 617 9.69 11.84 28.73
N LEU A 618 9.29 13.02 28.28
CA LEU A 618 10.22 14.17 28.10
C LEU A 618 10.66 14.69 29.46
N VAL A 619 11.91 15.16 29.54
CA VAL A 619 12.49 15.74 30.78
C VAL A 619 12.22 17.25 30.72
N SER A 620 11.68 17.84 31.79
CA SER A 620 11.38 19.30 31.76
C SER A 620 12.66 20.09 31.55
N GLY A 621 12.64 21.00 30.56
CA GLY A 621 13.77 21.90 30.23
C GLY A 621 14.85 21.24 29.38
N VAL A 622 14.68 19.96 29.03
CA VAL A 622 15.70 19.23 28.24
C VAL A 622 15.07 18.60 27.00
N GLY A 623 13.95 17.88 27.16
CA GLY A 623 13.41 17.15 26.02
C GLY A 623 13.68 15.65 26.10
N LEU A 624 13.95 15.03 24.93
CA LEU A 624 14.24 13.62 24.89
C LEU A 624 15.65 13.43 25.46
N SER A 625 15.75 12.60 26.51
CA SER A 625 16.94 12.44 27.28
C SER A 625 16.85 11.16 28.10
N VAL A 626 17.65 10.16 27.74
CA VAL A 626 17.79 8.94 28.50
C VAL A 626 18.40 9.20 29.88
N ASP A 627 19.35 10.12 30.02
CA ASP A 627 20.19 10.18 31.24
C ASP A 627 19.64 11.25 32.22
N GLY A 628 18.51 11.89 31.87
CA GLY A 628 17.87 12.89 32.72
C GLY A 628 18.50 14.28 32.58
N VAL A 629 19.63 14.42 31.84
CA VAL A 629 20.42 15.65 31.87
C VAL A 629 20.79 16.11 30.45
N HIS A 630 21.36 15.24 29.61
CA HIS A 630 21.70 15.69 28.25
C HIS A 630 20.62 15.34 27.21
N GLN A 631 20.28 16.30 26.36
CA GLN A 631 19.30 16.11 25.30
C GLN A 631 19.87 15.12 24.29
N ASP A 632 19.00 14.24 23.75
CA ASP A 632 19.30 13.29 22.65
C ASP A 632 18.54 13.73 21.38
N LEU A 633 18.99 13.30 20.19
CA LEU A 633 18.12 13.29 19.01
C LEU A 633 17.48 11.89 18.82
N GLY A 634 16.30 11.68 19.43
CA GLY A 634 15.49 10.51 19.25
C GLY A 634 15.16 9.90 20.58
N GLY A 635 14.11 9.10 20.64
CA GLY A 635 13.70 8.35 21.81
C GLY A 635 14.48 7.06 21.96
N TYR A 636 14.33 6.44 23.14
CA TYR A 636 14.87 5.08 23.48
C TYR A 636 14.55 4.10 22.35
N ASN A 637 15.55 3.65 21.60
CA ASN A 637 15.35 2.54 20.61
C ASN A 637 14.61 3.02 19.36
N ARG A 638 14.66 4.33 19.10
CA ARG A 638 13.93 4.90 17.99
C ARG A 638 14.91 5.63 17.06
N GLU A 639 14.39 6.15 15.94
CA GLU A 639 15.19 6.81 14.89
C GLU A 639 15.47 8.26 15.31
N SER A 640 16.46 8.87 14.65
CA SER A 640 16.69 10.33 14.74
C SER A 640 15.46 11.05 14.18
N PRO A 641 14.94 12.13 14.82
CA PRO A 641 13.82 12.89 14.25
C PRO A 641 14.13 13.83 13.08
N LEU A 642 15.42 13.94 12.72
CA LEU A 642 15.91 14.85 11.67
C LEU A 642 15.80 14.12 10.33
N ARG A 643 14.54 13.97 9.90
CA ARG A 643 14.23 13.30 8.65
C ARG A 643 14.94 13.99 7.48
N GLU A 644 14.85 15.34 7.40
CA GLU A 644 15.36 16.03 6.28
C GLU A 644 16.89 15.92 6.24
N LEU A 645 17.55 16.03 7.40
CA LEU A 645 19.02 15.79 7.46
C LEU A 645 19.33 14.45 6.80
N GLU A 646 18.59 13.40 7.17
CA GLU A 646 18.82 12.10 6.59
C GLU A 646 18.66 12.20 5.06
N LYS A 647 17.60 12.85 4.59
CA LYS A 647 17.38 12.96 3.15
C LYS A 647 18.55 13.69 2.51
N LEU A 648 19.10 14.71 3.18
CA LEU A 648 20.16 15.58 2.61
C LEU A 648 21.51 14.83 2.55
N LEU A 649 21.84 14.08 3.59
CA LEU A 649 23.08 13.30 3.60
C LEU A 649 22.98 12.27 2.49
N TYR A 650 21.79 11.69 2.27
CA TYR A 650 21.66 10.68 1.21
C TYR A 650 21.66 11.35 -0.14
N ALA A 651 21.04 12.54 -0.22
CA ALA A 651 21.04 13.27 -1.49
C ALA A 651 22.48 13.55 -1.92
N THR A 652 23.28 14.07 -0.99
CA THR A 652 24.66 14.49 -1.26
C THR A 652 25.52 13.35 -1.85
N VAL A 653 25.44 12.21 -1.20
CA VAL A 653 26.30 11.09 -1.39
C VAL A 653 25.84 10.36 -2.67
N THR A 654 24.58 10.55 -3.06
CA THR A 654 24.02 9.95 -4.25
C THR A 654 24.40 10.79 -5.48
N LEU A 655 24.53 12.09 -5.31
CA LEU A 655 24.97 12.98 -6.38
C LEU A 655 26.44 12.70 -6.72
N ILE A 656 27.24 12.42 -5.69
CA ILE A 656 28.67 12.24 -5.93
C ILE A 656 28.88 10.90 -6.67
N GLU A 657 28.32 9.81 -6.14
CA GLU A 657 28.47 8.48 -6.72
C GLU A 657 27.68 8.44 -8.02
N GLY A 658 26.47 9.01 -8.01
CA GLY A 658 25.61 9.03 -9.16
C GLY A 658 26.35 9.53 -10.41
N THR A 659 27.10 10.61 -10.20
CA THR A 659 27.83 11.35 -11.21
C THR A 659 29.09 10.60 -11.59
N MET A 660 29.89 10.11 -10.63
CA MET A 660 31.10 9.32 -10.99
C MET A 660 30.65 8.20 -11.96
N GLN A 661 29.52 7.61 -11.64
CA GLN A 661 29.11 6.41 -12.29
C GLN A 661 28.48 6.82 -13.65
N LEU A 662 27.87 8.01 -13.71
CA LEU A 662 27.41 8.52 -14.99
C LEU A 662 28.58 8.82 -15.94
N ASP A 663 29.62 9.48 -15.42
CA ASP A 663 30.78 9.81 -16.19
C ASP A 663 31.44 8.52 -16.69
N LYS A 664 31.45 7.45 -15.87
CA LYS A 664 31.97 6.20 -16.39
C LYS A 664 31.18 5.72 -17.62
N GLU A 665 29.83 5.83 -17.57
CA GLU A 665 28.95 5.28 -18.62
C GLU A 665 29.22 6.07 -19.90
N PHE A 666 29.37 7.38 -19.74
CA PHE A 666 29.68 8.32 -20.84
C PHE A 666 30.94 7.91 -21.62
N PHE A 667 32.06 7.79 -20.94
CA PHE A 667 33.33 7.49 -21.51
C PHE A 667 33.35 6.08 -22.16
N LYS A 668 32.58 5.14 -21.62
CA LYS A 668 32.43 3.85 -22.27
C LYS A 668 31.69 3.98 -23.61
N GLN A 669 30.74 4.93 -23.68
CA GLN A 669 30.02 5.19 -24.89
C GLN A 669 30.92 6.00 -25.83
N LEU A 670 31.62 7.00 -25.30
CA LEU A 670 32.55 7.84 -26.08
C LEU A 670 33.56 6.98 -26.88
N GLU A 671 34.29 6.13 -26.15
CA GLU A 671 35.22 5.11 -26.63
C GLU A 671 34.61 4.26 -27.76
N GLN A 672 33.33 3.92 -27.62
CA GLN A 672 32.57 3.25 -28.67
C GLN A 672 32.32 4.19 -29.84
N VAL A 673 31.97 5.45 -29.64
CA VAL A 673 31.77 6.38 -30.75
C VAL A 673 33.09 6.68 -31.49
N GLU A 674 34.22 6.75 -30.77
CA GLU A 674 35.50 7.12 -31.39
C GLU A 674 36.02 5.97 -32.29
N LYS A 675 35.67 4.75 -31.90
CA LYS A 675 36.08 3.54 -32.58
C LYS A 675 35.29 3.42 -33.88
N ILE A 676 34.00 3.73 -33.82
CA ILE A 676 33.16 3.73 -35.01
C ILE A 676 33.67 4.80 -35.98
N LEU A 677 33.90 6.01 -35.45
CA LEU A 677 34.22 7.19 -36.25
C LEU A 677 35.54 7.00 -36.98
N SER A 678 36.57 6.52 -36.30
CA SER A 678 37.89 6.32 -36.86
C SER A 678 37.89 5.18 -37.90
N GLY A 679 37.01 4.18 -37.70
CA GLY A 679 36.85 3.01 -38.60
C GLY A 679 37.25 1.69 -37.94
N GLU A 680 37.72 1.75 -36.68
CA GLU A 680 38.22 0.59 -35.91
C GLU A 680 37.10 -0.41 -35.58
N ILE A 681 35.84 -0.05 -35.86
CA ILE A 681 34.68 -0.95 -35.86
C ILE A 681 33.84 -0.51 -37.08
N LYS A 682 33.77 -1.37 -38.12
CA LYS A 682 32.90 -1.11 -39.27
C LYS A 682 31.46 -1.19 -38.77
N THR A 683 30.57 -0.31 -39.26
CA THR A 683 29.16 -0.40 -38.95
C THR A 683 28.32 0.41 -39.94
N ASP A 684 27.02 0.12 -39.98
CA ASP A 684 26.06 0.88 -40.80
C ASP A 684 25.95 2.31 -40.25
N ALA A 685 25.40 3.18 -41.11
CA ALA A 685 25.09 4.55 -40.79
C ALA A 685 24.25 4.60 -39.52
N ASN A 686 23.04 4.04 -39.57
CA ASN A 686 22.03 4.40 -38.60
C ASN A 686 22.50 4.06 -37.17
N SER A 687 23.32 3.02 -37.00
CA SER A 687 23.81 2.62 -35.65
C SER A 687 25.03 3.46 -35.23
N CYS A 688 25.62 4.23 -36.14
CA CYS A 688 26.59 5.27 -35.76
C CYS A 688 25.85 6.44 -35.13
N PHE A 689 24.86 6.98 -35.84
CA PHE A 689 23.96 8.00 -35.29
C PHE A 689 23.43 7.61 -33.91
N GLU A 690 23.06 6.32 -33.73
CA GLU A 690 22.42 5.79 -32.49
C GLU A 690 23.38 5.88 -31.31
N ALA A 691 24.61 5.40 -31.53
CA ALA A 691 25.71 5.48 -30.56
C ALA A 691 25.98 6.93 -30.14
N VAL A 692 25.88 7.90 -31.07
CA VAL A 692 26.10 9.31 -30.76
C VAL A 692 24.94 9.88 -29.93
N ALA A 693 23.70 9.62 -30.35
CA ALA A 693 22.50 10.10 -29.63
C ALA A 693 22.48 9.63 -28.15
N GLN A 694 23.13 8.48 -27.92
CA GLN A 694 23.18 7.79 -26.65
C GLN A 694 24.09 8.58 -25.73
N LEU A 695 25.18 9.13 -26.32
CA LEU A 695 26.16 9.98 -25.61
C LEU A 695 25.45 11.21 -25.03
N LEU A 696 24.50 11.76 -25.78
CA LEU A 696 23.73 12.86 -25.30
C LEU A 696 23.09 12.56 -23.96
N ASP A 697 22.48 11.39 -23.86
CA ASP A 697 21.76 10.94 -22.63
C ASP A 697 22.71 10.77 -21.43
N LEU A 698 23.95 10.37 -21.68
CA LEU A 698 24.91 10.06 -20.59
C LEU A 698 25.66 11.31 -20.11
N ALA A 699 25.41 12.46 -20.71
CA ALA A 699 26.08 13.71 -20.26
C ALA A 699 25.46 14.16 -18.92
N ARG A 700 26.25 14.86 -18.10
CA ARG A 700 25.76 15.34 -16.78
C ARG A 700 24.63 16.34 -17.01
N PRO A 701 23.54 16.31 -16.21
CA PRO A 701 22.46 17.28 -16.37
C PRO A 701 22.93 18.69 -16.00
N GLY A 702 22.58 19.68 -16.83
CA GLY A 702 22.94 21.10 -16.60
C GLY A 702 24.34 21.41 -17.12
N CYS A 703 25.03 20.40 -17.64
CA CYS A 703 26.40 20.56 -18.20
C CYS A 703 26.34 20.78 -19.74
N HIS A 704 26.77 21.96 -20.21
CA HIS A 704 26.78 22.18 -21.61
C HIS A 704 27.94 21.48 -22.36
N PHE A 705 29.16 21.58 -21.82
CA PHE A 705 30.38 21.29 -22.61
C PHE A 705 30.42 19.83 -23.11
N GLN A 706 29.79 18.90 -22.38
CA GLN A 706 29.62 17.52 -22.88
C GLN A 706 28.76 17.56 -24.14
N LYS A 707 27.54 18.10 -24.03
CA LYS A 707 26.64 18.17 -25.16
C LYS A 707 27.38 18.72 -26.42
N ARG A 708 28.23 19.74 -26.22
CA ARG A 708 28.95 20.40 -27.30
C ARG A 708 29.85 19.38 -28.03
N LEU A 709 30.51 18.52 -27.23
CA LEU A 709 31.45 17.50 -27.73
C LEU A 709 30.68 16.48 -28.58
N VAL A 710 29.50 16.11 -28.08
CA VAL A 710 28.65 15.17 -28.76
C VAL A 710 28.22 15.82 -30.09
N LEU A 711 27.82 17.10 -30.07
CA LEU A 711 27.42 17.77 -31.29
C LEU A 711 28.54 17.68 -32.33
N SER A 712 29.78 17.91 -31.88
CA SER A 712 31.01 17.79 -32.70
C SER A 712 31.19 16.37 -33.29
N TYR A 713 30.97 15.34 -32.46
CA TYR A 713 31.02 13.91 -32.85
C TYR A 713 30.00 13.67 -34.03
N TYR A 714 28.82 14.34 -33.87
CA TYR A 714 27.63 14.22 -34.72
C TYR A 714 27.91 14.75 -36.13
N GLU A 715 28.58 15.89 -36.16
CA GLU A 715 28.90 16.49 -37.38
C GLU A 715 29.87 15.51 -38.05
N GLU A 716 30.92 15.11 -37.31
CA GLU A 716 32.01 14.23 -37.82
C GLU A 716 31.40 13.02 -38.53
N ALA A 717 30.34 12.48 -37.92
CA ALA A 717 29.63 11.28 -38.35
C ALA A 717 28.86 11.54 -39.66
N LYS A 718 28.22 12.70 -39.74
CA LYS A 718 27.46 13.06 -40.94
C LYS A 718 28.37 13.24 -42.16
N LEU A 719 29.63 13.61 -41.93
CA LEU A 719 30.62 13.72 -42.97
C LEU A 719 30.99 12.31 -43.47
N LYS A 720 31.09 11.36 -42.51
CA LYS A 720 31.45 9.93 -42.74
C LYS A 720 30.35 9.17 -43.50
N TYR A 721 29.08 9.42 -43.11
CA TYR A 721 27.89 8.79 -43.67
C TYR A 721 26.95 9.91 -44.13
N PRO A 722 27.30 10.67 -45.17
CA PRO A 722 26.47 11.81 -45.59
C PRO A 722 25.10 11.35 -46.21
N SER A 723 25.14 10.02 -46.60
CA SER A 723 24.18 9.46 -47.52
C SER A 723 22.99 8.88 -46.74
N ALA A 724 22.64 9.51 -45.63
CA ALA A 724 21.77 8.84 -44.66
C ALA A 724 20.90 9.86 -43.93
N PRO A 725 19.56 9.63 -43.81
CA PRO A 725 18.65 10.70 -43.37
C PRO A 725 18.99 11.03 -41.91
N THR A 726 18.52 12.17 -41.41
CA THR A 726 18.79 12.51 -40.02
C THR A 726 17.51 12.96 -39.32
N ASP A 727 16.37 12.45 -39.80
CA ASP A 727 15.05 12.81 -39.31
C ASP A 727 14.91 12.46 -37.82
N ALA A 728 15.48 11.34 -37.37
CA ALA A 728 15.27 10.88 -35.96
C ALA A 728 16.12 11.66 -34.94
N TYR A 729 17.13 12.40 -35.40
CA TYR A 729 18.15 12.98 -34.53
C TYR A 729 18.29 14.51 -34.69
N ASP A 730 17.71 15.09 -35.72
CA ASP A 730 17.96 16.52 -36.00
C ASP A 730 17.45 17.45 -34.90
N SER A 731 16.25 17.23 -34.39
CA SER A 731 15.72 18.21 -33.41
C SER A 731 16.59 18.32 -32.17
N ARG A 732 17.01 17.20 -31.59
CA ARG A 732 17.82 17.25 -30.34
C ARG A 732 19.17 17.95 -30.59
N PHE A 733 19.85 17.60 -31.68
CA PHE A 733 21.18 18.22 -31.99
C PHE A 733 21.01 19.71 -32.27
N GLN A 734 19.92 20.09 -32.94
CA GLN A 734 19.66 21.53 -33.22
C GLN A 734 19.47 22.27 -31.90
N VAL A 735 18.78 21.65 -30.94
CA VAL A 735 18.58 22.27 -29.60
C VAL A 735 19.96 22.44 -28.96
N VAL A 736 20.82 21.44 -29.07
CA VAL A 736 22.19 21.58 -28.47
C VAL A 736 22.92 22.73 -29.16
N ALA A 737 22.80 22.80 -30.49
CA ALA A 737 23.46 23.82 -31.32
C ALA A 737 22.93 25.22 -30.99
N ARG A 738 21.62 25.38 -30.79
CA ARG A 738 21.11 26.73 -30.47
C ARG A 738 21.72 27.21 -29.16
N THR A 739 21.80 26.32 -28.17
CA THR A 739 22.37 26.66 -26.85
C THR A 739 23.84 27.02 -26.99
N ASN A 740 24.59 26.26 -27.75
CA ASN A 740 26.05 26.53 -27.92
C ASN A 740 26.20 27.93 -28.51
N ALA A 741 25.37 28.27 -29.51
CA ALA A 741 25.41 29.60 -30.15
C ALA A 741 25.01 30.70 -29.16
N ALA A 742 23.95 30.48 -28.39
CA ALA A 742 23.46 31.49 -27.42
C ALA A 742 24.53 31.80 -26.37
N ILE A 743 25.27 30.77 -25.92
CA ILE A 743 26.30 30.97 -24.85
C ILE A 743 27.37 31.95 -25.34
N THR A 744 27.80 31.82 -26.59
CA THR A 744 28.85 32.74 -27.13
C THR A 744 28.31 34.16 -27.14
N ILE A 745 27.04 34.32 -27.54
CA ILE A 745 26.40 35.67 -27.57
C ILE A 745 26.39 36.23 -26.15
N GLN A 746 26.04 35.40 -25.17
CA GLN A 746 25.99 35.86 -23.76
C GLN A 746 27.37 36.29 -23.26
N ARG A 747 28.41 35.51 -23.54
CA ARG A 747 29.77 35.88 -23.08
C ARG A 747 30.19 37.20 -23.73
N PHE A 748 29.80 37.39 -25.00
CA PHE A 748 30.11 38.62 -25.77
C PHE A 748 29.50 39.85 -25.09
N TRP A 749 28.20 39.77 -24.75
CA TRP A 749 27.47 40.88 -24.11
C TRP A 749 28.06 41.20 -22.73
N ARG A 750 28.47 40.17 -21.98
CA ARG A 750 29.03 40.39 -20.62
C ARG A 750 30.27 41.27 -20.71
N GLU A 751 31.14 41.00 -21.70
CA GLU A 751 32.38 41.81 -21.89
C GLU A 751 32.03 43.26 -22.27
N ALA A 752 30.96 43.46 -23.05
CA ALA A 752 30.56 44.81 -23.50
C ALA A 752 30.21 45.69 -22.30
N ARG A 753 29.49 45.15 -21.32
CA ARG A 753 29.09 45.95 -20.13
C ARG A 753 30.35 46.51 -19.45
N LYS A 754 31.39 45.67 -19.31
CA LYS A 754 32.64 46.11 -18.64
C LYS A 754 33.16 47.38 -19.31
N GLY B 1 -59.45 -26.98 5.25
CA GLY B 1 -58.74 -26.95 6.55
C GLY B 1 -57.27 -26.71 6.32
N HIS B 2 -56.93 -25.44 6.08
CA HIS B 2 -55.56 -24.97 5.80
C HIS B 2 -54.88 -24.73 7.15
N VAL B 3 -53.66 -25.25 7.37
CA VAL B 3 -52.90 -24.75 8.56
C VAL B 3 -52.14 -23.49 8.18
N LYS B 4 -52.46 -22.38 8.86
CA LYS B 4 -51.77 -21.10 8.67
C LYS B 4 -50.28 -21.29 8.94
N GLN B 5 -49.45 -20.68 8.10
CA GLN B 5 -48.02 -20.85 8.18
C GLN B 5 -47.33 -19.52 8.49
N TYR B 6 -46.92 -19.36 9.74
CA TYR B 6 -46.28 -18.14 10.13
C TYR B 6 -45.39 -18.43 11.35
N TYR B 7 -44.63 -17.42 11.79
CA TYR B 7 -43.76 -17.57 12.93
C TYR B 7 -44.37 -16.85 14.12
N PHE B 8 -43.97 -17.30 15.30
CA PHE B 8 -44.34 -16.76 16.60
C PHE B 8 -43.28 -15.72 17.02
N ALA B 9 -42.71 -15.02 16.03
CA ALA B 9 -41.70 -14.04 16.26
C ALA B 9 -41.90 -12.91 15.27
N ARG B 10 -41.96 -11.68 15.81
CA ARG B 10 -42.01 -10.39 15.08
C ARG B 10 -40.68 -9.66 15.28
N ARG B 11 -40.24 -8.91 14.27
CA ARG B 11 -38.98 -8.17 14.30
C ARG B 11 -39.28 -6.66 14.25
N GLY B 12 -38.57 -5.88 15.06
CA GLY B 12 -38.60 -4.48 15.04
C GLY B 12 -37.27 -3.96 15.54
N GLU B 13 -37.30 -2.81 16.21
CA GLU B 13 -36.13 -2.05 16.61
C GLU B 13 -36.34 -1.47 18.01
N THR B 14 -35.25 -1.16 18.70
CA THR B 14 -35.22 -0.53 20.05
C THR B 14 -34.11 0.53 20.01
N SER B 15 -34.05 1.38 20.99
CA SER B 15 -32.99 2.36 21.09
C SER B 15 -31.56 1.78 21.18
N THR B 16 -31.33 0.79 22.06
CA THR B 16 -29.98 0.38 22.38
C THR B 16 -30.00 -1.04 22.91
N HIS B 17 -28.96 -1.84 22.69
CA HIS B 17 -28.74 -3.12 23.35
C HIS B 17 -27.90 -2.95 24.64
N ASP B 18 -27.54 -1.70 24.94
CA ASP B 18 -26.64 -1.40 26.05
C ASP B 18 -27.44 -1.22 27.35
N THR B 19 -27.84 -2.35 27.92
CA THR B 19 -28.70 -2.55 29.06
C THR B 19 -28.05 -3.67 29.87
N SER B 20 -27.65 -3.41 31.11
CA SER B 20 -27.13 -4.47 32.01
C SER B 20 -25.87 -5.12 31.42
N LEU B 21 -25.11 -4.32 30.67
CA LEU B 21 -23.83 -4.76 30.21
C LEU B 21 -22.78 -4.58 31.29
N PRO B 22 -21.61 -5.25 31.16
CA PRO B 22 -20.48 -4.98 32.06
C PRO B 22 -20.12 -3.49 32.00
N PRO B 23 -19.38 -2.94 32.98
CA PRO B 23 -18.94 -1.55 32.86
C PRO B 23 -17.93 -1.42 31.70
N PRO B 24 -17.98 -0.30 30.95
CA PRO B 24 -17.05 -0.12 29.84
C PRO B 24 -15.65 0.22 30.41
N VAL B 25 -14.92 -0.81 30.85
CA VAL B 25 -13.62 -0.67 31.57
C VAL B 25 -12.64 -1.78 31.11
N LYS B 26 -11.36 -1.42 31.05
CA LYS B 26 -10.25 -2.36 30.93
C LYS B 26 -9.34 -2.23 32.15
N VAL B 27 -9.14 -3.32 32.87
CA VAL B 27 -8.26 -3.23 34.08
C VAL B 27 -6.86 -3.76 33.71
N LEU B 28 -5.85 -2.90 33.79
CA LEU B 28 -4.46 -3.30 33.48
C LEU B 28 -3.58 -3.01 34.69
N SER B 29 -3.00 -4.06 35.30
CA SER B 29 -2.10 -3.92 36.46
C SER B 29 -2.75 -3.09 37.57
N GLY B 30 -4.02 -3.34 37.89
CA GLY B 30 -4.73 -2.63 38.96
C GLY B 30 -5.19 -1.23 38.57
N ARG B 31 -5.09 -0.87 37.30
CA ARG B 31 -5.49 0.48 36.81
C ARG B 31 -6.75 0.33 35.96
N SER B 32 -7.82 1.05 36.32
CA SER B 32 -9.09 0.99 35.55
C SER B 32 -9.06 2.06 34.46
N ILE B 33 -9.24 1.63 33.22
CA ILE B 33 -9.18 2.52 32.07
C ILE B 33 -10.58 2.56 31.45
N PRO B 34 -11.27 3.70 31.51
CA PRO B 34 -12.55 3.84 30.83
C PRO B 34 -12.42 3.66 29.30
N LEU B 35 -13.35 2.96 28.68
CA LEU B 35 -13.44 2.75 27.24
C LEU B 35 -14.58 3.63 26.73
N LYS B 36 -14.30 4.43 25.69
CA LYS B 36 -15.26 5.30 25.13
C LYS B 36 -15.42 5.08 23.63
N GLU B 37 -16.62 5.45 23.16
CA GLU B 37 -17.07 5.23 21.85
C GLU B 37 -16.60 6.38 20.97
N ILE B 38 -16.09 6.06 19.77
CA ILE B 38 -15.96 6.99 18.73
C ILE B 38 -17.18 6.80 17.83
N PRO B 39 -18.06 7.84 17.79
CA PRO B 39 -19.35 7.72 17.11
C PRO B 39 -19.15 7.68 15.61
N PHE B 40 -19.72 6.66 14.96
CA PHE B 40 -19.57 6.49 13.54
C PHE B 40 -20.24 7.63 12.74
N GLU B 41 -21.54 7.90 12.93
CA GLU B 41 -22.23 8.82 11.99
C GLU B 41 -21.62 10.24 12.02
N ALA B 42 -21.36 10.78 13.19
CA ALA B 42 -20.87 12.13 13.25
C ALA B 42 -19.42 12.22 12.74
N THR B 43 -18.58 11.20 13.05
CA THR B 43 -17.21 11.25 12.56
C THR B 43 -17.19 11.17 11.02
N ARG B 44 -17.96 10.25 10.45
CA ARG B 44 -18.17 10.21 8.97
C ARG B 44 -18.60 11.60 8.43
N ASN B 45 -19.65 12.18 9.01
CA ASN B 45 -20.18 13.42 8.49
C ASN B 45 -19.11 14.51 8.57
N GLU B 46 -18.29 14.49 9.62
CA GLU B 46 -17.24 15.51 9.76
C GLU B 46 -16.22 15.40 8.63
N LEU B 47 -15.80 14.16 8.34
CA LEU B 47 -14.85 13.91 7.23
C LEU B 47 -15.41 14.37 5.89
N VAL B 48 -16.72 14.18 5.63
CA VAL B 48 -17.30 14.62 4.37
C VAL B 48 -17.32 16.15 4.31
N GLN B 49 -17.49 16.82 5.46
CA GLN B 49 -17.41 18.30 5.47
C GLN B 49 -15.98 18.76 5.12
N ILE B 50 -14.95 18.07 5.62
CA ILE B 50 -13.56 18.37 5.31
C ILE B 50 -13.33 18.09 3.81
N TYR B 51 -13.80 16.95 3.31
CA TYR B 51 -13.78 16.69 1.89
C TYR B 51 -14.37 17.87 1.11
N LEU B 52 -15.54 18.42 1.50
CA LEU B 52 -16.16 19.51 0.70
C LEU B 52 -15.32 20.79 0.79
N THR B 53 -14.71 21.09 1.94
CA THR B 53 -13.83 22.29 1.97
C THR B 53 -12.64 22.04 1.03
N SER B 54 -12.14 20.80 1.02
CA SER B 54 -10.99 20.42 0.17
C SER B 54 -11.34 20.58 -1.32
N ILE B 55 -12.56 20.20 -1.71
CA ILE B 55 -12.98 20.35 -3.14
C ILE B 55 -12.96 21.84 -3.50
N ASP B 56 -13.44 22.69 -2.60
CA ASP B 56 -13.46 24.16 -2.85
C ASP B 56 -12.01 24.64 -3.00
N LYS B 57 -11.12 24.17 -2.14
CA LYS B 57 -9.70 24.60 -2.23
C LYS B 57 -9.13 24.14 -3.57
N LEU B 58 -9.43 22.92 -3.98
CA LEU B 58 -8.91 22.38 -5.27
C LEU B 58 -9.41 23.24 -6.42
N ILE B 59 -10.69 23.63 -6.39
CA ILE B 59 -11.27 24.46 -7.48
C ILE B 59 -10.57 25.82 -7.51
N LYS B 60 -10.40 26.43 -6.33
CA LYS B 60 -9.75 27.76 -6.22
C LYS B 60 -8.28 27.65 -6.62
N SER B 61 -7.62 26.56 -6.23
CA SER B 61 -6.19 26.35 -6.53
C SER B 61 -5.90 26.41 -8.03
N ASN B 62 -6.89 26.06 -8.87
CA ASN B 62 -6.78 26.08 -10.35
C ASN B 62 -5.76 25.04 -10.81
N LYS B 63 -5.59 23.98 -10.01
CA LYS B 63 -4.65 22.90 -10.39
C LYS B 63 -5.47 21.60 -10.57
N LEU B 64 -6.65 21.79 -11.17
CA LEU B 64 -7.62 20.74 -11.51
C LEU B 64 -7.02 19.84 -12.59
N ASN B 65 -6.14 20.44 -13.37
CA ASN B 65 -5.42 19.81 -14.42
C ASN B 65 -4.49 18.68 -13.93
N SER B 66 -4.04 18.74 -12.68
CA SER B 66 -2.89 17.96 -12.21
C SER B 66 -3.28 16.57 -11.64
N ILE B 67 -4.57 16.24 -11.70
CA ILE B 67 -5.15 15.04 -11.04
C ILE B 67 -5.69 14.13 -12.16
N PRO B 68 -5.57 12.78 -12.12
CA PRO B 68 -5.98 11.98 -13.27
C PRO B 68 -7.48 12.11 -13.50
N SER B 69 -7.93 11.74 -14.71
CA SER B 69 -9.29 11.95 -15.15
C SER B 69 -10.25 11.12 -14.30
N GLN B 70 -9.87 9.89 -13.97
CA GLN B 70 -10.75 8.97 -13.20
C GLN B 70 -10.94 9.48 -11.74
N GLN B 71 -10.00 10.26 -11.19
CA GLN B 71 -10.16 10.87 -9.84
C GLN B 71 -11.16 12.06 -9.95
N ILE B 72 -11.03 12.84 -11.04
CA ILE B 72 -11.93 13.98 -11.27
C ILE B 72 -13.34 13.47 -11.59
N ALA B 73 -13.47 12.39 -12.36
CA ALA B 73 -14.76 11.79 -12.62
C ALA B 73 -15.39 11.32 -11.30
N SER B 74 -14.62 10.68 -10.44
CA SER B 74 -15.05 10.24 -9.10
C SER B 74 -15.59 11.39 -8.25
N HIS B 75 -14.86 12.49 -8.22
CA HIS B 75 -15.25 13.56 -7.37
C HIS B 75 -16.60 14.11 -7.88
N TYR B 76 -16.70 14.32 -9.19
CA TYR B 76 -17.92 14.90 -9.81
C TYR B 76 -19.14 14.02 -9.49
N LEU B 77 -18.99 12.72 -9.79
CA LEU B 77 -20.05 11.78 -9.62
C LEU B 77 -20.40 11.65 -8.14
N PHE B 78 -19.37 11.74 -7.27
CA PHE B 78 -19.67 11.67 -5.86
C PHE B 78 -20.49 12.90 -5.42
N LEU B 79 -20.12 14.11 -5.86
CA LEU B 79 -20.82 15.32 -5.47
C LEU B 79 -22.25 15.32 -6.03
N ARG B 80 -22.43 14.90 -7.28
CA ARG B 80 -23.79 14.79 -7.84
C ARG B 80 -24.59 13.81 -6.97
N SER B 81 -24.01 12.66 -6.64
CA SER B 81 -24.76 11.66 -5.87
C SER B 81 -25.07 12.21 -4.46
N LEU B 82 -24.10 12.90 -3.86
CA LEU B 82 -24.29 13.40 -2.51
C LEU B 82 -25.46 14.40 -2.49
N ALA B 83 -25.51 15.22 -3.54
CA ALA B 83 -26.44 16.30 -3.63
C ALA B 83 -27.85 15.74 -3.77
N ASN B 84 -28.00 14.68 -4.54
CA ASN B 84 -29.28 14.03 -4.67
C ASN B 84 -29.71 13.45 -3.32
N SER B 85 -28.74 13.07 -2.48
CA SER B 85 -29.08 12.44 -1.19
C SER B 85 -29.60 13.49 -0.19
N GLU B 86 -29.32 14.76 -0.46
CA GLU B 86 -29.34 15.85 0.53
C GLU B 86 -30.62 16.66 0.34
N THR B 87 -31.49 16.69 1.38
CA THR B 87 -32.84 17.35 1.27
C THR B 87 -32.79 18.85 1.60
N ASP B 88 -31.82 19.34 2.37
CA ASP B 88 -31.65 20.79 2.52
C ASP B 88 -31.37 21.45 1.17
N GLY B 89 -32.31 22.26 0.66
CA GLY B 89 -32.12 23.05 -0.56
C GLY B 89 -30.82 23.84 -0.53
N ILE B 90 -30.49 24.42 0.64
CA ILE B 90 -29.29 25.27 0.79
C ILE B 90 -28.02 24.42 0.57
N LYS B 91 -27.90 23.31 1.31
CA LYS B 91 -26.74 22.41 1.20
C LYS B 91 -26.70 21.74 -0.18
N LYS B 92 -27.86 21.30 -0.69
CA LYS B 92 -27.96 20.72 -2.03
C LYS B 92 -27.23 21.64 -3.02
N ASN B 93 -27.55 22.94 -2.94
CA ASN B 93 -27.04 23.89 -3.92
C ASN B 93 -25.54 24.17 -3.69
N GLN B 94 -25.06 24.12 -2.45
CA GLN B 94 -23.60 24.24 -2.20
C GLN B 94 -22.81 23.14 -2.92
N ILE B 95 -23.36 21.92 -2.91
CA ILE B 95 -22.69 20.74 -3.42
C ILE B 95 -22.72 20.80 -4.94
N LEU B 96 -23.81 21.29 -5.54
CA LEU B 96 -23.89 21.38 -7.05
C LEU B 96 -22.97 22.48 -7.59
N SER B 97 -22.79 23.54 -6.78
CA SER B 97 -21.78 24.62 -6.96
C SER B 97 -20.36 24.07 -7.06
N LEU B 98 -20.02 23.21 -6.08
CA LEU B 98 -18.75 22.55 -6.05
C LEU B 98 -18.61 21.59 -7.23
N ALA B 99 -19.70 20.97 -7.65
CA ALA B 99 -19.59 20.04 -8.73
C ALA B 99 -19.35 20.80 -10.05
N LYS B 100 -20.09 21.90 -10.25
CA LYS B 100 -20.24 22.51 -11.61
C LYS B 100 -18.88 22.77 -12.27
N PRO B 101 -17.90 23.43 -11.61
CA PRO B 101 -16.59 23.66 -12.19
C PRO B 101 -15.86 22.39 -12.61
N LEU B 102 -16.03 21.28 -11.87
CA LEU B 102 -15.40 20.04 -12.34
C LEU B 102 -16.09 19.53 -13.61
N GLY B 103 -17.41 19.75 -13.72
CA GLY B 103 -18.17 19.40 -14.91
C GLY B 103 -17.69 20.18 -16.12
N THR B 104 -17.68 21.52 -16.00
CA THR B 104 -17.38 22.31 -17.15
C THR B 104 -16.00 21.89 -17.64
N TYR B 105 -15.09 21.56 -16.70
CA TYR B 105 -13.69 21.24 -17.00
C TYR B 105 -13.60 19.90 -17.72
N LEU B 106 -14.37 18.90 -17.28
CA LEU B 106 -14.35 17.59 -17.96
C LEU B 106 -14.97 17.73 -19.36
N ALA B 107 -16.11 18.45 -19.40
CA ALA B 107 -16.80 18.79 -20.65
C ALA B 107 -15.72 19.23 -21.66
N SER B 108 -14.95 20.26 -21.28
CA SER B 108 -13.98 20.98 -22.14
C SER B 108 -12.75 20.13 -22.49
N LYS B 109 -12.09 19.47 -21.51
CA LYS B 109 -10.75 18.89 -21.70
C LYS B 109 -10.76 17.36 -21.69
N GLU B 110 -11.80 16.71 -21.15
CA GLU B 110 -11.78 15.23 -21.12
C GLU B 110 -13.14 14.70 -21.60
N PRO B 111 -13.51 14.92 -22.87
CA PRO B 111 -14.91 14.85 -23.28
C PRO B 111 -15.32 13.40 -23.54
N HIS B 112 -14.38 12.45 -23.60
CA HIS B 112 -14.80 11.09 -23.69
C HIS B 112 -15.32 10.65 -22.32
N VAL B 113 -14.75 11.25 -21.25
CA VAL B 113 -15.02 10.79 -19.90
C VAL B 113 -16.33 11.45 -19.44
N TRP B 114 -16.62 12.64 -19.99
CA TRP B 114 -17.84 13.39 -19.70
C TRP B 114 -19.08 12.66 -20.22
N LYS B 115 -18.87 11.86 -21.26
CA LYS B 115 -19.90 11.27 -22.04
C LYS B 115 -20.25 9.93 -21.41
N MET B 116 -19.25 9.23 -20.82
CA MET B 116 -19.48 7.97 -20.02
C MET B 116 -20.11 8.33 -18.68
N ILE B 117 -19.63 9.41 -18.07
CA ILE B 117 -20.22 10.02 -16.86
C ILE B 117 -21.72 10.17 -17.11
N ASN B 118 -22.09 10.86 -18.21
CA ASN B 118 -23.48 11.28 -18.49
C ASN B 118 -24.37 10.07 -18.84
N GLU B 119 -23.80 8.94 -19.24
CA GLU B 119 -24.60 7.74 -19.39
C GLU B 119 -24.98 7.21 -18.00
N LEU B 120 -24.11 7.34 -17.00
CA LEU B 120 -24.47 6.90 -15.65
C LEU B 120 -25.42 7.90 -14.99
N ILE B 121 -25.28 9.21 -15.24
CA ILE B 121 -26.20 10.23 -14.66
C ILE B 121 -27.64 10.03 -15.16
N GLU B 122 -27.78 9.43 -16.33
CA GLU B 122 -29.04 9.28 -16.99
C GLU B 122 -29.67 7.92 -16.65
N LYS B 123 -29.00 7.03 -15.89
CA LYS B 123 -29.76 5.88 -15.36
C LYS B 123 -29.84 5.83 -13.80
N SER B 124 -29.20 6.73 -13.07
CA SER B 124 -29.12 6.55 -11.59
C SER B 124 -29.10 7.95 -10.99
N GLU B 125 -29.66 8.13 -9.81
CA GLU B 125 -29.52 9.38 -9.05
C GLU B 125 -28.27 9.37 -8.18
N TYR B 126 -27.69 8.19 -8.01
CA TYR B 126 -26.50 7.96 -7.25
C TYR B 126 -25.47 7.32 -8.18
N PRO B 127 -25.12 8.03 -9.26
CA PRO B 127 -24.25 7.47 -10.29
C PRO B 127 -22.87 6.98 -9.81
N ILE B 128 -22.41 7.45 -8.66
CA ILE B 128 -21.10 7.02 -8.19
C ILE B 128 -21.15 5.53 -7.87
N ILE B 129 -22.33 4.97 -7.65
CA ILE B 129 -22.27 3.58 -7.18
C ILE B 129 -21.97 2.66 -8.37
N HIS B 130 -22.40 3.04 -9.57
CA HIS B 130 -22.18 2.20 -10.78
C HIS B 130 -20.77 2.45 -11.29
N TYR B 131 -20.22 3.63 -11.02
CA TYR B 131 -18.84 4.00 -11.43
C TYR B 131 -17.80 3.20 -10.64
N LEU B 132 -18.12 2.81 -9.38
CA LEU B 132 -17.19 2.09 -8.53
C LEU B 132 -17.56 0.63 -8.44
N LYS B 133 -18.03 0.03 -9.53
CA LYS B 133 -18.39 -1.42 -9.54
C LYS B 133 -17.17 -2.23 -10.00
N ASN B 134 -16.01 -1.57 -10.05
CA ASN B 134 -14.73 -2.14 -10.53
C ASN B 134 -13.62 -1.77 -9.55
N ASN B 135 -12.38 -1.80 -10.03
CA ASN B 135 -11.16 -1.49 -9.25
C ASN B 135 -11.21 -0.04 -8.75
N ARG B 136 -11.97 0.83 -9.40
CA ARG B 136 -12.05 2.26 -8.98
C ARG B 136 -12.31 2.38 -7.47
N ALA B 137 -13.06 1.45 -6.88
CA ALA B 137 -13.37 1.46 -5.43
C ALA B 137 -12.08 1.39 -4.61
N HIS B 138 -11.08 0.62 -5.04
CA HIS B 138 -9.78 0.57 -4.30
C HIS B 138 -9.10 1.94 -4.28
N SER B 139 -9.43 2.92 -5.14
CA SER B 139 -8.79 4.27 -5.14
C SER B 139 -9.57 5.19 -4.19
N ASN B 140 -8.93 5.58 -3.09
CA ASN B 140 -9.53 6.41 -2.09
C ASN B 140 -9.40 7.87 -2.50
N PHE B 141 -10.27 8.27 -3.41
CA PHE B 141 -10.18 9.58 -3.94
C PHE B 141 -10.46 10.60 -2.85
N MET B 142 -11.34 10.29 -1.92
CA MET B 142 -11.73 11.31 -0.98
C MET B 142 -10.62 11.57 0.06
N LEU B 143 -9.94 10.52 0.56
CA LEU B 143 -8.82 10.71 1.52
C LEU B 143 -7.62 11.33 0.83
N ALA B 144 -7.40 10.96 -0.42
CA ALA B 144 -6.23 11.53 -1.18
C ALA B 144 -6.38 13.04 -1.27
N LEU B 145 -7.62 13.52 -1.43
CA LEU B 145 -7.84 14.94 -1.54
C LEU B 145 -7.78 15.66 -0.19
N ILE B 146 -8.29 15.03 0.88
CA ILE B 146 -8.17 15.58 2.24
C ILE B 146 -6.69 15.78 2.57
N HIS B 147 -5.88 14.74 2.31
CA HIS B 147 -4.48 14.76 2.66
C HIS B 147 -3.76 15.91 1.95
N GLU B 148 -4.15 16.26 0.73
CA GLU B 148 -3.42 17.23 -0.07
C GLU B 148 -3.89 18.62 0.31
N TYR B 149 -5.18 18.81 0.60
CA TYR B 149 -5.73 20.19 0.71
C TYR B 149 -6.12 20.61 2.13
N HIS B 150 -6.30 19.66 3.05
CA HIS B 150 -6.66 20.01 4.41
C HIS B 150 -5.37 20.14 5.20
N LYS B 151 -4.95 21.37 5.47
CA LYS B 151 -3.61 21.58 5.92
C LYS B 151 -3.54 21.60 7.45
N GLU B 152 -4.06 20.57 8.10
CA GLU B 152 -4.03 20.51 9.54
C GLU B 152 -4.30 19.09 10.03
N PRO B 153 -3.91 18.77 11.27
CA PRO B 153 -4.02 17.41 11.75
C PRO B 153 -5.52 17.10 11.72
N LEU B 154 -5.88 15.86 11.37
CA LEU B 154 -7.20 15.36 11.71
C LEU B 154 -7.27 15.30 13.25
N THR B 155 -8.46 15.42 13.83
CA THR B 155 -8.72 15.09 15.20
C THR B 155 -8.48 13.59 15.40
N LYS B 156 -8.53 13.16 16.66
CA LYS B 156 -8.27 11.79 17.00
C LYS B 156 -9.41 10.91 16.49
N ASN B 157 -10.64 11.39 16.50
CA ASN B 157 -11.77 10.55 16.15
C ASN B 157 -11.73 10.33 14.65
N GLN B 158 -11.54 11.44 13.92
CA GLN B 158 -11.24 11.43 12.48
C GLN B 158 -10.10 10.45 12.16
N SER B 159 -9.02 10.54 12.91
CA SER B 159 -7.86 9.77 12.61
C SER B 159 -8.13 8.26 12.75
N ALA B 160 -8.90 7.89 13.78
CA ALA B 160 -9.29 6.53 14.07
C ALA B 160 -10.25 6.02 12.98
N PHE B 161 -11.13 6.88 12.49
CA PHE B 161 -12.07 6.51 11.47
C PHE B 161 -11.29 6.15 10.21
N VAL B 162 -10.39 7.05 9.83
CA VAL B 162 -9.55 6.87 8.66
C VAL B 162 -8.70 5.60 8.79
N GLN B 163 -8.01 5.46 9.91
CA GLN B 163 -7.24 4.27 10.25
C GLN B 163 -8.04 2.98 9.90
N LYS B 164 -9.24 2.86 10.48
CA LYS B 164 -10.16 1.70 10.31
C LYS B 164 -10.73 1.56 8.89
N PHE B 165 -11.02 2.66 8.20
CA PHE B 165 -11.65 2.54 6.86
C PHE B 165 -10.85 3.32 5.82
N ARG B 166 -9.60 2.91 5.61
CA ARG B 166 -8.70 3.57 4.63
C ARG B 166 -8.84 2.90 3.25
N ASP B 167 -9.47 1.73 3.22
CA ASP B 167 -9.56 0.91 1.98
C ASP B 167 -10.36 1.57 0.85
N SER B 168 -11.46 2.25 1.14
CA SER B 168 -12.25 2.83 0.02
C SER B 168 -12.96 4.13 0.41
N SER B 169 -13.24 4.97 -0.58
CA SER B 169 -14.01 6.24 -0.39
C SER B 169 -15.48 5.94 -0.07
N VAL B 170 -15.93 4.73 -0.39
CA VAL B 170 -17.30 4.17 -0.20
C VAL B 170 -17.65 4.20 1.30
N PHE B 171 -16.67 3.94 2.16
CA PHE B 171 -16.88 3.96 3.64
C PHE B 171 -17.29 5.35 4.12
N LEU B 172 -16.98 6.42 3.37
CA LEU B 172 -17.41 7.78 3.88
C LEU B 172 -18.79 8.16 3.37
N PHE B 173 -19.36 7.35 2.46
CA PHE B 173 -20.58 7.77 1.83
C PHE B 173 -21.70 7.78 2.84
N PRO B 174 -22.69 8.68 2.73
CA PRO B 174 -23.86 8.66 3.61
C PRO B 174 -24.75 7.41 3.44
N ASN B 175 -25.59 7.12 4.43
CA ASN B 175 -26.26 5.78 4.54
C ASN B 175 -26.86 5.25 3.22
N PRO B 176 -27.80 5.95 2.54
CA PRO B 176 -28.51 5.33 1.44
C PRO B 176 -27.49 4.97 0.37
N ILE B 177 -26.48 5.82 0.18
CA ILE B 177 -25.54 5.65 -0.94
C ILE B 177 -24.61 4.47 -0.67
N TYR B 178 -24.09 4.33 0.55
CA TYR B 178 -23.24 3.16 0.86
C TYR B 178 -24.01 1.87 0.70
N THR B 179 -25.23 1.83 1.22
CA THR B 179 -26.03 0.65 1.21
C THR B 179 -26.38 0.28 -0.24
N ALA B 180 -26.73 1.28 -1.06
CA ALA B 180 -26.99 1.03 -2.47
C ALA B 180 -25.72 0.53 -3.16
N TRP B 181 -24.57 1.19 -2.92
CA TRP B 181 -23.27 0.70 -3.52
C TRP B 181 -22.96 -0.75 -3.14
N LEU B 182 -23.14 -1.11 -1.86
CA LEU B 182 -22.78 -2.45 -1.41
C LEU B 182 -23.68 -3.50 -2.09
N ALA B 183 -24.97 -3.25 -2.07
CA ALA B 183 -25.92 -4.16 -2.69
C ALA B 183 -25.59 -4.38 -4.17
N HIS B 184 -25.40 -3.29 -4.94
CA HIS B 184 -25.16 -3.41 -6.39
C HIS B 184 -23.74 -3.92 -6.69
N SER B 185 -22.84 -3.92 -5.70
CA SER B 185 -21.40 -4.33 -5.92
C SER B 185 -21.33 -5.82 -6.27
N TYR B 186 -22.40 -6.54 -5.96
CA TYR B 186 -22.55 -7.97 -6.23
C TYR B 186 -23.24 -8.27 -7.56
N ASP B 187 -23.69 -7.27 -8.34
CA ASP B 187 -24.54 -7.50 -9.55
C ASP B 187 -23.68 -8.08 -10.67
N GLU B 188 -24.33 -8.54 -11.74
CA GLU B 188 -23.60 -9.25 -12.87
C GLU B 188 -22.66 -8.32 -13.64
N ASP B 189 -22.97 -7.02 -13.69
CA ASP B 189 -22.10 -6.05 -14.33
C ASP B 189 -21.00 -5.54 -13.34
N SER B 190 -20.80 -6.17 -12.17
CA SER B 190 -19.79 -5.74 -11.18
C SER B 190 -18.57 -6.68 -11.18
N SER B 191 -17.36 -6.11 -11.20
CA SER B 191 -16.14 -6.90 -10.95
C SER B 191 -15.50 -6.46 -9.63
N PHE B 192 -16.26 -5.83 -8.74
CA PHE B 192 -15.70 -5.37 -7.48
C PHE B 192 -15.35 -6.58 -6.60
N ASN B 193 -14.13 -6.55 -6.11
CA ASN B 193 -13.61 -7.57 -5.26
C ASN B 193 -12.83 -6.86 -4.16
N PRO B 194 -13.19 -7.01 -2.84
CA PRO B 194 -12.53 -6.31 -1.74
C PRO B 194 -11.15 -6.89 -1.35
N MET B 195 -10.23 -6.66 -2.27
CA MET B 195 -8.88 -7.13 -2.29
C MET B 195 -8.12 -6.16 -3.20
N PHE B 196 -7.06 -5.54 -2.68
CA PHE B 196 -6.08 -4.82 -3.51
C PHE B 196 -4.66 -5.21 -3.11
N ARG B 197 -3.79 -5.22 -4.11
CA ARG B 197 -2.35 -5.52 -3.90
C ARG B 197 -1.63 -4.18 -3.78
N GLU B 198 -1.16 -3.85 -2.58
CA GLU B 198 -0.44 -2.58 -2.36
C GLU B 198 1.02 -2.94 -2.18
N ARG B 199 1.89 -2.36 -3.00
CA ARG B 199 3.34 -2.73 -2.97
C ARG B 199 3.40 -4.23 -3.20
N LEU B 200 3.98 -4.95 -2.25
CA LEU B 200 4.17 -6.37 -2.33
C LEU B 200 3.12 -7.10 -1.48
N SER B 201 2.17 -6.37 -0.90
CA SER B 201 1.33 -6.83 0.22
C SER B 201 -0.13 -6.89 -0.23
N THR B 202 -0.85 -7.97 0.07
CA THR B 202 -2.19 -8.08 -0.45
C THR B 202 -3.14 -7.87 0.72
N ASN B 203 -4.14 -7.01 0.52
CA ASN B 203 -4.96 -6.64 1.63
C ASN B 203 -6.42 -6.99 1.31
N PHE B 204 -7.07 -7.73 2.19
CA PHE B 204 -8.36 -8.24 2.00
C PHE B 204 -9.31 -7.49 2.94
N TYR B 205 -10.42 -6.90 2.46
CA TYR B 205 -11.22 -6.06 3.37
C TYR B 205 -12.69 -6.42 3.32
N HIS B 206 -13.01 -7.67 2.96
CA HIS B 206 -14.35 -8.17 2.98
C HIS B 206 -15.04 -7.91 4.33
N SER B 207 -14.29 -8.05 5.43
CA SER B 207 -14.92 -7.84 6.76
C SER B 207 -15.17 -6.36 7.06
N THR B 208 -14.37 -5.51 6.45
CA THR B 208 -14.66 -4.08 6.62
C THR B 208 -16.02 -3.68 5.98
N LEU B 209 -16.41 -4.35 4.87
CA LEU B 209 -17.68 -4.05 4.26
C LEU B 209 -18.76 -4.20 5.32
N THR B 210 -18.69 -5.29 6.09
CA THR B 210 -19.81 -5.72 6.95
C THR B 210 -19.91 -4.78 8.16
N ASP B 211 -18.75 -4.33 8.63
CA ASP B 211 -18.61 -3.57 9.80
C ASP B 211 -19.10 -2.16 9.47
N ASN B 212 -18.68 -1.62 8.34
CA ASN B 212 -19.15 -0.29 7.95
C ASN B 212 -20.67 -0.30 7.71
N LEU B 213 -21.26 -1.45 7.38
CA LEU B 213 -22.69 -1.58 7.24
C LEU B 213 -23.35 -1.64 8.59
N LEU B 214 -22.78 -2.45 9.48
CA LEU B 214 -23.44 -2.76 10.74
C LEU B 214 -23.50 -1.52 11.62
N LEU B 215 -22.48 -0.68 11.52
CA LEU B 215 -22.33 0.39 12.42
C LEU B 215 -23.37 1.46 12.06
N ARG B 216 -24.02 1.30 10.90
CA ARG B 216 -25.07 2.17 10.40
C ARG B 216 -26.48 1.68 10.76
N THR B 217 -26.61 0.44 11.24
CA THR B 217 -27.92 -0.13 11.44
C THR B 217 -28.47 0.36 12.79
N GLU B 218 -29.78 0.24 12.94
CA GLU B 218 -30.51 0.43 14.16
C GLU B 218 -30.49 -0.88 14.93
N PRO B 219 -30.46 -0.82 16.29
CA PRO B 219 -30.48 -2.02 17.10
C PRO B 219 -31.82 -2.78 16.97
N LYS B 220 -31.77 -3.99 16.38
CA LYS B 220 -32.92 -4.88 16.19
C LYS B 220 -33.44 -5.36 17.54
N GLU B 221 -34.72 -5.76 17.55
CA GLU B 221 -35.38 -6.41 18.68
C GLU B 221 -36.35 -7.47 18.16
N VAL B 222 -36.47 -8.55 18.92
CA VAL B 222 -37.31 -9.66 18.52
C VAL B 222 -38.23 -9.98 19.68
N THR B 223 -39.54 -10.01 19.39
CA THR B 223 -40.58 -10.31 20.33
C THR B 223 -41.13 -11.68 19.96
N LEU B 224 -41.19 -12.55 20.97
CA LEU B 224 -41.78 -13.83 20.84
C LEU B 224 -43.24 -13.72 21.28
N SER B 225 -44.15 -14.39 20.54
CA SER B 225 -45.60 -14.44 20.88
C SER B 225 -45.75 -15.02 22.25
N SER B 226 -46.96 -14.89 22.80
CA SER B 226 -47.24 -15.52 24.07
C SER B 226 -47.40 -17.03 23.89
N GLU B 227 -47.57 -17.49 22.65
CA GLU B 227 -47.71 -18.91 22.36
C GLU B 227 -46.34 -19.55 22.15
N HIS B 228 -45.25 -18.78 22.21
CA HIS B 228 -43.94 -19.31 21.82
C HIS B 228 -43.51 -20.37 22.82
N HIS B 229 -42.68 -21.32 22.38
CA HIS B 229 -42.08 -22.34 23.27
C HIS B 229 -41.46 -21.73 24.53
N TYR B 230 -40.83 -20.55 24.43
CA TYR B 230 -40.07 -19.98 25.52
C TYR B 230 -40.93 -18.96 26.30
N LYS B 231 -42.18 -18.77 25.89
CA LYS B 231 -43.09 -17.81 26.57
C LYS B 231 -44.28 -18.54 27.19
N LYS B 232 -44.89 -19.47 26.45
CA LYS B 232 -46.10 -20.18 26.90
C LYS B 232 -45.83 -20.95 28.19
N GLU B 233 -46.72 -20.81 29.17
CA GLU B 233 -46.60 -21.50 30.48
C GLU B 233 -46.84 -22.99 30.23
N LYS B 234 -45.98 -23.85 30.77
CA LYS B 234 -46.14 -25.31 30.50
C LYS B 234 -46.27 -26.10 31.80
N GLY B 235 -47.27 -27.00 31.84
CA GLY B 235 -47.47 -27.91 32.98
C GLY B 235 -46.46 -29.02 32.91
N PRO B 236 -46.14 -29.76 34.00
CA PRO B 236 -45.09 -30.78 33.91
C PRO B 236 -45.37 -31.81 32.79
N ILE B 237 -44.28 -32.49 32.44
CA ILE B 237 -44.26 -33.55 31.40
C ILE B 237 -45.10 -34.71 31.89
N ASP B 238 -45.93 -35.27 31.02
CA ASP B 238 -46.75 -36.45 31.40
C ASP B 238 -45.97 -37.69 30.98
N SER B 239 -45.60 -38.54 31.94
CA SER B 239 -44.84 -39.78 31.64
C SER B 239 -45.60 -40.93 32.28
N SER B 240 -46.77 -41.24 31.73
CA SER B 240 -47.63 -42.33 32.24
C SER B 240 -47.19 -43.67 31.65
N PHE B 241 -46.30 -43.65 30.67
CA PHE B 241 -45.80 -44.90 30.06
C PHE B 241 -44.29 -45.06 30.29
N ARG B 242 -43.91 -46.21 30.82
CA ARG B 242 -42.51 -46.62 31.10
C ARG B 242 -42.12 -47.70 30.09
N TYR B 243 -41.00 -47.50 29.41
CA TYR B 243 -40.51 -48.48 28.41
C TYR B 243 -39.85 -49.65 29.14
N GLN B 244 -40.12 -50.88 28.71
CA GLN B 244 -39.53 -52.05 29.33
C GLN B 244 -38.27 -52.45 28.54
N MET B 245 -37.12 -52.03 29.08
CA MET B 245 -35.85 -52.32 28.50
C MET B 245 -35.55 -53.82 28.61
N SER B 246 -35.25 -54.39 27.46
CA SER B 246 -34.89 -55.75 27.29
C SER B 246 -33.49 -55.80 26.66
N SER B 247 -32.65 -56.72 27.14
CA SER B 247 -31.27 -56.90 26.58
C SER B 247 -31.35 -57.46 25.16
N ASP B 248 -32.41 -58.21 24.87
CA ASP B 248 -32.64 -58.87 23.56
C ASP B 248 -32.78 -57.82 22.44
N ARG B 249 -33.43 -56.69 22.73
CA ARG B 249 -33.71 -55.65 21.71
C ARG B 249 -32.66 -54.54 21.67
N LEU B 250 -31.56 -54.66 22.41
CA LEU B 250 -30.56 -53.56 22.40
C LEU B 250 -29.62 -53.71 21.20
N LEU B 251 -29.75 -52.81 20.21
CA LEU B 251 -28.90 -52.79 18.99
C LEU B 251 -27.46 -52.35 19.29
N ARG B 252 -27.31 -51.30 20.10
CA ARG B 252 -25.98 -50.75 20.48
C ARG B 252 -26.15 -49.55 21.43
N ILE B 253 -25.01 -49.09 21.94
CA ILE B 253 -24.90 -47.89 22.69
C ILE B 253 -24.25 -46.82 21.80
N GLN B 254 -24.81 -45.62 21.80
CA GLN B 254 -24.19 -44.47 21.11
C GLN B 254 -23.98 -43.43 22.20
N GLY B 255 -22.73 -43.08 22.52
CA GLY B 255 -22.54 -42.13 23.62
C GLY B 255 -23.17 -42.68 24.89
N ARG B 256 -24.05 -41.88 25.50
CA ARG B 256 -24.77 -42.25 26.75
C ARG B 256 -26.18 -42.74 26.40
N THR B 257 -26.44 -43.07 25.13
CA THR B 257 -27.80 -43.50 24.73
C THR B 257 -27.86 -44.97 24.29
N LEU B 258 -28.75 -45.75 24.91
CA LEU B 258 -29.03 -47.13 24.54
C LEU B 258 -30.07 -47.13 23.43
N LEU B 259 -29.85 -47.91 22.36
CA LEU B 259 -30.77 -47.97 21.23
C LEU B 259 -31.28 -49.39 21.11
N PHE B 260 -32.62 -49.48 21.11
CA PHE B 260 -33.37 -50.71 21.14
C PHE B 260 -34.10 -50.80 19.81
N SER B 261 -34.44 -52.02 19.40
CA SER B 261 -35.18 -52.25 18.20
C SER B 261 -36.67 -52.33 18.51
N THR B 262 -37.43 -52.14 17.43
CA THR B 262 -38.84 -52.32 17.47
C THR B 262 -39.22 -53.29 16.35
N PRO B 263 -40.46 -53.82 16.39
CA PRO B 263 -40.99 -54.56 15.26
C PRO B 263 -41.34 -53.66 14.07
N GLN B 264 -41.08 -52.36 14.15
CA GLN B 264 -41.51 -51.47 13.09
C GLN B 264 -40.29 -50.86 12.37
N ASN B 265 -39.10 -51.45 12.50
CA ASN B 265 -37.89 -50.90 11.77
C ASN B 265 -37.38 -49.51 12.25
N ASP B 266 -38.09 -48.80 13.15
CA ASP B 266 -37.53 -47.59 13.87
C ASP B 266 -36.88 -47.96 15.22
N VAL B 267 -36.46 -46.96 16.01
CA VAL B 267 -35.59 -47.19 17.19
C VAL B 267 -36.21 -46.50 18.42
N VAL B 268 -36.20 -47.18 19.57
CA VAL B 268 -36.47 -46.54 20.86
C VAL B 268 -35.11 -46.22 21.50
N ALA B 269 -34.93 -44.95 21.86
CA ALA B 269 -33.70 -44.47 22.50
C ALA B 269 -34.00 -44.14 23.96
N VAL B 270 -33.09 -44.60 24.84
CA VAL B 270 -33.04 -44.24 26.22
C VAL B 270 -31.74 -43.44 26.47
N LYS B 271 -31.91 -42.12 26.64
CA LYS B 271 -30.83 -41.18 26.85
C LYS B 271 -30.64 -41.06 28.37
N VAL B 272 -29.44 -41.41 28.86
CA VAL B 272 -29.19 -41.61 30.31
C VAL B 272 -28.38 -40.43 30.86
N GLN B 273 -28.87 -39.85 31.99
CA GLN B 273 -28.26 -38.65 32.64
C GLN B 273 -26.75 -38.87 32.81
N LYS B 274 -26.05 -37.79 32.49
CA LYS B 274 -24.58 -37.72 32.56
C LYS B 274 -24.11 -37.18 33.92
N LYS B 275 -22.80 -37.33 34.12
CA LYS B 275 -22.06 -36.66 35.20
C LYS B 275 -22.35 -35.15 35.15
N GLY B 276 -22.96 -34.63 36.22
CA GLY B 276 -23.20 -33.24 36.39
C GLY B 276 -24.16 -32.65 35.39
N GLU B 277 -25.17 -33.44 34.96
CA GLU B 277 -26.21 -32.96 34.02
C GLU B 277 -27.54 -32.85 34.75
N PRO B 278 -28.13 -31.63 34.85
CA PRO B 278 -29.37 -31.43 35.61
C PRO B 278 -30.56 -32.06 34.86
N LYS B 279 -31.52 -32.57 35.63
CA LYS B 279 -32.80 -33.12 35.17
C LYS B 279 -33.31 -32.33 33.97
N SER B 280 -33.35 -31.01 34.17
CA SER B 280 -34.02 -30.06 33.36
C SER B 280 -33.55 -30.13 31.93
N THR B 281 -32.33 -30.63 31.71
CA THR B 281 -31.76 -30.64 30.36
C THR B 281 -32.43 -31.73 29.52
N LEU B 282 -32.74 -32.85 30.16
CA LEU B 282 -33.60 -33.85 29.57
C LEU B 282 -35.06 -33.33 29.45
N GLU B 283 -35.57 -32.62 30.47
CA GLU B 283 -36.90 -32.06 30.38
C GLU B 283 -37.01 -31.17 29.14
N GLU B 284 -35.92 -30.48 28.79
CA GLU B 284 -35.93 -29.47 27.75
C GLU B 284 -35.84 -30.11 26.37
N GLU B 285 -35.15 -31.26 26.26
CA GLU B 285 -35.10 -31.97 24.98
C GLU B 285 -36.52 -32.51 24.69
N PHE B 286 -37.16 -33.10 25.70
CA PHE B 286 -38.55 -33.54 25.59
C PHE B 286 -39.41 -32.37 25.09
N GLU B 287 -39.47 -31.30 25.87
CA GLU B 287 -40.38 -30.23 25.66
C GLU B 287 -40.17 -29.62 24.26
N MET B 288 -38.92 -29.59 23.75
CA MET B 288 -38.61 -28.99 22.44
C MET B 288 -39.10 -29.91 21.32
N ALA B 289 -38.96 -31.21 21.49
CA ALA B 289 -39.36 -32.18 20.52
C ALA B 289 -40.87 -32.10 20.34
N ASP B 290 -41.56 -31.93 21.46
CA ASP B 290 -43.00 -31.95 21.48
C ASP B 290 -43.55 -30.72 20.77
N TYR B 291 -42.89 -29.57 20.95
CA TYR B 291 -43.34 -28.27 20.40
C TYR B 291 -43.17 -28.28 18.89
N LEU B 292 -42.00 -28.71 18.45
CA LEU B 292 -41.66 -28.86 17.04
C LEU B 292 -42.56 -29.89 16.34
N LEU B 293 -43.02 -30.93 17.03
CA LEU B 293 -44.02 -31.85 16.46
C LEU B 293 -45.35 -31.12 16.32
N LYS B 294 -45.83 -30.49 17.39
CA LYS B 294 -47.04 -29.72 17.36
C LYS B 294 -47.00 -28.75 16.17
N HIS B 295 -45.90 -28.03 16.01
CA HIS B 295 -45.85 -26.95 14.98
C HIS B 295 -45.14 -27.35 13.68
N GLN B 296 -44.96 -28.64 13.41
CA GLN B 296 -44.22 -29.02 12.18
C GLN B 296 -44.94 -28.51 10.93
N ARG B 297 -46.27 -28.65 10.86
CA ARG B 297 -47.02 -28.19 9.66
C ARG B 297 -46.95 -26.66 9.53
N ARG B 298 -47.09 -25.94 10.63
CA ARG B 298 -47.06 -24.45 10.61
C ARG B 298 -45.70 -23.94 10.17
N LEU B 299 -44.61 -24.57 10.64
CA LEU B 299 -43.24 -24.11 10.32
C LEU B 299 -42.69 -24.80 9.07
N ASP B 300 -43.43 -25.76 8.50
CA ASP B 300 -42.94 -26.50 7.31
C ASP B 300 -41.56 -27.07 7.63
N VAL B 301 -41.45 -27.74 8.77
CA VAL B 301 -40.20 -28.30 9.23
C VAL B 301 -39.97 -29.60 8.46
N HIS B 302 -38.84 -29.75 7.79
CA HIS B 302 -38.59 -30.89 6.87
C HIS B 302 -38.00 -32.09 7.60
N SER B 303 -37.38 -31.89 8.76
CA SER B 303 -36.66 -32.98 9.46
C SER B 303 -37.66 -34.06 9.81
N LYS B 304 -37.24 -35.33 9.87
CA LYS B 304 -38.01 -36.34 10.59
C LYS B 304 -37.71 -36.18 12.09
N LEU B 305 -38.68 -35.69 12.85
CA LEU B 305 -38.48 -35.31 14.24
C LEU B 305 -38.59 -36.53 15.12
N PRO B 306 -37.83 -36.61 16.23
CA PRO B 306 -38.04 -37.68 17.20
C PRO B 306 -39.34 -37.45 17.98
N GLN B 307 -39.94 -38.56 18.41
CA GLN B 307 -41.20 -38.63 19.10
C GLN B 307 -40.93 -38.88 20.58
N PRO B 308 -41.18 -37.89 21.46
CA PRO B 308 -40.91 -38.04 22.91
C PRO B 308 -41.88 -38.94 23.67
N LEU B 309 -41.37 -39.84 24.50
CA LEU B 309 -42.24 -40.82 25.14
C LEU B 309 -42.23 -40.73 26.68
N GLY B 310 -41.11 -40.35 27.28
CA GLY B 310 -41.04 -40.30 28.73
C GLY B 310 -39.85 -39.51 29.22
N GLN B 311 -39.97 -38.96 30.43
CA GLN B 311 -38.79 -38.45 31.20
C GLN B 311 -39.05 -38.79 32.67
N TYR B 312 -38.28 -39.74 33.19
CA TYR B 312 -38.53 -40.31 34.48
C TYR B 312 -37.23 -40.95 34.98
N SER B 313 -37.26 -41.52 36.19
CA SER B 313 -36.05 -42.05 36.80
C SER B 313 -35.97 -43.56 36.63
N VAL B 314 -34.75 -44.04 36.45
CA VAL B 314 -34.47 -45.41 36.44
C VAL B 314 -33.28 -45.67 37.35
N LYS B 315 -33.29 -46.84 38.00
CA LYS B 315 -32.16 -47.33 38.78
C LYS B 315 -30.97 -47.59 37.86
N LYS B 316 -29.82 -47.01 38.19
CA LYS B 316 -28.54 -47.34 37.58
C LYS B 316 -28.33 -48.86 37.55
N SER B 317 -28.71 -49.61 38.58
CA SER B 317 -28.43 -51.02 38.54
C SER B 317 -29.15 -51.68 37.35
N GLU B 318 -30.38 -51.25 37.06
CA GLU B 318 -31.16 -51.82 35.95
C GLU B 318 -30.53 -51.42 34.60
N ILE B 319 -30.11 -50.16 34.46
CA ILE B 319 -29.36 -49.68 33.29
C ILE B 319 -28.09 -50.52 33.06
N LEU B 320 -27.39 -50.87 34.13
CA LEU B 320 -26.11 -51.52 34.01
C LEU B 320 -26.28 -52.95 33.49
N GLU B 321 -27.37 -53.62 33.86
CA GLU B 321 -27.49 -54.99 33.45
C GLU B 321 -28.05 -55.11 32.02
N ILE B 322 -28.93 -54.19 31.60
CA ILE B 322 -29.41 -54.13 30.23
C ILE B 322 -28.22 -53.99 29.28
N SER B 323 -27.23 -53.17 29.68
CA SER B 323 -26.10 -52.77 28.83
C SER B 323 -24.82 -53.64 29.00
N ARG B 324 -24.70 -54.46 30.05
CA ARG B 324 -23.44 -55.22 30.42
C ARG B 324 -22.85 -56.01 29.22
N GLY B 325 -23.70 -56.60 28.39
CA GLY B 325 -23.20 -57.40 27.26
C GLY B 325 -22.39 -56.60 26.25
N SER B 326 -22.78 -55.34 25.99
CA SER B 326 -22.46 -54.71 24.74
C SER B 326 -21.06 -54.08 24.73
N LEU B 327 -20.60 -53.82 23.49
CA LEU B 327 -19.39 -53.10 23.22
C LEU B 327 -19.62 -51.66 23.68
N ASP B 328 -18.53 -50.98 24.05
CA ASP B 328 -18.59 -49.60 24.55
C ASP B 328 -19.25 -49.58 25.94
N PHE B 329 -19.47 -50.74 26.53
CA PHE B 329 -20.13 -50.74 27.87
C PHE B 329 -19.27 -50.00 28.89
N GLU B 330 -17.96 -50.26 28.90
CA GLU B 330 -17.07 -49.62 29.91
C GLU B 330 -17.04 -48.11 29.71
N ARG B 331 -16.95 -47.64 28.46
CA ARG B 331 -16.91 -46.17 28.19
C ARG B 331 -18.23 -45.54 28.64
N PHE B 332 -19.34 -46.23 28.37
CA PHE B 332 -20.71 -45.78 28.71
C PHE B 332 -20.86 -45.65 30.23
N LYS B 333 -20.25 -46.57 30.96
CA LYS B 333 -20.33 -46.63 32.44
C LYS B 333 -19.78 -45.35 33.08
N THR B 334 -18.70 -44.77 32.55
CA THR B 334 -18.09 -43.60 33.21
C THR B 334 -18.77 -42.31 32.72
N LEU B 335 -19.39 -42.40 31.54
CA LEU B 335 -20.17 -41.30 30.91
C LEU B 335 -21.40 -40.93 31.75
N ILE B 336 -22.12 -41.93 32.25
CA ILE B 336 -23.34 -41.70 33.03
C ILE B 336 -22.97 -41.30 34.47
N ASP B 337 -23.90 -40.63 35.12
CA ASP B 337 -23.77 -40.05 36.47
C ASP B 337 -23.37 -41.14 37.46
N ASP B 338 -22.71 -40.69 38.53
CA ASP B 338 -22.37 -41.53 39.68
C ASP B 338 -23.44 -41.30 40.76
N SER B 339 -24.61 -41.91 40.53
CA SER B 339 -25.81 -41.80 41.34
C SER B 339 -26.60 -43.11 41.16
N LYS B 340 -27.45 -43.47 42.13
CA LYS B 340 -28.15 -44.77 42.10
C LYS B 340 -29.45 -44.68 41.27
N ASP B 341 -30.00 -43.47 41.13
CA ASP B 341 -31.17 -43.15 40.32
C ASP B 341 -30.76 -42.15 39.23
N LEU B 342 -30.93 -42.55 37.96
CA LEU B 342 -30.57 -41.73 36.81
C LEU B 342 -31.88 -41.27 36.14
N GLU B 343 -31.93 -39.99 35.81
CA GLU B 343 -32.98 -39.50 34.96
C GLU B 343 -32.74 -39.97 33.50
N VAL B 344 -33.84 -40.33 32.80
CA VAL B 344 -33.76 -40.70 31.35
C VAL B 344 -34.73 -39.86 30.53
N TYR B 345 -34.39 -39.71 29.24
CA TYR B 345 -35.32 -39.25 28.21
C TYR B 345 -35.49 -40.38 27.18
N VAL B 346 -36.73 -40.89 27.08
CA VAL B 346 -37.09 -41.94 26.11
C VAL B 346 -37.78 -41.32 24.91
N TYR B 347 -37.32 -41.64 23.71
CA TYR B 347 -37.98 -41.19 22.52
C TYR B 347 -37.84 -42.25 21.44
N LYS B 348 -38.58 -42.10 20.34
CA LYS B 348 -38.39 -42.96 19.19
C LYS B 348 -38.26 -42.11 17.93
N ALA B 349 -37.56 -42.70 16.97
CA ALA B 349 -37.13 -42.01 15.81
C ALA B 349 -36.70 -43.01 14.76
N PRO B 350 -36.60 -42.60 13.48
CA PRO B 350 -36.10 -43.45 12.40
C PRO B 350 -34.60 -43.71 12.58
N GLN B 351 -34.10 -44.85 12.08
CA GLN B 351 -32.67 -45.12 12.06
C GLN B 351 -31.85 -43.94 11.53
N SER B 352 -32.38 -43.16 10.58
CA SER B 352 -31.59 -42.10 9.96
C SER B 352 -31.21 -41.02 10.99
N TYR B 353 -31.95 -40.96 12.10
CA TYR B 353 -31.67 -40.01 13.23
C TYR B 353 -30.33 -40.33 13.90
N PHE B 354 -29.89 -41.59 13.79
CA PHE B 354 -28.72 -42.07 14.52
C PHE B 354 -27.44 -41.98 13.66
N THR B 355 -27.63 -41.48 12.42
CA THR B 355 -26.60 -41.43 11.38
C THR B 355 -26.21 -39.97 11.27
N TYR B 356 -24.96 -39.66 11.61
CA TYR B 356 -24.42 -38.36 11.49
C TYR B 356 -24.35 -38.00 9.99
N LEU B 357 -24.47 -36.69 9.70
CA LEU B 357 -24.62 -36.16 8.35
C LEU B 357 -23.31 -36.36 7.51
N HIS B 358 -22.16 -36.53 8.16
CA HIS B 358 -20.84 -36.81 7.47
C HIS B 358 -20.61 -38.31 7.17
N ASP B 359 -21.61 -39.13 7.38
CA ASP B 359 -21.38 -40.57 7.33
C ASP B 359 -21.07 -41.00 5.88
N LYS B 360 -20.00 -41.80 5.70
CA LYS B 360 -19.48 -42.08 4.36
C LYS B 360 -20.32 -43.06 3.55
N ASN B 361 -21.32 -43.70 4.17
CA ASN B 361 -22.10 -44.71 3.52
C ASN B 361 -23.28 -44.04 2.84
N GLN B 362 -23.41 -42.72 2.99
CA GLN B 362 -24.38 -41.98 2.21
C GLN B 362 -23.73 -41.68 0.86
N ASP B 363 -24.44 -41.95 -0.23
CA ASP B 363 -24.01 -41.46 -1.51
C ASP B 363 -24.39 -39.97 -1.58
N LEU B 364 -23.86 -39.29 -2.60
CA LEU B 364 -23.94 -37.89 -2.78
C LEU B 364 -25.40 -37.42 -2.93
N GLU B 365 -26.25 -38.24 -3.53
CA GLU B 365 -27.64 -37.92 -3.68
C GLU B 365 -28.25 -37.83 -2.28
N ASP B 366 -28.06 -38.86 -1.45
CA ASP B 366 -28.73 -38.87 -0.15
C ASP B 366 -28.15 -37.76 0.72
N LEU B 367 -26.84 -37.50 0.58
CA LEU B 367 -26.16 -36.49 1.40
C LEU B 367 -26.70 -35.09 1.11
N THR B 368 -26.76 -34.75 -0.20
CA THR B 368 -27.31 -33.47 -0.72
C THR B 368 -28.68 -33.13 -0.11
N ALA B 369 -29.53 -34.14 0.01
CA ALA B 369 -30.91 -33.96 0.38
C ALA B 369 -31.01 -33.77 1.90
N SER B 370 -30.29 -34.60 2.66
CA SER B 370 -30.19 -34.47 4.08
C SER B 370 -29.51 -33.15 4.46
N VAL B 371 -28.57 -32.68 3.63
CA VAL B 371 -27.93 -31.45 3.93
C VAL B 371 -28.96 -30.34 3.67
N LYS B 372 -29.77 -30.48 2.63
CA LYS B 372 -30.83 -29.49 2.36
C LYS B 372 -31.85 -29.48 3.50
N THR B 373 -32.31 -30.64 3.96
CA THR B 373 -33.19 -30.72 5.11
C THR B 373 -32.58 -29.94 6.30
N ASN B 374 -31.33 -30.26 6.68
CA ASN B 374 -30.68 -29.66 7.90
C ASN B 374 -30.57 -28.15 7.80
N VAL B 375 -30.07 -27.67 6.67
CA VAL B 375 -29.98 -26.21 6.39
C VAL B 375 -31.36 -25.51 6.45
N HIS B 376 -32.36 -26.08 5.79
CA HIS B 376 -33.70 -25.50 5.77
C HIS B 376 -34.18 -25.30 7.21
N ASP B 377 -34.03 -26.34 8.02
CA ASP B 377 -34.64 -26.36 9.33
C ASP B 377 -33.87 -25.40 10.24
N LEU B 378 -32.56 -25.24 10.06
CA LEU B 378 -31.83 -24.32 10.90
C LEU B 378 -32.34 -22.86 10.68
N PHE B 379 -32.59 -22.47 9.44
CA PHE B 379 -32.89 -21.07 9.07
C PHE B 379 -34.37 -20.76 9.33
N VAL B 380 -35.23 -21.72 9.00
CA VAL B 380 -36.62 -21.62 9.29
C VAL B 380 -36.75 -21.47 10.82
N LEU B 381 -36.06 -22.30 11.62
CA LEU B 381 -36.24 -22.22 13.10
C LEU B 381 -35.58 -20.94 13.65
N LEU B 382 -34.58 -20.41 12.94
CA LEU B 382 -33.94 -19.13 13.36
C LEU B 382 -34.99 -18.02 13.25
N ARG B 383 -35.80 -18.06 12.18
CA ARG B 383 -36.91 -17.09 11.96
C ARG B 383 -37.96 -17.25 13.06
N GLU B 384 -38.17 -18.49 13.52
CA GLU B 384 -39.09 -18.84 14.62
C GLU B 384 -38.57 -18.26 15.95
N GLY B 385 -37.25 -18.08 16.10
CA GLY B 385 -36.67 -17.53 17.34
C GLY B 385 -35.89 -18.57 18.13
N ILE B 386 -35.52 -19.67 17.49
CA ILE B 386 -34.79 -20.80 18.16
C ILE B 386 -33.38 -20.93 17.56
N VAL B 387 -32.38 -20.83 18.42
CA VAL B 387 -30.98 -20.88 18.11
C VAL B 387 -30.39 -22.16 18.71
N PHE B 388 -29.56 -22.88 17.96
CA PHE B 388 -28.84 -24.06 18.38
C PHE B 388 -27.36 -23.72 18.47
N PRO B 389 -26.89 -23.31 19.67
CA PRO B 389 -25.52 -22.84 19.85
C PRO B 389 -24.46 -23.93 20.02
N GLN B 390 -24.84 -25.20 20.12
CA GLN B 390 -23.87 -26.26 20.32
C GLN B 390 -24.07 -27.37 19.27
N LEU B 391 -24.16 -27.04 17.98
CA LEU B 391 -24.31 -28.07 16.95
C LEU B 391 -23.03 -28.90 16.82
N ALA B 392 -21.90 -28.25 17.06
CA ALA B 392 -20.65 -28.94 17.12
C ALA B 392 -19.70 -28.29 18.13
N ASP B 393 -18.66 -29.03 18.44
CA ASP B 393 -17.67 -28.57 19.39
C ASP B 393 -16.51 -27.93 18.63
N ILE B 394 -16.70 -26.70 18.14
CA ILE B 394 -15.63 -26.04 17.34
C ILE B 394 -14.84 -25.12 18.27
N PHE B 395 -13.52 -25.26 18.27
CA PHE B 395 -12.65 -24.49 19.18
C PHE B 395 -11.45 -23.89 18.44
N HIS B 396 -10.86 -22.88 19.07
CA HIS B 396 -9.64 -22.16 18.60
C HIS B 396 -8.66 -22.16 19.76
N THR B 397 -7.35 -22.23 19.49
CA THR B 397 -6.37 -22.21 20.61
C THR B 397 -5.23 -21.22 20.32
N HIS B 398 -4.83 -20.47 21.35
CA HIS B 398 -3.70 -19.51 21.27
C HIS B 398 -2.69 -19.89 22.35
N PHE B 399 -1.40 -19.71 22.10
CA PHE B 399 -0.37 -20.07 23.09
C PHE B 399 0.50 -18.84 23.39
N GLU B 405 -1.85 -21.53 27.14
CA GLU B 405 -2.83 -22.12 26.24
C GLU B 405 -4.23 -21.54 26.54
N ASP B 406 -4.81 -20.86 25.54
CA ASP B 406 -6.15 -20.14 25.57
C ASP B 406 -7.12 -20.81 24.57
N LYS B 407 -7.84 -21.87 25.03
CA LYS B 407 -8.92 -22.60 24.25
C LYS B 407 -10.30 -21.99 24.56
N GLY B 408 -11.06 -21.60 23.51
CA GLY B 408 -12.38 -21.01 23.60
C GLY B 408 -13.20 -21.30 22.34
N ARG B 409 -14.51 -21.12 22.44
CA ARG B 409 -15.49 -21.34 21.38
C ARG B 409 -15.10 -20.57 20.09
N TYR B 410 -15.12 -21.22 18.94
CA TYR B 410 -14.73 -20.57 17.66
C TYR B 410 -15.72 -19.44 17.38
N GLN B 411 -15.24 -18.28 16.90
CA GLN B 411 -16.13 -17.22 16.38
C GLN B 411 -16.02 -17.20 14.83
N ALA B 412 -17.13 -17.40 14.14
CA ALA B 412 -17.15 -17.41 12.69
C ALA B 412 -16.82 -16.04 12.07
N LEU B 413 -17.31 -14.93 12.66
CA LEU B 413 -16.97 -13.59 12.19
C LEU B 413 -16.06 -12.91 13.24
N VAL B 414 -14.94 -13.56 13.53
CA VAL B 414 -14.07 -13.09 14.59
C VAL B 414 -13.68 -11.62 14.41
N GLN B 415 -13.42 -11.16 13.19
CA GLN B 415 -12.94 -9.80 12.99
C GLN B 415 -13.99 -8.76 13.42
N LEU B 416 -15.28 -9.09 13.39
CA LEU B 416 -16.32 -8.14 13.73
C LEU B 416 -16.48 -8.07 15.25
N LEU B 417 -16.00 -9.09 15.98
CA LEU B 417 -16.42 -9.33 17.36
C LEU B 417 -15.27 -9.02 18.32
N ASN B 418 -14.13 -8.60 17.77
CA ASN B 418 -12.86 -8.43 18.52
C ASN B 418 -12.11 -7.24 17.92
N VAL B 419 -11.35 -6.56 18.77
CA VAL B 419 -10.41 -5.54 18.36
C VAL B 419 -9.20 -6.14 17.61
N LEU B 420 -8.95 -5.61 16.41
CA LEU B 420 -7.72 -5.84 15.61
C LEU B 420 -7.39 -7.33 15.60
N GLN B 421 -8.26 -8.07 14.91
CA GLN B 421 -8.13 -9.45 14.46
C GLN B 421 -8.46 -9.49 12.97
N PHE B 422 -7.61 -10.08 12.11
CA PHE B 422 -7.73 -9.82 10.67
C PHE B 422 -8.39 -10.98 9.91
N GLN B 423 -8.34 -12.23 10.45
CA GLN B 423 -8.88 -13.46 9.77
C GLN B 423 -9.43 -14.51 10.76
N LEU B 424 -10.16 -15.48 10.21
CA LEU B 424 -10.66 -16.60 11.03
C LEU B 424 -9.43 -17.38 11.51
N GLY B 425 -9.43 -17.77 12.79
CA GLY B 425 -8.30 -18.49 13.41
C GLY B 425 -8.24 -19.96 13.02
N ARG B 426 -7.13 -20.61 13.34
CA ARG B 426 -6.91 -22.05 13.05
C ARG B 426 -7.98 -22.87 13.75
N ILE B 427 -8.52 -23.90 13.08
CA ILE B 427 -9.52 -24.79 13.71
C ILE B 427 -8.77 -26.00 14.27
N ASP B 428 -8.90 -26.22 15.57
CA ASP B 428 -8.26 -27.25 16.28
C ASP B 428 -8.95 -28.58 15.96
N LYS B 429 -8.21 -29.62 15.60
CA LYS B 429 -8.79 -30.93 15.36
C LYS B 429 -10.18 -30.82 14.71
N TRP B 430 -10.22 -30.38 13.45
CA TRP B 430 -11.45 -29.91 12.78
C TRP B 430 -12.50 -31.03 12.57
N GLN B 431 -12.09 -32.27 12.33
CA GLN B 431 -12.98 -33.43 12.03
C GLN B 431 -13.53 -34.03 13.32
N LYS B 432 -12.80 -33.90 14.42
CA LYS B 432 -13.27 -34.26 15.75
C LYS B 432 -14.41 -33.31 16.10
N ALA B 433 -14.29 -32.04 15.69
CA ALA B 433 -15.28 -31.02 16.04
C ALA B 433 -16.69 -31.45 15.66
N VAL B 434 -16.85 -32.23 14.57
CA VAL B 434 -18.15 -32.59 13.97
C VAL B 434 -18.44 -34.08 14.06
N GLU B 435 -17.52 -34.81 14.70
CA GLU B 435 -17.65 -36.20 14.75
C GLU B 435 -19.04 -36.57 15.27
N TYR B 436 -19.52 -35.90 16.33
CA TYR B 436 -20.89 -36.17 16.87
C TYR B 436 -21.84 -34.98 16.67
N VAL B 437 -21.76 -34.36 15.49
CA VAL B 437 -22.46 -33.19 15.17
C VAL B 437 -23.97 -33.46 15.31
N ASN B 438 -24.74 -32.43 15.65
CA ASN B 438 -26.17 -32.57 15.88
C ASN B 438 -26.99 -32.53 14.60
N LEU B 439 -26.37 -32.61 13.42
CA LEU B 439 -27.07 -32.75 12.15
C LEU B 439 -26.97 -34.21 11.73
N ARG B 440 -28.04 -34.79 11.20
CA ARG B 440 -28.14 -36.23 11.00
C ARG B 440 -28.84 -36.47 9.66
N SER B 441 -28.85 -37.71 9.16
CA SER B 441 -29.48 -37.96 7.90
C SER B 441 -30.94 -37.53 7.93
N SER B 442 -31.59 -37.58 9.09
CA SER B 442 -33.02 -37.37 9.21
C SER B 442 -33.39 -35.87 9.23
N GLY B 443 -32.42 -34.99 9.54
CA GLY B 443 -32.68 -33.67 10.09
C GLY B 443 -31.93 -33.36 11.39
N LEU B 444 -32.44 -32.36 12.12
CA LEU B 444 -31.86 -31.88 13.38
C LEU B 444 -32.03 -32.92 14.48
N ALA B 445 -31.06 -32.97 15.41
CA ALA B 445 -31.17 -33.79 16.63
C ALA B 445 -30.84 -32.96 17.88
N ASP B 446 -31.02 -33.53 19.07
CA ASP B 446 -30.53 -32.92 20.29
C ASP B 446 -31.09 -31.51 20.38
N LEU B 447 -32.39 -31.39 20.24
CA LEU B 447 -33.11 -30.15 20.11
C LEU B 447 -33.23 -29.41 21.46
N GLY B 448 -32.96 -30.11 22.55
CA GLY B 448 -32.99 -29.49 23.86
C GLY B 448 -31.88 -28.46 24.05
N ASP B 449 -30.76 -28.62 23.35
CA ASP B 449 -29.61 -27.72 23.47
C ASP B 449 -29.87 -26.44 22.64
N SER B 450 -30.81 -25.63 23.09
CA SER B 450 -31.31 -24.53 22.30
C SER B 450 -31.39 -23.29 23.20
N LEU B 451 -31.60 -22.11 22.62
CA LEU B 451 -31.71 -20.81 23.30
C LEU B 451 -32.76 -19.97 22.57
N PRO B 452 -33.52 -19.09 23.25
CA PRO B 452 -34.30 -18.08 22.55
C PRO B 452 -33.38 -17.13 21.78
N ILE B 453 -33.87 -16.59 20.66
CA ILE B 453 -33.06 -15.72 19.90
C ILE B 453 -32.84 -14.44 20.69
N THR B 454 -33.71 -14.19 21.68
CA THR B 454 -33.58 -12.97 22.51
C THR B 454 -32.32 -13.03 23.40
N SER B 455 -31.74 -14.21 23.59
CA SER B 455 -30.54 -14.35 24.36
C SER B 455 -29.31 -13.80 23.61
N LEU B 456 -29.43 -13.58 22.29
CA LEU B 456 -28.34 -13.01 21.57
C LEU B 456 -28.41 -11.49 21.66
N PHE B 457 -29.53 -10.95 22.13
CA PHE B 457 -29.77 -9.50 22.09
C PHE B 457 -29.64 -8.85 23.47
N THR B 458 -29.16 -9.59 24.47
CA THR B 458 -29.14 -9.09 25.83
C THR B 458 -27.99 -9.74 26.58
N SER B 459 -27.76 -9.29 27.80
CA SER B 459 -26.66 -9.82 28.55
C SER B 459 -27.14 -11.04 29.33
N SER B 460 -27.49 -12.10 28.59
CA SER B 460 -27.57 -13.48 29.11
C SER B 460 -26.23 -13.96 29.67
N ASP B 461 -26.28 -15.11 30.35
CA ASP B 461 -25.13 -15.91 30.82
C ASP B 461 -24.25 -16.28 29.60
N PHE B 462 -24.92 -16.66 28.51
CA PHE B 462 -24.29 -17.05 27.28
C PHE B 462 -23.46 -15.88 26.74
N THR B 463 -24.07 -14.70 26.58
CA THR B 463 -23.35 -13.68 25.87
C THR B 463 -22.25 -13.10 26.77
N LYS B 464 -22.50 -12.96 28.06
CA LYS B 464 -21.47 -12.38 28.95
C LYS B 464 -20.25 -13.30 28.95
N HIS B 465 -20.48 -14.61 29.01
CA HIS B 465 -19.38 -15.60 29.02
C HIS B 465 -18.62 -15.70 27.69
N TYR B 466 -19.33 -15.78 26.56
CA TYR B 466 -18.65 -16.04 25.27
C TYR B 466 -18.23 -14.78 24.50
N PHE B 467 -18.92 -13.66 24.71
CA PHE B 467 -18.55 -12.44 23.94
C PHE B 467 -18.43 -11.25 24.90
N SER B 468 -17.48 -11.30 25.83
CA SER B 468 -17.33 -10.24 26.76
C SER B 468 -16.59 -9.02 26.18
N GLU B 469 -15.65 -9.23 25.26
CA GLU B 469 -15.02 -8.12 24.57
C GLU B 469 -16.10 -7.31 23.84
N LEU B 470 -16.99 -7.96 23.10
CA LEU B 470 -17.95 -7.19 22.33
C LEU B 470 -18.90 -6.40 23.25
N LEU B 471 -19.38 -7.02 24.32
CA LEU B 471 -20.33 -6.35 25.25
C LEU B 471 -19.61 -5.40 26.24
N THR B 472 -18.27 -5.32 26.21
CA THR B 472 -17.55 -4.45 27.14
C THR B 472 -16.97 -3.20 26.45
N GLY B 473 -16.29 -3.37 25.32
CA GLY B 473 -15.65 -2.24 24.61
C GLY B 473 -14.21 -2.54 24.16
N GLY B 474 -13.67 -1.68 23.30
CA GLY B 474 -12.40 -1.93 22.73
C GLY B 474 -11.29 -1.38 23.59
N TYR B 475 -10.28 -2.22 23.83
CA TYR B 475 -9.03 -1.76 24.29
C TYR B 475 -7.83 -2.27 23.46
N HIS B 476 -6.95 -1.31 23.12
CA HIS B 476 -5.67 -1.53 22.50
C HIS B 476 -4.75 -0.41 22.95
N PRO B 477 -3.42 -0.63 23.12
CA PRO B 477 -2.57 0.46 23.63
C PRO B 477 -2.68 1.69 22.70
N THR B 478 -2.80 1.45 21.41
CA THR B 478 -3.14 2.43 20.31
C THR B 478 -4.25 3.41 20.70
N PHE B 479 -5.28 2.93 21.39
CA PHE B 479 -6.49 3.66 21.59
C PHE B 479 -6.43 4.64 22.77
N PHE B 480 -5.39 4.54 23.61
CA PHE B 480 -5.25 5.29 24.85
C PHE B 480 -4.88 6.75 24.57
N ASP B 481 -5.75 7.68 24.94
CA ASP B 481 -5.49 9.09 24.98
C ASP B 481 -4.88 9.47 26.34
N LYS B 482 -3.60 9.87 26.32
CA LYS B 482 -2.81 10.23 27.53
C LYS B 482 -3.49 11.39 28.25
N SER B 483 -4.04 12.36 27.50
CA SER B 483 -4.59 13.60 28.11
C SER B 483 -6.02 13.42 28.65
N SER B 484 -6.76 12.36 28.26
CA SER B 484 -8.12 12.19 28.78
C SER B 484 -8.23 11.08 29.86
N GLY B 485 -7.23 10.22 29.98
CA GLY B 485 -7.31 8.98 30.76
C GLY B 485 -8.17 7.87 30.14
N THR B 486 -8.61 7.96 28.87
CA THR B 486 -9.55 6.95 28.29
C THR B 486 -8.99 6.27 27.03
N ALA B 487 -9.56 5.12 26.69
CA ALA B 487 -9.20 4.41 25.50
C ALA B 487 -10.39 4.47 24.57
N ASN B 488 -10.22 5.11 23.42
CA ASN B 488 -11.31 5.40 22.53
C ASN B 488 -11.21 4.55 21.26
N SER B 489 -12.38 4.13 20.75
CA SER B 489 -12.44 3.32 19.61
C SER B 489 -13.82 3.36 18.93
N LEU B 490 -13.89 2.91 17.67
CA LEU B 490 -15.18 2.69 17.03
C LEU B 490 -15.84 1.45 17.59
N PHE B 491 -14.99 0.49 17.95
CA PHE B 491 -15.42 -0.79 18.43
C PHE B 491 -16.40 -0.66 19.61
N THR B 492 -16.12 0.27 20.53
CA THR B 492 -16.90 0.42 21.75
C THR B 492 -18.31 0.91 21.41
N GLY B 493 -18.49 1.40 20.17
CA GLY B 493 -19.82 1.83 19.72
C GLY B 493 -20.73 0.63 19.52
N LYS B 494 -20.13 -0.56 19.49
CA LYS B 494 -20.82 -1.87 19.25
C LYS B 494 -21.65 -2.34 20.45
N ARG B 495 -21.50 -1.71 21.61
CA ARG B 495 -22.30 -2.09 22.81
C ARG B 495 -23.79 -1.87 22.53
N ARG B 496 -24.11 -0.76 21.85
CA ARG B 496 -25.48 -0.37 21.43
C ARG B 496 -26.10 -1.39 20.46
N LEU B 497 -25.30 -1.95 19.53
CA LEU B 497 -25.81 -2.88 18.48
C LEU B 497 -25.21 -4.27 18.60
N PHE B 498 -24.86 -4.76 19.79
CA PHE B 498 -24.08 -5.97 19.82
C PHE B 498 -24.89 -7.13 19.28
N GLY B 499 -26.19 -7.06 19.51
CA GLY B 499 -27.11 -8.12 19.08
C GLY B 499 -27.06 -8.32 17.59
N ASN B 500 -26.85 -7.24 16.84
CA ASN B 500 -26.93 -7.32 15.38
C ASN B 500 -25.71 -8.10 14.92
N TYR B 501 -24.62 -8.03 15.70
CA TYR B 501 -23.41 -8.71 15.32
C TYR B 501 -23.52 -10.24 15.56
N LEU B 502 -24.09 -10.62 16.71
CA LEU B 502 -24.23 -11.98 17.11
C LEU B 502 -25.30 -12.64 16.24
N TYR B 503 -26.26 -11.86 15.76
CA TYR B 503 -27.24 -12.45 14.89
C TYR B 503 -26.58 -12.94 13.60
N LEU B 504 -25.71 -12.10 13.02
CA LEU B 504 -25.00 -12.46 11.78
C LEU B 504 -23.98 -13.56 12.09
N ASN B 505 -23.36 -13.49 13.26
CA ASN B 505 -22.36 -14.48 13.55
C ASN B 505 -23.01 -15.87 13.55
N THR B 506 -24.28 -15.91 14.01
CA THR B 506 -25.06 -17.18 14.14
C THR B 506 -25.25 -17.75 12.75
N ILE B 507 -25.63 -16.90 11.81
CA ILE B 507 -25.79 -17.34 10.45
C ILE B 507 -24.49 -17.99 9.92
N ALA B 508 -23.35 -17.33 10.10
CA ALA B 508 -22.09 -17.82 9.63
C ALA B 508 -21.72 -19.12 10.32
N GLU B 509 -22.00 -19.19 11.63
CA GLU B 509 -21.65 -20.34 12.48
C GLU B 509 -22.38 -21.60 12.00
N TYR B 510 -23.66 -21.47 11.63
CA TYR B 510 -24.43 -22.64 11.15
C TYR B 510 -23.80 -23.15 9.84
N LEU B 511 -23.46 -22.23 8.95
CA LEU B 511 -22.85 -22.54 7.63
C LEU B 511 -21.45 -23.16 7.82
N LEU B 512 -20.70 -22.67 8.81
CA LEU B 512 -19.35 -23.23 9.09
C LEU B 512 -19.49 -24.69 9.52
N VAL B 513 -20.52 -25.02 10.31
CA VAL B 513 -20.75 -26.43 10.75
C VAL B 513 -21.04 -27.28 9.51
N ILE B 514 -21.84 -26.76 8.56
CA ILE B 514 -22.13 -27.52 7.30
C ILE B 514 -20.82 -27.71 6.52
N GLN B 515 -19.99 -26.67 6.44
CA GLN B 515 -18.70 -26.78 5.74
C GLN B 515 -17.84 -27.90 6.32
N LEU B 516 -17.77 -27.96 7.66
CA LEU B 516 -16.91 -28.94 8.32
C LEU B 516 -17.48 -30.35 8.17
N THR B 517 -18.81 -30.44 8.19
CA THR B 517 -19.52 -31.66 8.01
C THR B 517 -19.28 -32.19 6.61
N LEU B 518 -19.29 -31.32 5.59
CA LEU B 518 -19.09 -31.81 4.19
C LEU B 518 -17.64 -32.27 4.00
N GLY B 519 -16.71 -31.58 4.67
CA GLY B 519 -15.31 -31.89 4.51
C GLY B 519 -14.95 -33.21 5.17
N SER B 520 -15.62 -33.51 6.29
CA SER B 520 -15.37 -34.75 6.95
C SER B 520 -15.83 -35.89 6.02
N TYR B 521 -17.01 -35.69 5.44
CA TYR B 521 -17.57 -36.65 4.46
C TYR B 521 -16.57 -36.83 3.31
N GLY B 522 -16.07 -35.68 2.86
CA GLY B 522 -15.19 -35.63 1.75
C GLY B 522 -13.96 -36.49 2.00
N ASP B 523 -13.28 -36.20 3.10
CA ASP B 523 -12.04 -36.84 3.38
C ASP B 523 -12.27 -38.35 3.47
N LYS B 524 -13.37 -38.74 4.12
CA LYS B 524 -13.63 -40.15 4.38
C LYS B 524 -13.97 -40.88 3.08
N VAL B 525 -14.79 -40.33 2.18
CA VAL B 525 -15.12 -41.14 0.98
C VAL B 525 -13.91 -41.14 0.03
N THR B 526 -13.09 -40.09 0.03
CA THR B 526 -12.09 -39.97 -1.03
C THR B 526 -10.83 -40.71 -0.60
N ARG B 527 -10.66 -40.91 0.71
CA ARG B 527 -9.36 -41.46 1.29
C ARG B 527 -8.80 -42.68 0.50
N ASP B 528 -9.62 -43.70 0.25
CA ASP B 528 -9.15 -44.95 -0.39
C ASP B 528 -9.40 -44.97 -1.91
N MET B 529 -9.91 -43.88 -2.50
CA MET B 529 -10.18 -43.88 -3.96
C MET B 529 -8.87 -44.07 -4.74
N MET B 530 -8.92 -44.95 -5.74
CA MET B 530 -7.79 -45.29 -6.65
C MET B 530 -7.40 -44.12 -7.56
N ASP B 531 -8.41 -43.38 -8.04
CA ASP B 531 -8.21 -42.33 -9.07
C ASP B 531 -8.23 -40.91 -8.47
N LYS B 532 -7.25 -40.08 -8.85
CA LYS B 532 -7.19 -38.67 -8.40
C LYS B 532 -8.41 -37.92 -8.95
N PRO B 533 -8.82 -38.14 -10.23
CA PRO B 533 -10.00 -37.50 -10.79
C PRO B 533 -11.24 -37.87 -9.98
N LYS B 534 -11.32 -39.12 -9.51
CA LYS B 534 -12.46 -39.57 -8.68
C LYS B 534 -12.49 -38.71 -7.41
N LYS B 535 -11.33 -38.40 -6.83
CA LYS B 535 -11.32 -37.53 -5.68
C LYS B 535 -11.73 -36.11 -6.07
N GLU B 536 -11.19 -35.58 -7.17
CA GLU B 536 -11.52 -34.20 -7.52
C GLU B 536 -13.02 -34.05 -7.69
N ALA B 537 -13.66 -35.02 -8.33
CA ALA B 537 -15.06 -34.89 -8.62
C ALA B 537 -15.85 -34.79 -7.31
N VAL B 538 -15.48 -35.54 -6.27
CA VAL B 538 -16.23 -35.44 -5.04
C VAL B 538 -16.11 -34.04 -4.44
N TRP B 539 -14.90 -33.50 -4.41
CA TRP B 539 -14.74 -32.19 -3.79
C TRP B 539 -15.35 -31.07 -4.62
N ARG B 540 -15.41 -31.26 -5.94
CA ARG B 540 -16.08 -30.30 -6.83
C ARG B 540 -17.58 -30.30 -6.54
N GLU B 541 -18.17 -31.49 -6.31
CA GLU B 541 -19.63 -31.55 -5.99
C GLU B 541 -19.88 -31.01 -4.56
N LEU B 542 -18.95 -31.21 -3.61
CA LEU B 542 -19.17 -30.70 -2.21
C LEU B 542 -19.06 -29.18 -2.14
N ALA B 543 -18.27 -28.57 -3.04
CA ALA B 543 -18.27 -27.09 -3.15
C ALA B 543 -19.62 -26.54 -3.60
N ASN B 544 -20.26 -27.18 -4.60
CA ASN B 544 -21.61 -26.77 -5.04
C ASN B 544 -22.62 -26.89 -3.88
N VAL B 545 -22.53 -27.95 -3.05
CA VAL B 545 -23.50 -28.14 -1.96
C VAL B 545 -23.29 -27.03 -0.93
N MET B 546 -22.04 -26.57 -0.78
CA MET B 546 -21.80 -25.54 0.18
C MET B 546 -22.38 -24.21 -0.36
N PHE B 547 -22.09 -23.92 -1.64
CA PHE B 547 -22.54 -22.69 -2.28
C PHE B 547 -24.06 -22.65 -2.29
N THR B 548 -24.68 -23.77 -2.65
CA THR B 548 -26.09 -23.88 -2.70
C THR B 548 -26.66 -23.61 -1.32
N SER B 549 -26.03 -24.16 -0.29
CA SER B 549 -26.55 -24.06 1.06
C SER B 549 -26.55 -22.59 1.49
N CYS B 550 -25.50 -21.87 1.10
CA CYS B 550 -25.42 -20.46 1.43
C CYS B 550 -26.55 -19.72 0.68
N ALA B 551 -26.81 -20.09 -0.58
CA ALA B 551 -27.84 -19.48 -1.38
C ALA B 551 -29.22 -19.74 -0.80
N GLU B 552 -29.44 -20.95 -0.23
CA GLU B 552 -30.73 -21.34 0.42
C GLU B 552 -30.94 -20.47 1.69
N ALA B 553 -29.90 -20.30 2.52
CA ALA B 553 -29.97 -19.40 3.68
C ALA B 553 -30.36 -17.99 3.23
N ILE B 554 -29.73 -17.49 2.18
CA ILE B 554 -30.15 -16.17 1.73
C ILE B 554 -31.67 -16.18 1.39
N HIS B 555 -32.12 -17.19 0.64
CA HIS B 555 -33.46 -17.26 0.23
C HIS B 555 -34.39 -17.25 1.44
N ILE B 556 -34.05 -18.02 2.47
CA ILE B 556 -34.96 -18.16 3.62
C ILE B 556 -35.04 -16.85 4.39
N MET B 557 -33.94 -16.10 4.49
CA MET B 557 -33.92 -14.92 5.33
C MET B 557 -34.46 -13.66 4.61
N THR B 558 -34.44 -13.62 3.27
CA THR B 558 -34.67 -12.46 2.53
C THR B 558 -35.71 -12.59 1.41
N GLY B 559 -35.97 -13.78 0.86
CA GLY B 559 -36.93 -13.95 -0.17
C GLY B 559 -36.35 -13.79 -1.57
N ILE B 560 -35.09 -13.36 -1.65
CA ILE B 560 -34.31 -13.44 -2.88
C ILE B 560 -34.44 -14.84 -3.45
N PRO B 561 -34.87 -15.05 -4.70
CA PRO B 561 -34.90 -16.40 -5.27
C PRO B 561 -33.51 -17.07 -5.25
N GLN B 562 -33.44 -18.33 -4.81
CA GLN B 562 -32.19 -19.08 -4.66
C GLN B 562 -31.29 -18.87 -5.87
N SER B 563 -31.86 -18.95 -7.08
CA SER B 563 -31.01 -18.84 -8.30
C SER B 563 -30.27 -17.51 -8.33
N ARG B 564 -30.95 -16.40 -8.01
CA ARG B 564 -30.29 -15.07 -7.96
C ARG B 564 -29.27 -15.03 -6.82
N ALA B 565 -29.59 -15.63 -5.68
CA ALA B 565 -28.71 -15.65 -4.49
C ALA B 565 -27.38 -16.33 -4.82
N LEU B 566 -27.43 -17.44 -5.55
CA LEU B 566 -26.23 -18.16 -5.98
C LEU B 566 -25.40 -17.29 -6.93
N THR B 567 -26.07 -16.55 -7.83
CA THR B 567 -25.35 -15.77 -8.79
C THR B 567 -24.65 -14.59 -8.09
N LEU B 568 -25.31 -13.96 -7.11
CA LEU B 568 -24.74 -12.87 -6.33
C LEU B 568 -23.55 -13.40 -5.51
N LEU B 569 -23.68 -14.58 -4.89
CA LEU B 569 -22.61 -15.19 -4.11
C LEU B 569 -21.41 -15.46 -5.01
N LYS B 570 -21.64 -15.90 -6.23
CA LYS B 570 -20.52 -16.22 -7.10
C LYS B 570 -19.87 -14.99 -7.70
N GLN B 571 -20.53 -13.83 -7.67
CA GLN B 571 -19.82 -12.56 -8.04
C GLN B 571 -18.62 -12.35 -7.09
N ARG B 572 -18.73 -12.80 -5.83
CA ARG B 572 -17.80 -12.43 -4.76
C ARG B 572 -16.92 -13.61 -4.31
N ALA B 573 -17.44 -14.84 -4.30
CA ALA B 573 -16.62 -15.99 -3.88
C ALA B 573 -16.52 -16.94 -5.06
N ASN B 574 -15.34 -17.54 -5.20
CA ASN B 574 -14.88 -18.22 -6.36
C ASN B 574 -14.90 -19.71 -6.07
N ILE B 575 -15.80 -20.43 -6.73
CA ILE B 575 -16.13 -21.85 -6.46
C ILE B 575 -14.95 -22.75 -6.83
N GLU B 576 -14.16 -22.38 -7.82
CA GLU B 576 -12.96 -23.16 -8.21
C GLU B 576 -11.88 -23.07 -7.13
N LYS B 577 -11.61 -21.86 -6.64
CA LYS B 577 -10.67 -21.67 -5.55
C LYS B 577 -11.14 -22.44 -4.29
N HIS B 578 -12.43 -22.35 -3.97
CA HIS B 578 -12.95 -23.03 -2.78
C HIS B 578 -12.70 -24.54 -2.80
N PHE B 579 -12.99 -25.13 -3.95
CA PHE B 579 -12.93 -26.56 -4.10
C PHE B 579 -11.47 -27.03 -3.96
N ARG B 580 -10.54 -26.23 -4.44
CA ARG B 580 -9.15 -26.56 -4.39
C ARG B 580 -8.60 -26.38 -2.98
N GLN B 581 -9.07 -25.34 -2.27
CA GLN B 581 -8.63 -25.02 -0.93
C GLN B 581 -9.08 -26.11 0.08
N THR B 582 -10.35 -26.51 -0.03
CA THR B 582 -10.95 -27.52 0.81
C THR B 582 -10.26 -28.86 0.56
N GLN B 583 -10.19 -29.25 -0.71
CA GLN B 583 -9.64 -30.53 -1.08
C GLN B 583 -8.20 -30.59 -0.55
N PHE B 584 -7.46 -29.49 -0.66
CA PHE B 584 -6.05 -29.55 -0.32
C PHE B 584 -5.84 -29.68 1.21
N TRP B 585 -6.57 -28.87 2.00
CA TRP B 585 -6.27 -28.70 3.43
C TRP B 585 -7.10 -29.70 4.28
N MET B 586 -8.17 -30.26 3.73
CA MET B 586 -9.01 -31.18 4.53
C MET B 586 -8.67 -32.65 4.23
N THR B 587 -7.52 -32.92 3.58
CA THR B 587 -7.05 -34.29 3.31
C THR B 587 -5.62 -34.35 3.79
N PRO B 588 -5.01 -35.52 4.00
CA PRO B 588 -3.60 -35.55 4.45
C PRO B 588 -2.44 -35.54 3.42
N ASP B 589 -2.76 -35.51 2.13
CA ASP B 589 -1.82 -35.76 1.00
C ASP B 589 -0.71 -34.71 0.94
N TYR B 590 -1.04 -33.49 1.33
CA TYR B 590 -0.12 -32.37 1.31
C TYR B 590 1.04 -32.60 2.27
N SER B 591 0.90 -33.53 3.24
CA SER B 591 1.99 -33.92 4.23
C SER B 591 3.23 -34.57 3.59
N LYS B 592 3.11 -35.03 2.35
CA LYS B 592 4.16 -35.79 1.69
C LYS B 592 4.94 -34.94 0.68
N LEU B 593 4.55 -33.67 0.51
CA LEU B 593 5.22 -32.79 -0.47
C LEU B 593 6.53 -32.22 0.11
N ASP B 594 7.57 -32.12 -0.72
CA ASP B 594 8.73 -31.28 -0.42
C ASP B 594 8.31 -29.79 -0.58
N GLU B 595 9.13 -28.84 -0.11
CA GLU B 595 8.92 -27.38 -0.24
C GLU B 595 8.40 -26.99 -1.64
N ASP B 596 9.04 -27.51 -2.68
CA ASP B 596 8.81 -27.02 -4.03
C ASP B 596 7.45 -27.40 -4.57
N THR B 597 7.12 -28.68 -4.41
CA THR B 597 5.88 -29.20 -4.85
C THR B 597 4.79 -28.49 -4.05
N LEU B 598 5.04 -28.25 -2.75
CA LEU B 598 4.09 -27.63 -1.83
C LEU B 598 3.82 -26.22 -2.30
N GLN B 599 4.86 -25.53 -2.71
CA GLN B 599 4.70 -24.20 -3.14
C GLN B 599 3.95 -24.16 -4.48
N MET B 600 4.30 -25.05 -5.41
CA MET B 600 3.77 -25.07 -6.74
C MET B 600 2.26 -25.32 -6.63
N GLU B 601 1.86 -26.20 -5.71
CA GLU B 601 0.47 -26.56 -5.52
C GLU B 601 -0.31 -25.50 -4.76
N GLN B 602 0.35 -24.79 -3.84
CA GLN B 602 -0.26 -23.59 -3.23
C GLN B 602 -0.54 -22.48 -4.26
N TYR B 603 0.29 -22.33 -5.31
CA TYR B 603 0.07 -21.33 -6.34
C TYR B 603 -1.27 -21.60 -7.08
N SER B 604 -1.53 -22.87 -7.44
CA SER B 604 -2.78 -23.36 -7.97
C SER B 604 -3.98 -22.94 -7.14
N ILE B 605 -4.03 -23.31 -5.83
CA ILE B 605 -5.26 -23.19 -5.05
C ILE B 605 -5.55 -21.73 -4.64
N TYR B 606 -4.55 -20.85 -4.73
CA TYR B 606 -4.76 -19.43 -4.42
C TYR B 606 -4.62 -18.51 -5.64
N SER B 607 -4.13 -19.01 -6.77
CA SER B 607 -4.24 -18.37 -8.07
C SER B 607 -3.91 -16.87 -8.01
N GLY B 608 -2.65 -16.55 -7.65
CA GLY B 608 -2.24 -15.16 -7.55
C GLY B 608 -2.12 -14.67 -6.11
N GLU B 609 -3.20 -14.82 -5.34
CA GLU B 609 -3.21 -14.42 -3.94
C GLU B 609 -2.01 -15.04 -3.22
N PRO B 610 -1.59 -14.41 -2.11
CA PRO B 610 -0.49 -14.98 -1.30
C PRO B 610 -0.70 -16.40 -0.75
N GLU B 611 0.30 -17.29 -0.97
CA GLU B 611 0.26 -18.65 -0.45
C GLU B 611 0.07 -18.57 1.07
N TYR B 612 -0.55 -19.55 1.68
CA TYR B 612 -0.58 -19.69 3.13
C TYR B 612 0.82 -20.01 3.71
N GLU B 613 1.12 -19.35 4.83
CA GLU B 613 2.43 -19.22 5.36
C GLU B 613 2.47 -19.89 6.72
N PHE B 614 3.40 -20.82 6.90
CA PHE B 614 3.53 -21.49 8.18
C PHE B 614 4.98 -21.95 8.38
N THR B 615 5.36 -22.02 9.66
CA THR B 615 6.69 -22.51 10.07
C THR B 615 6.54 -23.81 10.87
N ASP B 616 5.30 -24.31 10.95
CA ASP B 616 4.98 -25.55 11.58
C ASP B 616 5.65 -26.73 10.85
N LYS B 617 5.97 -27.77 11.62
CA LYS B 617 6.50 -28.99 11.08
C LYS B 617 5.33 -29.93 10.82
N LEU B 618 5.23 -30.47 9.62
CA LEU B 618 4.07 -31.31 9.24
C LEU B 618 4.26 -32.69 9.86
N VAL B 619 3.18 -33.27 10.32
CA VAL B 619 3.14 -34.64 10.75
C VAL B 619 2.72 -35.55 9.57
N SER B 620 3.64 -36.45 9.16
CA SER B 620 3.47 -37.36 8.06
C SER B 620 2.12 -38.10 8.19
N GLY B 621 1.34 -38.12 7.09
CA GLY B 621 -0.02 -38.73 7.01
C GLY B 621 -1.13 -37.93 7.70
N VAL B 622 -0.88 -36.72 8.18
CA VAL B 622 -1.90 -35.91 8.81
C VAL B 622 -1.90 -34.50 8.20
N GLY B 623 -0.75 -33.84 8.28
CA GLY B 623 -0.60 -32.45 7.93
C GLY B 623 -0.32 -31.60 9.16
N LEU B 624 -0.83 -30.37 9.13
CA LEU B 624 -0.81 -29.50 10.26
C LEU B 624 -1.50 -30.24 11.40
N SER B 625 -0.78 -30.45 12.50
CA SER B 625 -1.34 -31.16 13.64
C SER B 625 -0.52 -30.87 14.89
N VAL B 626 -1.08 -30.06 15.79
CA VAL B 626 -0.48 -29.67 17.07
C VAL B 626 -0.28 -30.91 17.96
N ASP B 627 -1.22 -31.86 17.92
CA ASP B 627 -1.24 -32.93 18.90
C ASP B 627 -0.61 -34.21 18.32
N GLY B 628 -0.12 -34.10 17.09
CA GLY B 628 0.55 -35.19 16.40
C GLY B 628 -0.42 -36.25 15.89
N VAL B 629 -1.72 -36.16 16.20
CA VAL B 629 -2.71 -37.23 15.82
C VAL B 629 -3.81 -36.68 14.87
N HIS B 630 -4.46 -35.59 15.25
CA HIS B 630 -5.61 -35.07 14.49
C HIS B 630 -5.21 -33.80 13.73
N GLN B 631 -5.78 -33.67 12.53
CA GLN B 631 -5.47 -32.61 11.59
C GLN B 631 -6.17 -31.33 12.08
N ASP B 632 -5.41 -30.22 12.01
CA ASP B 632 -5.97 -28.88 12.22
C ASP B 632 -6.17 -28.21 10.83
N LEU B 633 -7.01 -27.16 10.79
CA LEU B 633 -7.02 -26.24 9.69
C LEU B 633 -6.29 -24.98 10.16
N GLY B 634 -4.97 -24.97 9.97
CA GLY B 634 -4.14 -23.88 10.38
C GLY B 634 -2.93 -24.25 11.20
N GLY B 635 -1.86 -23.49 11.00
CA GLY B 635 -0.69 -23.59 11.88
C GLY B 635 -0.97 -23.01 13.24
N TYR B 636 -0.14 -23.43 14.21
CA TYR B 636 -0.06 -22.96 15.55
C TYR B 636 -0.01 -21.44 15.51
N ASN B 637 -1.06 -20.80 16.04
CA ASN B 637 -1.15 -19.33 16.20
C ASN B 637 -1.29 -18.60 14.86
N ARG B 638 -1.87 -19.26 13.84
CA ARG B 638 -2.08 -18.61 12.54
C ARG B 638 -3.53 -18.75 12.10
N GLU B 639 -3.85 -18.17 10.94
CA GLU B 639 -5.23 -18.15 10.46
C GLU B 639 -5.59 -19.54 9.89
N SER B 640 -6.88 -19.74 9.66
CA SER B 640 -7.37 -20.85 8.80
C SER B 640 -6.90 -20.63 7.37
N PRO B 641 -6.39 -21.68 6.70
CA PRO B 641 -5.94 -21.53 5.33
C PRO B 641 -7.10 -21.44 4.33
N LEU B 642 -8.35 -21.68 4.79
CA LEU B 642 -9.48 -21.73 3.88
C LEU B 642 -10.05 -20.32 3.66
N ARG B 643 -9.32 -19.55 2.86
CA ARG B 643 -9.58 -18.13 2.58
C ARG B 643 -10.89 -17.93 1.81
N GLU B 644 -11.17 -18.80 0.84
CA GLU B 644 -12.39 -18.59 0.08
C GLU B 644 -13.60 -18.95 0.91
N LEU B 645 -13.50 -19.92 1.83
CA LEU B 645 -14.61 -20.13 2.74
C LEU B 645 -14.93 -18.83 3.52
N GLU B 646 -13.90 -18.20 4.06
CA GLU B 646 -14.02 -16.94 4.78
C GLU B 646 -14.75 -15.88 3.93
N LYS B 647 -14.33 -15.68 2.67
CA LYS B 647 -15.05 -14.74 1.85
C LYS B 647 -16.51 -15.18 1.61
N LEU B 648 -16.74 -16.49 1.45
CA LEU B 648 -18.08 -16.97 1.20
C LEU B 648 -19.01 -16.68 2.40
N LEU B 649 -18.55 -16.94 3.62
CA LEU B 649 -19.36 -16.65 4.85
C LEU B 649 -19.62 -15.15 4.98
N TYR B 650 -18.59 -14.34 4.83
CA TYR B 650 -18.77 -12.91 4.82
C TYR B 650 -19.76 -12.50 3.72
N ALA B 651 -19.70 -13.12 2.54
CA ALA B 651 -20.60 -12.68 1.42
C ALA B 651 -22.07 -12.98 1.73
N THR B 652 -22.28 -14.16 2.34
CA THR B 652 -23.61 -14.63 2.66
C THR B 652 -24.27 -13.62 3.62
N VAL B 653 -23.56 -13.34 4.69
CA VAL B 653 -24.03 -12.56 5.80
C VAL B 653 -24.24 -11.08 5.38
N THR B 654 -23.42 -10.60 4.46
CA THR B 654 -23.43 -9.22 4.03
C THR B 654 -24.59 -9.05 3.05
N LEU B 655 -24.80 -10.02 2.18
CA LEU B 655 -25.87 -10.08 1.31
C LEU B 655 -27.19 -10.09 2.09
N ILE B 656 -27.24 -10.82 3.18
CA ILE B 656 -28.44 -10.87 4.00
C ILE B 656 -28.71 -9.53 4.74
N GLU B 657 -27.76 -9.00 5.52
CA GLU B 657 -27.95 -7.77 6.28
C GLU B 657 -28.12 -6.59 5.33
N GLY B 658 -27.33 -6.62 4.24
CA GLY B 658 -27.24 -5.57 3.30
C GLY B 658 -28.52 -5.42 2.50
N THR B 659 -29.21 -6.53 2.24
CA THR B 659 -30.52 -6.50 1.59
C THR B 659 -31.62 -6.03 2.56
N MET B 660 -31.64 -6.46 3.83
CA MET B 660 -32.57 -5.86 4.83
C MET B 660 -32.39 -4.33 4.85
N GLN B 661 -31.14 -3.89 4.89
CA GLN B 661 -30.85 -2.52 5.09
C GLN B 661 -31.29 -1.71 3.86
N LEU B 662 -31.08 -2.24 2.66
CA LEU B 662 -31.46 -1.61 1.44
C LEU B 662 -33.00 -1.54 1.36
N ASP B 663 -33.67 -2.63 1.70
CA ASP B 663 -35.11 -2.59 1.86
C ASP B 663 -35.57 -1.44 2.80
N LYS B 664 -34.88 -1.21 3.92
CA LYS B 664 -35.33 -0.15 4.80
C LYS B 664 -35.26 1.21 4.07
N GLU B 665 -34.20 1.40 3.30
CA GLU B 665 -34.01 2.61 2.59
C GLU B 665 -35.10 2.82 1.52
N PHE B 666 -35.36 1.80 0.70
CA PHE B 666 -36.45 1.71 -0.22
C PHE B 666 -37.76 2.22 0.40
N PHE B 667 -38.20 1.67 1.54
CA PHE B 667 -39.53 2.07 2.12
C PHE B 667 -39.50 3.45 2.80
N LYS B 668 -38.39 3.82 3.43
CA LYS B 668 -38.21 5.19 3.87
C LYS B 668 -38.54 6.13 2.69
N GLN B 669 -38.01 5.77 1.51
CA GLN B 669 -38.15 6.63 0.36
C GLN B 669 -39.51 6.37 -0.36
N LEU B 670 -40.11 5.18 -0.27
CA LEU B 670 -41.47 4.93 -0.77
C LEU B 670 -42.49 5.79 -0.02
N GLU B 671 -42.35 5.89 1.29
CA GLU B 671 -43.15 6.74 2.18
C GLU B 671 -43.04 8.22 1.78
N GLN B 672 -41.88 8.72 1.35
CA GLN B 672 -41.75 10.12 0.89
C GLN B 672 -42.50 10.29 -0.45
N VAL B 673 -42.36 9.31 -1.34
CA VAL B 673 -42.97 9.39 -2.61
C VAL B 673 -44.49 9.48 -2.47
N GLU B 674 -45.06 8.60 -1.64
CA GLU B 674 -46.52 8.53 -1.48
C GLU B 674 -47.08 9.84 -0.87
N LYS B 675 -46.36 10.42 0.07
CA LYS B 675 -46.66 11.71 0.60
C LYS B 675 -46.61 12.80 -0.48
N ILE B 676 -45.60 12.78 -1.37
CA ILE B 676 -45.56 13.74 -2.49
C ILE B 676 -46.76 13.47 -3.40
N LEU B 677 -46.99 12.21 -3.76
CA LEU B 677 -48.08 11.95 -4.74
C LEU B 677 -49.47 12.30 -4.20
N SER B 678 -49.69 12.14 -2.88
CA SER B 678 -50.97 12.38 -2.18
C SER B 678 -51.21 13.87 -2.00
N GLY B 679 -50.16 14.67 -1.95
CA GLY B 679 -50.32 16.09 -1.69
C GLY B 679 -49.88 16.47 -0.27
N GLU B 680 -49.73 15.46 0.61
CA GLU B 680 -49.22 15.61 2.00
C GLU B 680 -47.88 16.38 2.06
N ILE B 681 -47.01 16.33 1.04
CA ILE B 681 -45.76 17.15 1.06
C ILE B 681 -45.70 17.99 -0.21
N LYS B 682 -45.99 19.30 -0.12
CA LYS B 682 -46.05 20.17 -1.28
C LYS B 682 -44.61 20.36 -1.76
N THR B 683 -44.35 20.03 -3.04
CA THR B 683 -43.03 20.20 -3.68
C THR B 683 -43.25 20.41 -5.18
N ASP B 684 -42.27 20.97 -5.90
CA ASP B 684 -42.39 21.20 -7.36
C ASP B 684 -42.26 19.88 -8.15
N ALA B 685 -42.44 19.99 -9.46
CA ALA B 685 -42.46 18.82 -10.36
C ALA B 685 -41.15 18.02 -10.28
N ASN B 686 -40.06 18.78 -10.38
CA ASN B 686 -38.73 18.28 -10.47
C ASN B 686 -38.37 17.48 -9.21
N SER B 687 -38.84 17.93 -8.04
CA SER B 687 -38.54 17.23 -6.78
C SER B 687 -39.29 15.91 -6.68
N CYS B 688 -40.51 15.89 -7.20
CA CYS B 688 -41.32 14.70 -7.23
C CYS B 688 -40.66 13.66 -8.16
N PHE B 689 -40.20 14.06 -9.35
CA PHE B 689 -39.56 13.11 -10.23
C PHE B 689 -38.21 12.64 -9.65
N GLU B 690 -37.50 13.56 -9.01
CA GLU B 690 -36.22 13.21 -8.29
C GLU B 690 -36.51 12.15 -7.22
N ALA B 691 -37.57 12.35 -6.45
CA ALA B 691 -37.90 11.39 -5.43
C ALA B 691 -38.19 9.99 -6.03
N VAL B 692 -38.98 9.91 -7.11
CA VAL B 692 -39.38 8.64 -7.72
C VAL B 692 -38.16 7.92 -8.31
N ALA B 693 -37.32 8.68 -9.06
CA ALA B 693 -36.02 8.19 -9.59
C ALA B 693 -35.14 7.57 -8.50
N GLN B 694 -35.02 8.19 -7.33
CA GLN B 694 -34.10 7.65 -6.27
C GLN B 694 -34.56 6.27 -5.81
N LEU B 695 -35.88 6.15 -5.70
CA LEU B 695 -36.51 4.85 -5.44
C LEU B 695 -36.00 3.77 -6.38
N LEU B 696 -35.79 4.08 -7.66
CA LEU B 696 -35.23 3.10 -8.58
C LEU B 696 -33.91 2.57 -8.08
N ASP B 697 -33.08 3.45 -7.50
CA ASP B 697 -31.72 3.12 -7.00
C ASP B 697 -31.76 2.16 -5.81
N LEU B 698 -32.80 2.26 -4.98
CA LEU B 698 -32.89 1.44 -3.74
C LEU B 698 -33.55 0.08 -3.98
N ALA B 699 -33.94 -0.22 -5.21
CA ALA B 699 -34.53 -1.55 -5.52
C ALA B 699 -33.46 -2.63 -5.45
N ARG B 700 -33.83 -3.86 -5.09
CA ARG B 700 -32.87 -4.98 -4.99
C ARG B 700 -32.27 -5.23 -6.38
N PRO B 701 -30.95 -5.47 -6.51
CA PRO B 701 -30.35 -5.73 -7.81
C PRO B 701 -30.94 -7.01 -8.43
N GLY B 702 -31.34 -6.93 -9.70
CA GLY B 702 -31.89 -8.08 -10.45
C GLY B 702 -33.35 -8.35 -10.16
N CYS B 703 -33.99 -7.51 -9.34
CA CYS B 703 -35.41 -7.69 -9.00
C CYS B 703 -36.30 -6.75 -9.83
N HIS B 704 -37.21 -7.32 -10.63
CA HIS B 704 -38.04 -6.50 -11.51
C HIS B 704 -39.27 -5.87 -10.78
N PHE B 705 -39.99 -6.63 -9.97
CA PHE B 705 -41.27 -6.17 -9.54
C PHE B 705 -41.15 -4.87 -8.70
N GLN B 706 -40.07 -4.71 -7.93
CA GLN B 706 -39.81 -3.42 -7.26
C GLN B 706 -39.78 -2.27 -8.26
N LYS B 707 -39.24 -2.50 -9.46
CA LYS B 707 -39.11 -1.45 -10.47
C LYS B 707 -40.41 -1.28 -11.25
N ARG B 708 -41.15 -2.40 -11.38
CA ARG B 708 -42.49 -2.29 -11.88
C ARG B 708 -43.22 -1.23 -11.05
N LEU B 709 -43.18 -1.39 -9.71
CA LEU B 709 -43.84 -0.46 -8.78
C LEU B 709 -43.31 0.97 -8.98
N VAL B 710 -42.01 1.18 -9.13
CA VAL B 710 -41.57 2.56 -9.19
C VAL B 710 -42.10 3.21 -10.48
N LEU B 711 -42.09 2.45 -11.59
CA LEU B 711 -42.70 2.89 -12.87
C LEU B 711 -44.16 3.30 -12.65
N SER B 712 -44.91 2.53 -11.87
CA SER B 712 -46.32 2.96 -11.56
C SER B 712 -46.35 4.34 -10.85
N TYR B 713 -45.53 4.56 -9.82
CA TYR B 713 -45.40 5.89 -9.17
C TYR B 713 -44.96 6.99 -10.17
N TYR B 714 -44.07 6.63 -11.09
CA TYR B 714 -43.59 7.57 -12.08
C TYR B 714 -44.73 7.96 -13.02
N GLU B 715 -45.57 6.96 -13.41
CA GLU B 715 -46.66 7.27 -14.33
C GLU B 715 -47.65 8.21 -13.64
N GLU B 716 -47.82 8.04 -12.33
CA GLU B 716 -48.75 8.82 -11.49
C GLU B 716 -48.19 10.24 -11.29
N ALA B 717 -46.88 10.36 -11.16
CA ALA B 717 -46.24 11.65 -11.14
C ALA B 717 -46.49 12.39 -12.45
N LYS B 718 -46.44 11.70 -13.60
CA LYS B 718 -46.64 12.40 -14.87
C LYS B 718 -48.05 12.99 -14.88
N LEU B 719 -49.04 12.28 -14.32
CA LEU B 719 -50.42 12.79 -14.33
C LEU B 719 -50.57 14.03 -13.43
N LYS B 720 -49.85 14.07 -12.31
CA LYS B 720 -49.99 15.17 -11.35
C LYS B 720 -49.36 16.42 -11.93
N TYR B 721 -48.25 16.21 -12.64
CA TYR B 721 -47.47 17.27 -13.25
C TYR B 721 -47.35 17.02 -14.75
N PRO B 722 -48.45 17.09 -15.51
CA PRO B 722 -48.44 16.68 -16.91
C PRO B 722 -47.79 17.66 -17.89
N SER B 723 -47.37 18.84 -17.43
CA SER B 723 -46.67 19.81 -18.28
C SER B 723 -45.18 19.95 -17.91
N ALA B 724 -44.72 19.28 -16.88
CA ALA B 724 -43.34 19.40 -16.47
C ALA B 724 -42.51 18.48 -17.37
N PRO B 725 -41.37 19.00 -17.92
CA PRO B 725 -40.46 18.21 -18.76
C PRO B 725 -39.85 17.06 -17.99
N THR B 726 -39.89 15.89 -18.63
CA THR B 726 -39.42 14.64 -18.02
C THR B 726 -38.15 14.11 -18.69
N ASP B 727 -37.49 14.96 -19.49
CA ASP B 727 -36.41 14.53 -20.39
C ASP B 727 -35.34 13.77 -19.63
N ALA B 728 -35.03 14.18 -18.40
CA ALA B 728 -33.94 13.62 -17.65
C ALA B 728 -34.32 12.26 -17.07
N TYR B 729 -35.61 11.86 -17.12
CA TYR B 729 -35.97 10.52 -16.53
C TYR B 729 -36.51 9.52 -17.56
N ASP B 730 -36.85 9.96 -18.75
CA ASP B 730 -37.63 9.14 -19.67
C ASP B 730 -36.85 7.87 -20.01
N SER B 731 -35.58 8.06 -20.26
CA SER B 731 -34.73 7.03 -20.75
C SER B 731 -34.63 5.84 -19.78
N ARG B 732 -34.49 6.06 -18.46
CA ARG B 732 -34.34 4.93 -17.53
C ARG B 732 -35.66 4.21 -17.25
N PHE B 733 -36.77 4.93 -17.36
CA PHE B 733 -38.05 4.36 -17.11
C PHE B 733 -38.52 3.62 -18.36
N GLN B 734 -38.08 4.03 -19.54
CA GLN B 734 -38.38 3.31 -20.74
C GLN B 734 -37.67 1.94 -20.70
N VAL B 735 -36.50 1.83 -20.04
CA VAL B 735 -35.87 0.54 -19.92
C VAL B 735 -36.70 -0.39 -19.03
N VAL B 736 -37.18 0.13 -17.91
CA VAL B 736 -38.07 -0.65 -17.03
C VAL B 736 -39.31 -1.13 -17.81
N ALA B 737 -39.88 -0.28 -18.66
CA ALA B 737 -41.17 -0.58 -19.36
C ALA B 737 -40.95 -1.65 -20.43
N ARG B 738 -39.73 -1.70 -20.96
CA ARG B 738 -39.32 -2.65 -22.00
C ARG B 738 -39.07 -4.00 -21.33
N THR B 739 -38.35 -4.00 -20.22
CA THR B 739 -38.24 -5.23 -19.47
C THR B 739 -39.63 -5.79 -19.15
N ASN B 740 -40.58 -4.90 -18.85
CA ASN B 740 -41.84 -5.30 -18.31
C ASN B 740 -42.67 -5.99 -19.41
N ALA B 741 -42.82 -5.29 -20.54
CA ALA B 741 -43.43 -5.87 -21.74
C ALA B 741 -42.75 -7.19 -22.09
N ALA B 742 -41.41 -7.24 -21.93
CA ALA B 742 -40.61 -8.38 -22.33
C ALA B 742 -40.97 -9.59 -21.49
N ILE B 743 -41.20 -9.36 -20.20
CA ILE B 743 -41.52 -10.43 -19.29
C ILE B 743 -42.90 -10.98 -19.65
N THR B 744 -43.90 -10.12 -19.89
CA THR B 744 -45.26 -10.55 -20.22
C THR B 744 -45.24 -11.55 -21.39
N ILE B 745 -44.40 -11.28 -22.41
CA ILE B 745 -44.27 -12.07 -23.65
C ILE B 745 -43.55 -13.40 -23.36
N GLN B 746 -42.31 -13.30 -22.88
CA GLN B 746 -41.59 -14.44 -22.28
C GLN B 746 -42.55 -15.38 -21.52
N ARG B 747 -43.43 -14.84 -20.69
CA ARG B 747 -44.29 -15.73 -19.94
C ARG B 747 -45.29 -16.41 -20.91
N PHE B 748 -46.08 -15.61 -21.65
CA PHE B 748 -47.08 -16.08 -22.63
C PHE B 748 -46.53 -17.19 -23.54
N TRP B 749 -45.23 -17.15 -23.80
CA TRP B 749 -44.67 -18.08 -24.73
C TRP B 749 -44.33 -19.38 -24.02
N ARG B 750 -43.82 -19.31 -22.79
CA ARG B 750 -43.33 -20.51 -22.11
C ARG B 750 -44.49 -21.52 -21.96
N GLU B 751 -45.74 -21.04 -22.01
CA GLU B 751 -46.98 -21.84 -21.84
C GLU B 751 -47.65 -22.15 -23.19
N ALA B 752 -47.38 -21.35 -24.21
CA ALA B 752 -47.91 -21.59 -25.55
C ALA B 752 -46.98 -22.51 -26.36
N ARG B 753 -45.79 -22.89 -25.82
CA ARG B 753 -44.85 -23.93 -26.43
C ARG B 753 -45.19 -25.35 -25.92
N LYS B 754 -45.58 -25.47 -24.64
CA LYS B 754 -46.17 -26.70 -24.02
C LYS B 754 -47.31 -27.22 -24.88
N ASN B 755 -48.07 -26.27 -25.46
CA ASN B 755 -49.41 -26.45 -25.92
C ASN B 755 -49.48 -26.95 -27.38
N LEU B 756 -48.63 -26.44 -28.31
CA LEU B 756 -48.65 -26.86 -29.78
C LEU B 756 -47.48 -27.83 -30.13
N SER B 757 -46.45 -27.89 -29.27
CA SER B 757 -45.41 -28.96 -29.28
C SER B 757 -45.90 -30.16 -30.10
N ALA C 1 48.49 35.82 -17.49
CA ALA C 1 48.16 34.93 -18.63
C ALA C 1 46.67 35.04 -18.99
N ASP C 2 45.80 35.03 -17.96
CA ASP C 2 44.35 34.76 -18.10
C ASP C 2 43.49 35.91 -17.51
N GLN C 3 42.79 36.60 -18.40
CA GLN C 3 41.82 37.62 -18.02
C GLN C 3 40.41 37.01 -18.11
N LEU C 4 40.27 35.71 -17.77
CA LEU C 4 39.06 34.89 -18.05
C LEU C 4 37.89 35.29 -17.15
N THR C 5 36.67 35.07 -17.64
CA THR C 5 35.44 35.33 -16.88
C THR C 5 35.15 34.17 -15.90
N GLU C 6 34.55 34.50 -14.75
CA GLU C 6 34.05 33.53 -13.72
C GLU C 6 33.45 32.28 -14.39
N GLU C 7 32.68 32.52 -15.46
CA GLU C 7 31.92 31.50 -16.17
C GLU C 7 32.88 30.60 -16.98
N GLN C 8 33.88 31.18 -17.65
CA GLN C 8 34.86 30.37 -18.39
C GLN C 8 35.59 29.38 -17.45
N ILE C 9 36.01 29.88 -16.29
CA ILE C 9 36.75 29.12 -15.24
C ILE C 9 35.87 28.02 -14.60
N ALA C 10 34.59 28.31 -14.41
CA ALA C 10 33.64 27.30 -13.97
C ALA C 10 33.57 26.17 -15.01
N GLU C 11 33.45 26.51 -16.29
CA GLU C 11 33.37 25.56 -17.38
C GLU C 11 34.68 24.76 -17.48
N PHE C 12 35.84 25.46 -17.51
CA PHE C 12 37.08 24.75 -17.76
C PHE C 12 37.38 23.85 -16.55
N LYS C 13 37.03 24.32 -15.34
CA LYS C 13 37.19 23.49 -14.16
C LYS C 13 36.39 22.18 -14.30
N GLU C 14 35.07 22.23 -14.48
CA GLU C 14 34.31 20.98 -14.58
C GLU C 14 34.93 20.08 -15.68
N ALA C 15 35.38 20.68 -16.80
CA ALA C 15 35.82 19.88 -17.96
C ALA C 15 37.13 19.13 -17.63
N PHE C 16 38.11 19.86 -17.14
CA PHE C 16 39.30 19.33 -16.52
C PHE C 16 38.95 18.19 -15.53
N SER C 17 37.99 18.40 -14.62
CA SER C 17 37.68 17.38 -13.59
C SER C 17 37.17 16.11 -14.25
N LEU C 18 36.29 16.27 -15.23
CA LEU C 18 35.72 15.16 -15.93
C LEU C 18 36.82 14.33 -16.63
N PHE C 19 37.77 14.99 -17.30
CA PHE C 19 38.74 14.26 -18.14
C PHE C 19 39.98 13.87 -17.30
N ASP C 20 39.89 14.10 -15.98
CA ASP C 20 40.88 13.66 -15.00
C ASP C 20 40.42 12.32 -14.45
N LYS C 21 40.68 11.29 -15.23
CA LYS C 21 40.06 10.02 -15.02
C LYS C 21 40.40 9.42 -13.66
N ASP C 22 41.54 9.75 -13.03
CA ASP C 22 41.99 9.05 -11.81
C ASP C 22 41.93 9.99 -10.58
N GLY C 23 41.43 11.21 -10.81
CA GLY C 23 41.10 12.11 -9.70
C GLY C 23 42.31 12.68 -8.98
N ASP C 24 43.46 12.77 -9.66
CA ASP C 24 44.69 13.25 -9.04
C ASP C 24 44.88 14.70 -9.45
N GLY C 25 43.87 15.30 -10.06
CA GLY C 25 43.90 16.68 -10.41
C GLY C 25 44.97 16.97 -11.44
N THR C 26 45.28 15.97 -12.28
CA THR C 26 46.07 16.16 -13.54
C THR C 26 45.52 15.26 -14.66
N ILE C 27 45.45 15.83 -15.88
CA ILE C 27 45.08 15.08 -17.09
C ILE C 27 46.34 14.74 -17.89
N THR C 28 46.25 13.65 -18.66
CA THR C 28 47.35 13.24 -19.57
C THR C 28 47.15 13.97 -20.89
N THR C 29 48.13 13.88 -21.80
CA THR C 29 48.00 14.43 -23.18
C THR C 29 47.00 13.60 -24.00
N LYS C 30 46.85 12.31 -23.65
CA LYS C 30 45.86 11.37 -24.20
C LYS C 30 44.50 12.08 -24.35
N GLU C 31 44.13 12.84 -23.33
CA GLU C 31 42.79 13.38 -23.18
C GLU C 31 42.71 14.81 -23.72
N LEU C 32 43.87 15.45 -23.93
CA LEU C 32 43.94 16.91 -24.04
C LEU C 32 43.14 17.36 -25.26
N GLY C 33 43.38 16.72 -26.40
CA GLY C 33 42.66 17.14 -27.62
C GLY C 33 41.16 16.98 -27.45
N THR C 34 40.73 15.85 -26.88
CA THR C 34 39.28 15.59 -26.69
C THR C 34 38.68 16.65 -25.75
N VAL C 35 39.38 16.96 -24.66
CA VAL C 35 38.89 17.98 -23.69
C VAL C 35 38.84 19.34 -24.39
N MET C 36 39.86 19.63 -25.20
CA MET C 36 39.96 20.92 -25.94
C MET C 36 38.76 21.04 -26.88
N ARG C 37 38.41 19.94 -27.55
CA ARG C 37 37.27 19.89 -28.50
C ARG C 37 35.98 20.23 -27.74
N SER C 38 35.83 19.68 -26.52
CA SER C 38 34.64 19.89 -25.66
C SER C 38 34.43 21.35 -25.30
N LEU C 39 35.48 22.15 -25.35
CA LEU C 39 35.44 23.57 -25.01
C LEU C 39 35.50 24.48 -26.25
N GLY C 40 35.11 23.97 -27.42
CA GLY C 40 34.96 24.80 -28.61
C GLY C 40 36.29 25.11 -29.29
N GLN C 41 37.40 24.66 -28.69
CA GLN C 41 38.75 24.94 -29.15
C GLN C 41 39.45 23.63 -29.59
N ASN C 42 38.80 22.92 -30.56
CA ASN C 42 39.44 21.77 -31.22
C ASN C 42 40.73 22.26 -31.91
N PRO C 43 41.90 21.70 -31.55
CA PRO C 43 43.18 22.15 -32.09
C PRO C 43 43.54 21.43 -33.40
N THR C 44 44.34 22.11 -34.22
CA THR C 44 44.99 21.50 -35.37
C THR C 44 45.89 20.35 -34.90
N GLU C 45 46.38 19.57 -35.86
CA GLU C 45 47.36 18.52 -35.59
C GLU C 45 48.55 19.14 -34.87
N ALA C 46 49.21 20.07 -35.58
CA ALA C 46 50.41 20.74 -35.14
C ALA C 46 50.16 21.39 -33.77
N GLU C 47 49.09 22.18 -33.63
CA GLU C 47 48.90 22.84 -32.32
C GLU C 47 48.84 21.78 -31.22
N LEU C 48 48.10 20.69 -31.45
CA LEU C 48 48.00 19.60 -30.45
C LEU C 48 49.38 18.95 -30.27
N GLN C 49 50.10 18.73 -31.37
CA GLN C 49 51.45 18.11 -31.34
C GLN C 49 52.41 19.02 -30.57
N ASP C 50 52.32 20.34 -30.81
CA ASP C 50 53.19 21.32 -30.11
C ASP C 50 52.90 21.25 -28.61
N MET C 51 51.61 21.17 -28.25
CA MET C 51 51.23 21.08 -26.81
C MET C 51 51.81 19.79 -26.21
N ILE C 52 51.75 18.69 -26.97
CA ILE C 52 52.27 17.36 -26.51
C ILE C 52 53.79 17.45 -26.28
N ASN C 53 54.53 18.13 -27.16
CA ASN C 53 56.00 18.21 -27.02
C ASN C 53 56.36 18.90 -25.70
N GLU C 54 55.72 20.05 -25.46
CA GLU C 54 55.94 20.91 -24.27
C GLU C 54 56.15 20.03 -23.03
N VAL C 55 55.40 18.92 -22.92
CA VAL C 55 55.55 18.03 -21.73
C VAL C 55 56.98 17.49 -21.68
N GLY C 61 54.68 14.40 -18.78
CA GLY C 61 53.47 13.56 -18.67
C GLY C 61 52.20 14.39 -18.45
N THR C 62 51.98 14.81 -17.20
CA THR C 62 50.70 15.37 -16.72
C THR C 62 50.68 16.90 -16.66
N ILE C 63 49.46 17.42 -16.57
CA ILE C 63 49.09 18.81 -16.63
C ILE C 63 48.11 19.09 -15.51
N ASP C 64 48.46 20.01 -14.59
CA ASP C 64 47.54 20.48 -13.52
C ASP C 64 46.63 21.59 -14.04
N PHE C 65 45.76 22.08 -13.15
CA PHE C 65 44.62 22.85 -13.59
C PHE C 65 45.02 24.30 -13.84
N PRO C 66 45.97 24.88 -13.09
CA PRO C 66 46.53 26.18 -13.45
C PRO C 66 47.30 26.22 -14.78
N GLU C 67 47.97 25.12 -15.13
CA GLU C 67 48.69 24.98 -16.42
C GLU C 67 47.68 24.94 -17.57
N PHE C 68 46.48 24.43 -17.27
CA PHE C 68 45.40 24.26 -18.23
C PHE C 68 44.78 25.63 -18.50
N LEU C 69 44.49 26.38 -17.44
CA LEU C 69 43.95 27.74 -17.55
C LEU C 69 44.89 28.70 -18.32
N THR C 70 46.12 28.30 -18.61
CA THR C 70 46.99 29.16 -19.39
C THR C 70 47.25 28.57 -20.80
N MET C 71 47.03 27.26 -20.99
CA MET C 71 47.07 26.70 -22.36
C MET C 71 45.85 27.25 -23.10
N MET C 72 44.70 27.24 -22.40
CA MET C 72 43.40 27.67 -22.96
C MET C 72 43.43 29.14 -23.35
N ALA C 73 44.00 30.00 -22.52
CA ALA C 73 44.04 31.46 -22.85
C ALA C 73 44.86 31.65 -24.13
N ARG C 74 45.98 30.94 -24.25
CA ARG C 74 46.85 31.11 -25.45
C ARG C 74 46.06 30.73 -26.71
N LYS C 75 45.35 29.59 -26.69
CA LYS C 75 44.56 29.18 -27.89
C LYS C 75 43.43 30.18 -28.15
N MET C 76 42.84 30.72 -27.07
CA MET C 76 41.72 31.69 -27.15
C MET C 76 42.15 33.00 -27.83
N LYS C 77 43.42 33.38 -27.69
CA LYS C 77 43.97 34.61 -28.33
C LYS C 77 43.87 34.48 -29.85
N ASP C 78 44.13 33.28 -30.38
CA ASP C 78 44.09 32.99 -31.84
C ASP C 78 42.68 33.24 -32.41
N THR C 79 41.64 32.93 -31.63
CA THR C 79 40.27 33.07 -32.08
C THR C 79 39.99 34.53 -32.46
N ASP C 80 39.48 34.71 -33.67
CA ASP C 80 38.80 35.94 -34.02
C ASP C 80 37.44 35.92 -33.30
N SER C 81 37.26 36.85 -32.35
CA SER C 81 35.95 37.22 -31.80
C SER C 81 34.97 37.47 -32.96
N GLU C 82 35.42 38.26 -33.96
CA GLU C 82 34.60 38.79 -35.09
C GLU C 82 33.86 37.64 -35.78
N GLU C 83 34.59 36.53 -36.01
CA GLU C 83 34.06 35.41 -36.76
C GLU C 83 33.24 34.51 -35.82
N GLU C 84 33.80 34.19 -34.64
CA GLU C 84 33.19 33.24 -33.66
C GLU C 84 31.83 33.75 -33.18
N ILE C 85 31.66 35.08 -33.09
CA ILE C 85 30.38 35.64 -32.68
C ILE C 85 29.45 35.69 -33.90
N ALA C 86 30.00 35.97 -35.09
CA ALA C 86 29.19 36.11 -36.32
C ALA C 86 28.55 34.77 -36.71
N GLU C 87 29.32 33.67 -36.50
CA GLU C 87 28.86 32.29 -36.82
C GLU C 87 27.82 31.82 -35.78
N ALA C 88 27.87 32.36 -34.57
CA ALA C 88 26.86 32.05 -33.55
C ALA C 88 25.52 32.70 -33.93
N PHE C 89 25.45 34.03 -34.01
CA PHE C 89 24.22 34.78 -34.40
C PHE C 89 23.55 34.13 -35.63
N ARG C 90 24.39 33.65 -36.58
CA ARG C 90 24.02 33.02 -37.88
C ARG C 90 23.02 31.86 -37.67
N VAL C 91 23.24 31.09 -36.60
CA VAL C 91 22.39 29.97 -36.26
C VAL C 91 20.94 30.45 -36.15
N PHE C 92 20.76 31.61 -35.53
CA PHE C 92 19.40 32.18 -35.30
C PHE C 92 18.87 32.81 -36.59
N ASP C 93 19.75 32.95 -37.58
CA ASP C 93 19.33 33.48 -38.91
C ASP C 93 19.04 32.27 -39.81
N LYS C 94 17.77 31.85 -39.88
CA LYS C 94 17.37 30.69 -40.71
C LYS C 94 17.64 31.04 -42.18
N ASP C 95 17.30 32.29 -42.55
CA ASP C 95 17.45 32.87 -43.90
C ASP C 95 18.84 33.51 -44.03
N GLY C 96 19.14 34.11 -45.19
CA GLY C 96 20.44 34.79 -45.39
C GLY C 96 20.28 36.29 -45.20
N ASN C 97 19.10 36.72 -44.74
CA ASN C 97 18.76 38.16 -44.57
C ASN C 97 19.69 38.87 -43.58
N GLY C 98 20.12 38.21 -42.51
CA GLY C 98 20.95 38.91 -41.51
C GLY C 98 20.03 39.55 -40.48
N TYR C 99 18.75 39.17 -40.52
CA TYR C 99 17.71 39.73 -39.64
C TYR C 99 17.23 38.66 -38.66
N ILE C 100 16.99 39.08 -37.41
CA ILE C 100 16.38 38.24 -36.32
C ILE C 100 15.31 39.12 -35.65
N SER C 101 14.52 38.57 -34.71
CA SER C 101 13.43 39.35 -34.03
C SER C 101 13.80 39.71 -32.58
N ALA C 102 13.29 40.87 -32.13
CA ALA C 102 13.66 41.54 -30.85
C ALA C 102 12.75 41.08 -29.71
N ALA C 103 11.44 40.94 -29.99
CA ALA C 103 10.50 40.23 -29.12
C ALA C 103 11.11 38.86 -28.75
N GLU C 104 11.59 38.15 -29.78
CA GLU C 104 12.29 36.84 -29.66
C GLU C 104 13.51 36.97 -28.75
N LEU C 105 14.57 37.65 -29.24
CA LEU C 105 15.94 37.50 -28.67
C LEU C 105 15.97 37.61 -27.14
N ARG C 106 14.90 38.15 -26.53
CA ARG C 106 14.58 37.98 -25.09
C ARG C 106 14.50 36.48 -24.75
N HIS C 107 13.61 35.77 -25.45
CA HIS C 107 13.24 34.35 -25.23
C HIS C 107 14.37 33.39 -25.64
N VAL C 108 15.46 33.92 -26.21
CA VAL C 108 16.67 33.12 -26.47
C VAL C 108 17.64 33.30 -25.31
N MET C 109 18.07 34.55 -25.08
CA MET C 109 19.18 34.89 -24.20
C MET C 109 18.88 34.44 -22.75
N THR C 110 17.59 34.42 -22.40
CA THR C 110 17.09 34.24 -21.02
C THR C 110 16.57 32.82 -20.76
N ASN C 111 16.56 31.96 -21.80
CA ASN C 111 15.98 30.63 -21.71
C ASN C 111 16.99 29.57 -22.14
N LEU C 112 18.28 29.89 -22.17
CA LEU C 112 19.28 29.00 -22.75
C LEU C 112 20.67 29.48 -22.32
N GLY C 113 21.59 28.54 -22.05
CA GLY C 113 22.99 28.86 -21.76
C GLY C 113 23.15 29.59 -20.44
N GLU C 114 24.14 30.47 -20.38
CA GLU C 114 24.33 31.32 -19.16
C GLU C 114 23.29 32.42 -19.34
N LYS C 115 22.06 32.11 -18.94
CA LYS C 115 20.87 32.96 -19.19
C LYS C 115 21.09 34.38 -18.69
N LEU C 116 20.70 35.35 -19.52
CA LEU C 116 20.78 36.79 -19.18
C LEU C 116 19.65 37.13 -18.21
N THR C 117 19.90 38.15 -17.39
CA THR C 117 18.91 38.70 -16.43
C THR C 117 17.97 39.63 -17.21
N ASP C 118 16.85 40.03 -16.61
CA ASP C 118 15.90 40.91 -17.34
C ASP C 118 16.60 42.23 -17.68
N GLU C 119 17.40 42.79 -16.76
CA GLU C 119 18.09 44.07 -17.03
C GLU C 119 19.05 43.87 -18.21
N GLU C 120 19.80 42.78 -18.21
CA GLU C 120 20.78 42.51 -19.30
C GLU C 120 20.04 42.39 -20.64
N VAL C 121 18.91 41.68 -20.63
CA VAL C 121 18.13 41.48 -21.89
C VAL C 121 17.63 42.84 -22.40
N ASP C 122 17.11 43.67 -21.50
CA ASP C 122 16.57 44.99 -21.90
C ASP C 122 17.72 45.84 -22.45
N GLU C 123 18.86 45.80 -21.76
CA GLU C 123 20.08 46.60 -22.13
C GLU C 123 20.59 46.24 -23.55
N MET C 124 20.47 44.97 -23.93
CA MET C 124 20.93 44.43 -25.24
C MET C 124 20.03 44.93 -26.39
N ILE C 125 18.71 44.96 -26.17
CA ILE C 125 17.65 45.23 -27.23
C ILE C 125 17.82 46.63 -27.83
N ARG C 126 18.37 47.54 -27.02
CA ARG C 126 18.78 48.88 -27.42
C ARG C 126 19.73 48.77 -28.63
N GLU C 127 20.92 48.20 -28.40
CA GLU C 127 22.10 48.34 -29.28
C GLU C 127 22.00 47.37 -30.48
N GLY C 134 10.68 47.75 -34.65
CA GLY C 134 10.19 46.41 -34.88
C GLY C 134 11.26 45.36 -34.69
N GLN C 135 12.30 45.39 -35.54
CA GLN C 135 13.33 44.32 -35.69
C GLN C 135 14.76 44.92 -35.54
N VAL C 136 15.78 44.08 -35.29
CA VAL C 136 17.23 44.51 -35.30
C VAL C 136 18.13 43.39 -35.89
N ASN C 137 19.03 43.81 -36.79
CA ASN C 137 19.93 42.95 -37.57
C ASN C 137 21.24 42.75 -36.82
N TYR C 138 21.87 41.60 -37.10
CA TYR C 138 23.01 41.07 -36.35
C TYR C 138 24.35 41.49 -36.97
N GLU C 139 24.41 41.48 -38.31
CA GLU C 139 25.64 41.76 -38.99
C GLU C 139 26.13 43.13 -38.49
N GLU C 140 25.23 44.12 -38.35
CA GLU C 140 25.62 45.47 -37.84
C GLU C 140 26.08 45.45 -36.37
N PHE C 141 25.40 44.64 -35.54
CA PHE C 141 25.63 44.61 -34.06
C PHE C 141 27.08 44.25 -33.71
N VAL C 142 27.68 43.33 -34.47
CA VAL C 142 29.09 42.90 -34.24
C VAL C 142 30.01 44.07 -34.58
N GLN C 143 29.68 44.83 -35.63
CA GLN C 143 30.51 45.98 -36.05
C GLN C 143 30.60 46.99 -34.90
N MET C 144 29.55 47.08 -34.08
CA MET C 144 29.54 48.04 -32.94
C MET C 144 30.64 47.63 -31.96
N MET C 145 30.80 46.33 -31.74
CA MET C 145 31.85 45.81 -30.80
C MET C 145 32.86 44.99 -31.59
N ALA D 1 -54.65 -26.27 -6.37
CA ALA D 1 -55.19 -25.74 -7.68
C ALA D 1 -54.30 -24.59 -8.20
N ASP D 2 -52.98 -24.86 -8.34
CA ASP D 2 -51.98 -23.88 -8.89
C ASP D 2 -51.52 -24.26 -10.31
N GLN D 3 -52.17 -23.56 -11.25
CA GLN D 3 -51.72 -23.25 -12.61
C GLN D 3 -50.65 -22.15 -12.62
N LEU D 4 -50.25 -21.61 -11.46
CA LEU D 4 -49.18 -20.61 -11.42
C LEU D 4 -47.89 -21.28 -11.88
N THR D 5 -47.06 -20.56 -12.64
CA THR D 5 -45.71 -21.05 -12.99
C THR D 5 -44.72 -20.84 -11.82
N GLU D 6 -43.60 -21.56 -11.89
CA GLU D 6 -42.52 -21.40 -10.93
C GLU D 6 -42.01 -19.96 -10.86
N GLU D 7 -41.89 -19.32 -12.03
CA GLU D 7 -41.50 -17.92 -12.18
C GLU D 7 -42.52 -17.02 -11.46
N GLN D 8 -43.80 -17.28 -11.66
CA GLN D 8 -44.82 -16.51 -10.96
C GLN D 8 -44.62 -16.67 -9.45
N ILE D 9 -44.41 -17.91 -9.00
CA ILE D 9 -44.32 -18.17 -7.57
C ILE D 9 -43.07 -17.48 -7.04
N ALA D 10 -42.02 -17.39 -7.84
CA ALA D 10 -40.77 -16.90 -7.34
C ALA D 10 -40.88 -15.40 -7.08
N GLU D 11 -41.54 -14.69 -8.01
CA GLU D 11 -41.80 -13.22 -8.01
C GLU D 11 -42.77 -12.89 -6.87
N PHE D 12 -43.84 -13.71 -6.73
CA PHE D 12 -44.89 -13.46 -5.73
C PHE D 12 -44.29 -13.70 -4.35
N LYS D 13 -43.42 -14.71 -4.27
CA LYS D 13 -42.76 -15.06 -3.02
C LYS D 13 -41.83 -13.94 -2.59
N GLU D 14 -41.08 -13.36 -3.52
CA GLU D 14 -40.13 -12.34 -3.12
C GLU D 14 -40.89 -11.06 -2.68
N ALA D 15 -42.01 -10.76 -3.33
CA ALA D 15 -42.79 -9.57 -3.07
C ALA D 15 -43.49 -9.71 -1.72
N PHE D 16 -44.15 -10.85 -1.49
CA PHE D 16 -44.64 -11.15 -0.17
C PHE D 16 -43.51 -10.91 0.88
N SER D 17 -42.28 -11.39 0.66
CA SER D 17 -41.24 -11.32 1.70
C SER D 17 -40.85 -9.87 1.97
N LEU D 18 -40.74 -9.15 0.85
CA LEU D 18 -40.31 -7.79 0.96
C LEU D 18 -41.33 -6.99 1.80
N PHE D 19 -42.62 -7.31 1.69
CA PHE D 19 -43.66 -6.47 2.30
C PHE D 19 -44.07 -6.98 3.69
N ASP D 20 -43.45 -8.09 4.13
CA ASP D 20 -43.60 -8.68 5.46
C ASP D 20 -42.56 -7.98 6.33
N LYS D 21 -42.97 -6.85 6.89
CA LYS D 21 -42.07 -5.94 7.54
C LYS D 21 -41.55 -6.49 8.88
N ASP D 22 -42.27 -7.39 9.59
CA ASP D 22 -41.87 -7.90 10.98
C ASP D 22 -41.32 -9.33 10.90
N GLY D 23 -41.23 -9.84 9.66
CA GLY D 23 -40.64 -11.14 9.32
C GLY D 23 -41.46 -12.32 9.82
N ASP D 24 -42.78 -12.17 10.05
CA ASP D 24 -43.53 -13.21 10.79
C ASP D 24 -44.18 -14.15 9.78
N GLY D 25 -43.97 -13.92 8.50
CA GLY D 25 -44.44 -14.81 7.42
C GLY D 25 -45.83 -14.47 6.93
N THR D 26 -46.33 -13.27 7.32
CA THR D 26 -47.60 -12.73 6.91
C THR D 26 -47.48 -11.24 6.52
N ILE D 27 -48.53 -10.71 5.86
CA ILE D 27 -48.65 -9.27 5.54
C ILE D 27 -50.03 -8.76 5.93
N THR D 28 -50.02 -7.49 6.34
CA THR D 28 -51.16 -6.69 6.79
C THR D 28 -51.97 -6.35 5.54
N THR D 29 -53.27 -6.20 5.72
CA THR D 29 -54.17 -5.76 4.61
C THR D 29 -53.80 -4.34 4.11
N LYS D 30 -53.14 -3.56 4.96
CA LYS D 30 -52.47 -2.28 4.69
C LYS D 30 -51.50 -2.37 3.50
N GLU D 31 -50.68 -3.43 3.49
CA GLU D 31 -49.64 -3.64 2.46
C GLU D 31 -50.23 -4.32 1.21
N LEU D 32 -51.45 -4.86 1.29
CA LEU D 32 -51.93 -5.75 0.25
C LEU D 32 -52.00 -5.02 -1.11
N GLY D 33 -52.52 -3.78 -1.07
CA GLY D 33 -52.78 -2.97 -2.27
C GLY D 33 -51.49 -2.62 -2.97
N THR D 34 -50.49 -2.25 -2.18
CA THR D 34 -49.23 -1.83 -2.69
C THR D 34 -48.53 -3.06 -3.25
N VAL D 35 -48.51 -4.16 -2.50
CA VAL D 35 -47.80 -5.36 -3.01
C VAL D 35 -48.42 -5.80 -4.34
N MET D 36 -49.74 -5.66 -4.48
CA MET D 36 -50.41 -6.09 -5.72
C MET D 36 -50.10 -5.16 -6.90
N ARG D 37 -49.93 -3.86 -6.61
CA ARG D 37 -49.50 -2.90 -7.59
C ARG D 37 -48.13 -3.32 -8.10
N SER D 38 -47.22 -3.69 -7.17
CA SER D 38 -45.89 -4.07 -7.54
C SER D 38 -45.94 -5.26 -8.50
N LEU D 39 -47.03 -6.03 -8.47
CA LEU D 39 -47.09 -7.22 -9.31
C LEU D 39 -47.94 -7.00 -10.57
N GLY D 40 -48.41 -5.78 -10.82
CA GLY D 40 -49.05 -5.48 -12.09
C GLY D 40 -50.51 -5.89 -12.11
N GLN D 41 -50.99 -6.33 -10.96
CA GLN D 41 -52.38 -6.54 -10.72
C GLN D 41 -52.87 -5.48 -9.72
N ASN D 42 -52.86 -4.20 -10.09
CA ASN D 42 -53.35 -3.19 -9.13
C ASN D 42 -54.89 -3.20 -9.09
N PRO D 43 -55.53 -3.41 -7.91
CA PRO D 43 -56.98 -3.54 -7.84
C PRO D 43 -57.69 -2.22 -7.54
N THR D 44 -58.98 -2.17 -7.83
CA THR D 44 -59.82 -1.04 -7.43
C THR D 44 -60.08 -1.12 -5.92
N GLU D 45 -60.70 -0.08 -5.39
CA GLU D 45 -60.97 0.00 -3.95
C GLU D 45 -61.93 -1.13 -3.55
N ALA D 46 -63.00 -1.28 -4.36
CA ALA D 46 -64.01 -2.37 -4.27
C ALA D 46 -63.32 -3.74 -4.20
N GLU D 47 -62.55 -4.10 -5.25
CA GLU D 47 -61.74 -5.35 -5.31
C GLU D 47 -60.88 -5.52 -4.05
N LEU D 48 -60.31 -4.40 -3.58
CA LEU D 48 -59.46 -4.36 -2.40
C LEU D 48 -60.30 -4.63 -1.16
N GLN D 49 -61.36 -3.85 -0.95
CA GLN D 49 -62.19 -4.13 0.18
C GLN D 49 -62.57 -5.65 0.21
N ASP D 50 -62.89 -6.23 -0.99
CA ASP D 50 -63.40 -7.64 -1.14
C ASP D 50 -62.48 -8.63 -0.40
N MET D 51 -61.18 -8.50 -0.63
CA MET D 51 -60.20 -9.43 -0.07
C MET D 51 -59.88 -9.11 1.41
N ILE D 52 -60.07 -7.84 1.82
CA ILE D 52 -59.65 -7.22 3.14
C ILE D 52 -60.69 -7.48 4.24
N ASN D 53 -61.97 -7.33 3.88
CA ASN D 53 -63.11 -7.57 4.76
C ASN D 53 -63.35 -9.08 4.90
N GLU D 54 -62.81 -9.84 3.94
CA GLU D 54 -62.79 -11.32 3.90
C GLU D 54 -61.45 -11.87 4.44
N VAL D 55 -60.82 -11.11 5.37
CA VAL D 55 -59.63 -11.53 6.15
C VAL D 55 -59.85 -11.10 7.61
N ASP D 56 -61.12 -10.93 7.99
CA ASP D 56 -61.56 -10.47 9.33
C ASP D 56 -62.79 -11.26 9.81
N ALA D 57 -63.46 -12.00 8.90
CA ALA D 57 -64.25 -13.19 9.26
C ALA D 57 -63.28 -14.34 9.64
N ASP D 58 -61.98 -14.17 9.28
CA ASP D 58 -60.79 -14.82 9.91
C ASP D 58 -60.73 -14.42 11.40
N GLY D 59 -60.51 -13.11 11.63
CA GLY D 59 -60.32 -12.51 12.97
C GLY D 59 -58.86 -12.22 13.25
N ASN D 60 -58.00 -12.41 12.22
CA ASN D 60 -56.51 -12.50 12.31
C ASN D 60 -55.83 -11.22 11.73
N GLY D 61 -56.37 -10.67 10.63
CA GLY D 61 -55.91 -9.37 9.98
C GLY D 61 -54.61 -9.49 9.18
N THR D 62 -54.02 -10.69 9.21
CA THR D 62 -52.77 -11.00 8.56
C THR D 62 -53.08 -12.08 7.53
N ILE D 63 -52.40 -12.00 6.38
CA ILE D 63 -52.50 -12.95 5.28
C ILE D 63 -51.18 -13.73 5.24
N ASP D 64 -51.25 -15.07 5.25
CA ASP D 64 -50.02 -15.93 5.02
C ASP D 64 -49.77 -16.06 3.52
N PHE D 65 -48.71 -16.81 3.16
CA PHE D 65 -48.21 -16.84 1.81
C PHE D 65 -49.07 -17.77 0.95
N PRO D 66 -49.52 -18.93 1.45
CA PRO D 66 -50.49 -19.74 0.70
C PRO D 66 -51.81 -19.03 0.39
N GLU D 67 -52.37 -18.30 1.38
CA GLU D 67 -53.59 -17.51 1.23
C GLU D 67 -53.31 -16.52 0.07
N PHE D 68 -52.15 -15.86 0.12
CA PHE D 68 -51.77 -14.87 -0.89
C PHE D 68 -51.83 -15.49 -2.29
N LEU D 69 -51.21 -16.66 -2.48
CA LEU D 69 -51.17 -17.29 -3.78
C LEU D 69 -52.59 -17.55 -4.28
N THR D 70 -53.52 -17.89 -3.37
CA THR D 70 -54.90 -18.05 -3.81
C THR D 70 -55.47 -16.66 -4.19
N MET D 71 -55.25 -15.60 -3.41
CA MET D 71 -55.87 -14.30 -3.83
C MET D 71 -55.31 -13.91 -5.21
N MET D 72 -54.00 -14.12 -5.36
CA MET D 72 -53.30 -13.73 -6.61
C MET D 72 -53.91 -14.48 -7.79
N ALA D 73 -54.23 -15.77 -7.64
CA ALA D 73 -54.79 -16.59 -8.75
C ALA D 73 -56.14 -16.03 -9.22
N ARG D 74 -57.00 -15.62 -8.30
CA ARG D 74 -58.32 -15.05 -8.67
C ARG D 74 -58.07 -13.77 -9.46
N LYS D 75 -57.13 -12.95 -8.98
CA LYS D 75 -56.82 -11.70 -9.71
C LYS D 75 -56.28 -12.03 -11.10
N MET D 76 -55.44 -13.07 -11.24
CA MET D 76 -54.87 -13.45 -12.56
C MET D 76 -56.03 -13.80 -13.50
N LYS D 77 -56.98 -14.57 -13.00
CA LYS D 77 -58.14 -15.03 -13.83
C LYS D 77 -58.92 -13.82 -14.33
N ASP D 78 -59.12 -12.80 -13.50
CA ASP D 78 -59.91 -11.62 -13.98
C ASP D 78 -59.24 -10.89 -15.17
N THR D 79 -57.93 -10.66 -15.10
CA THR D 79 -57.14 -9.91 -16.06
C THR D 79 -57.47 -10.44 -17.47
N ASP D 80 -57.89 -9.50 -18.33
CA ASP D 80 -57.96 -9.67 -19.76
C ASP D 80 -56.55 -10.01 -20.25
N SER D 81 -56.31 -11.29 -20.56
CA SER D 81 -54.98 -11.80 -20.97
C SER D 81 -54.74 -11.57 -22.47
N GLU D 82 -55.83 -11.49 -23.25
CA GLU D 82 -55.76 -11.25 -24.68
C GLU D 82 -55.20 -9.83 -24.91
N GLU D 83 -55.57 -8.86 -24.05
CA GLU D 83 -55.18 -7.44 -24.24
C GLU D 83 -53.79 -7.13 -23.63
N GLU D 84 -53.42 -7.82 -22.55
CA GLU D 84 -52.11 -7.67 -21.92
C GLU D 84 -50.95 -8.08 -22.85
N ILE D 85 -51.11 -9.19 -23.58
CA ILE D 85 -50.10 -9.63 -24.53
C ILE D 85 -50.02 -8.60 -25.67
N ALA D 86 -51.15 -7.94 -25.99
CA ALA D 86 -51.15 -6.94 -27.04
C ALA D 86 -50.44 -5.67 -26.55
N GLU D 87 -50.77 -5.18 -25.35
CA GLU D 87 -50.14 -3.93 -24.80
C GLU D 87 -48.61 -4.08 -24.71
N ALA D 88 -48.14 -5.30 -24.42
CA ALA D 88 -46.74 -5.60 -24.27
C ALA D 88 -46.01 -5.52 -25.63
N PHE D 89 -46.61 -6.16 -26.64
CA PHE D 89 -46.06 -6.18 -28.02
C PHE D 89 -46.05 -4.75 -28.59
N ARG D 90 -47.09 -3.98 -28.28
CA ARG D 90 -47.29 -2.60 -28.80
C ARG D 90 -46.16 -1.65 -28.37
N VAL D 91 -45.57 -1.88 -27.20
CA VAL D 91 -44.46 -1.02 -26.69
C VAL D 91 -43.30 -1.05 -27.68
N PHE D 92 -43.13 -2.14 -28.42
CA PHE D 92 -41.96 -2.26 -29.31
C PHE D 92 -42.27 -1.81 -30.74
N ASP D 93 -43.56 -1.57 -31.03
CA ASP D 93 -43.97 -1.02 -32.30
C ASP D 93 -43.80 0.50 -32.19
N LYS D 94 -42.71 0.98 -32.82
CA LYS D 94 -42.19 2.36 -32.79
C LYS D 94 -43.15 3.31 -33.54
N ASP D 95 -43.51 2.92 -34.77
CA ASP D 95 -44.71 3.41 -35.50
C ASP D 95 -45.96 2.82 -34.84
N GLY D 96 -47.11 2.84 -35.49
CA GLY D 96 -48.30 2.20 -34.93
C GLY D 96 -48.82 1.06 -35.78
N ASN D 97 -47.91 0.36 -36.49
CA ASN D 97 -48.27 -0.43 -37.70
C ASN D 97 -48.14 -1.95 -37.49
N GLY D 98 -48.27 -2.41 -36.24
CA GLY D 98 -48.54 -3.82 -35.93
C GLY D 98 -47.43 -4.76 -36.36
N TYR D 99 -46.22 -4.21 -36.55
CA TYR D 99 -45.02 -4.93 -36.97
C TYR D 99 -43.83 -4.53 -36.07
N ILE D 100 -42.86 -5.45 -35.95
CA ILE D 100 -41.60 -5.32 -35.17
C ILE D 100 -40.47 -6.04 -35.92
N SER D 101 -39.22 -5.60 -35.73
CA SER D 101 -38.10 -6.37 -36.31
C SER D 101 -38.02 -7.74 -35.64
N ALA D 102 -37.72 -8.79 -36.43
CA ALA D 102 -37.34 -10.11 -35.90
C ALA D 102 -36.20 -9.90 -34.89
N ALA D 103 -35.28 -9.01 -35.29
CA ALA D 103 -34.03 -8.66 -34.59
C ALA D 103 -34.35 -8.14 -33.18
N GLU D 104 -35.07 -7.01 -33.09
CA GLU D 104 -35.40 -6.43 -31.79
C GLU D 104 -35.96 -7.52 -30.86
N LEU D 105 -36.71 -8.48 -31.43
CA LEU D 105 -37.29 -9.54 -30.64
C LEU D 105 -36.23 -10.53 -30.09
N ARG D 106 -35.29 -11.00 -30.93
CA ARG D 106 -34.14 -11.82 -30.43
C ARG D 106 -33.46 -11.14 -29.23
N HIS D 107 -32.98 -9.92 -29.50
CA HIS D 107 -32.18 -9.06 -28.61
C HIS D 107 -32.90 -8.96 -27.25
N VAL D 108 -34.17 -8.55 -27.31
CA VAL D 108 -35.02 -8.18 -26.17
C VAL D 108 -35.38 -9.42 -25.35
N MET D 109 -35.59 -10.55 -26.04
CA MET D 109 -36.07 -11.80 -25.41
C MET D 109 -34.91 -12.56 -24.70
N THR D 110 -33.64 -12.20 -24.97
CA THR D 110 -32.49 -12.80 -24.23
C THR D 110 -31.82 -11.79 -23.27
N ASN D 111 -31.81 -10.50 -23.63
CA ASN D 111 -31.22 -9.45 -22.80
C ASN D 111 -32.09 -9.16 -21.56
N LEU D 112 -33.43 -9.24 -21.68
CA LEU D 112 -34.32 -8.66 -20.65
C LEU D 112 -35.12 -9.72 -19.88
N GLY D 113 -35.30 -9.44 -18.59
CA GLY D 113 -36.31 -10.12 -17.76
C GLY D 113 -36.10 -11.63 -17.67
N GLU D 114 -37.21 -12.37 -17.67
CA GLU D 114 -37.19 -13.81 -17.52
C GLU D 114 -36.65 -14.41 -18.83
N LYS D 115 -35.37 -14.08 -19.09
CA LYS D 115 -34.72 -14.14 -20.39
C LYS D 115 -34.70 -15.57 -20.91
N LEU D 116 -34.77 -15.72 -22.24
CA LEU D 116 -34.91 -17.01 -22.92
C LEU D 116 -33.54 -17.62 -23.30
N THR D 117 -33.54 -18.96 -23.37
CA THR D 117 -32.44 -19.80 -23.95
C THR D 117 -32.48 -19.70 -25.48
N ASP D 118 -31.48 -20.26 -26.14
CA ASP D 118 -31.44 -20.21 -27.61
C ASP D 118 -32.27 -21.35 -28.22
N GLU D 119 -32.70 -22.32 -27.39
CA GLU D 119 -33.69 -23.37 -27.78
C GLU D 119 -35.11 -22.78 -27.88
N GLU D 120 -35.36 -21.74 -27.08
CA GLU D 120 -36.65 -21.08 -26.99
C GLU D 120 -36.76 -19.94 -28.02
N VAL D 121 -35.69 -19.12 -28.15
CA VAL D 121 -35.69 -17.94 -29.02
C VAL D 121 -35.68 -18.37 -30.49
N ASP D 122 -34.81 -19.35 -30.79
CA ASP D 122 -34.72 -20.01 -32.09
C ASP D 122 -36.13 -20.37 -32.55
N GLU D 123 -36.83 -21.16 -31.72
CA GLU D 123 -38.20 -21.65 -31.99
C GLU D 123 -39.23 -20.50 -32.03
N MET D 124 -39.00 -19.44 -31.26
CA MET D 124 -39.89 -18.27 -31.23
C MET D 124 -39.91 -17.55 -32.58
N ILE D 125 -38.72 -17.30 -33.16
CA ILE D 125 -38.65 -16.62 -34.48
C ILE D 125 -39.26 -17.52 -35.55
N ARG D 126 -39.26 -18.84 -35.35
CA ARG D 126 -39.84 -19.76 -36.35
C ARG D 126 -41.34 -19.49 -36.49
N GLU D 127 -42.05 -19.35 -35.37
CA GLU D 127 -43.52 -19.12 -35.39
C GLU D 127 -43.81 -17.78 -36.06
N ALA D 128 -42.99 -16.76 -35.77
CA ALA D 128 -43.18 -15.42 -36.37
C ALA D 128 -42.59 -15.40 -37.79
N ASP D 131 -43.21 -16.34 -43.10
CA ASP D 131 -42.55 -15.20 -43.81
C ASP D 131 -41.03 -15.36 -43.69
N GLY D 132 -40.50 -15.23 -42.47
CA GLY D 132 -39.06 -15.35 -42.22
C GLY D 132 -38.24 -14.38 -43.05
N ASP D 133 -38.71 -13.14 -43.19
CA ASP D 133 -37.94 -12.13 -43.98
C ASP D 133 -37.61 -10.90 -43.13
N GLY D 134 -37.55 -11.08 -41.80
CA GLY D 134 -37.11 -10.02 -40.89
C GLY D 134 -38.23 -9.31 -40.13
N GLN D 135 -39.47 -9.40 -40.63
CA GLN D 135 -40.64 -8.63 -40.16
C GLN D 135 -41.58 -9.54 -39.35
N VAL D 136 -42.26 -8.99 -38.34
CA VAL D 136 -43.09 -9.78 -37.39
C VAL D 136 -44.44 -9.08 -37.16
N ASN D 137 -45.47 -9.53 -37.87
CA ASN D 137 -46.85 -9.16 -37.58
C ASN D 137 -47.20 -9.82 -36.23
N TYR D 138 -47.42 -9.01 -35.21
CA TYR D 138 -47.54 -9.55 -33.85
C TYR D 138 -49.00 -9.87 -33.55
N GLU D 139 -49.92 -9.04 -34.06
CA GLU D 139 -51.34 -9.35 -33.96
C GLU D 139 -51.59 -10.77 -34.53
N GLU D 140 -50.86 -11.08 -35.62
CA GLU D 140 -50.88 -12.37 -36.32
C GLU D 140 -50.24 -13.49 -35.47
N PHE D 141 -49.13 -13.20 -34.79
CA PHE D 141 -48.41 -14.21 -34.01
C PHE D 141 -49.23 -14.57 -32.74
N VAL D 142 -49.90 -13.59 -32.12
CA VAL D 142 -50.80 -13.80 -30.93
C VAL D 142 -51.85 -14.89 -31.21
N GLN D 143 -52.57 -14.74 -32.34
CA GLN D 143 -53.81 -15.47 -32.64
C GLN D 143 -53.56 -16.98 -32.83
N MET D 144 -52.34 -17.34 -33.25
CA MET D 144 -51.96 -18.75 -33.53
C MET D 144 -51.79 -19.52 -32.21
N MET D 145 -51.41 -18.81 -31.14
CA MET D 145 -51.20 -19.41 -29.83
C MET D 145 -52.50 -19.37 -29.03
N THR D 146 -53.25 -18.28 -29.15
CA THR D 146 -54.57 -18.12 -28.52
C THR D 146 -55.56 -19.16 -29.16
N ALA D 147 -55.52 -19.37 -30.48
CA ALA D 147 -56.35 -20.40 -31.19
C ALA D 147 -55.50 -21.65 -31.47
CA CA E . 43.56 12.94 19.89
CA CA F . 40.73 16.37 20.08
P1 POP G . 43.47 18.23 21.15
O1 POP G . 44.92 18.21 20.80
O2 POP G . 42.52 17.73 20.07
O3 POP G . 43.06 19.60 21.64
O POP G . 43.70 17.13 22.37
P2 POP G . 43.28 15.55 22.36
O4 POP G . 43.52 15.04 23.79
O5 POP G . 44.02 14.67 21.32
O6 POP G . 41.84 15.85 22.01
P AMP H . 17.94 -0.51 16.70
O1P AMP H . 19.30 -1.16 16.85
O2P AMP H . 16.91 -0.87 17.76
O3P AMP H . 17.39 -0.65 15.30
O5' AMP H . 18.17 1.07 17.08
C5' AMP H . 17.17 2.09 17.06
C4' AMP H . 17.27 2.91 15.75
O4' AMP H . 18.63 3.32 15.49
C3' AMP H . 16.80 2.18 14.49
O3' AMP H . 15.78 2.99 13.88
C2' AMP H . 18.08 1.90 13.66
O2' AMP H . 17.97 1.95 12.22
C1' AMP H . 19.15 2.88 14.21
N9 AMP H . 20.58 2.36 14.39
C8 AMP H . 20.98 1.11 14.82
N7 AMP H . 22.34 1.00 14.88
C5 AMP H . 22.87 2.22 14.49
C6 AMP H . 24.26 2.85 14.31
N6 AMP H . 25.39 2.14 14.55
N1 AMP H . 24.37 4.14 13.86
C2 AMP H . 23.25 4.89 13.56
N3 AMP H . 21.96 4.41 13.71
C4 AMP H . 21.70 3.11 14.17
CA CA I . -26.76 -32.58 24.13
CA CA J . -25.22 -34.30 20.50
P1 POP K . -25.78 -36.08 23.51
O1 POP K . -25.19 -36.96 24.61
O2 POP K . -24.87 -35.64 22.44
O3 POP K . -26.63 -34.96 24.10
O POP K . -26.77 -37.12 22.70
P2 POP K . -27.33 -37.00 21.20
O4 POP K . -26.70 -35.68 20.72
O5 POP K . -26.88 -38.24 20.49
O6 POP K . -28.82 -36.86 21.42
P AMP L . -4.34 -16.82 16.51
O1P AMP L . -3.18 -16.82 17.49
O2P AMP L . -4.50 -18.19 15.82
O3P AMP L . -5.59 -16.30 17.18
O5' AMP L . -3.97 -15.63 15.43
C5' AMP L . -4.12 -15.54 13.98
C4' AMP L . -5.59 -15.32 13.57
O4' AMP L . -6.51 -16.07 14.43
C3' AMP L . -5.97 -13.85 13.68
O3' AMP L . -5.89 -13.13 12.41
C2' AMP L . -7.33 -13.94 14.46
O2' AMP L . -8.37 -13.12 13.88
C1' AMP L . -7.77 -15.42 14.68
N9 AMP L . -8.58 -15.77 15.98
C8 AMP L . -8.29 -15.37 17.28
N7 AMP L . -9.24 -15.78 18.20
C5 AMP L . -10.25 -16.45 17.52
C6 AMP L . -11.60 -17.17 17.86
N6 AMP L . -12.06 -17.25 19.14
N1 AMP L . -12.34 -17.79 16.86
C2 AMP L . -11.92 -17.75 15.55
N3 AMP L . -10.73 -17.12 15.18
C4 AMP L . -9.82 -16.46 16.06
CA CA M . 45.14 11.91 -14.16
CA CA N . -45.57 -9.62 8.86
#